data_5DDW
#
_entry.id   5DDW
#
_cell.length_a   83.788
_cell.length_b   83.687
_cell.length_c   88.052
_cell.angle_alpha   106.630
_cell.angle_beta   109.090
_cell.angle_gamma   95.070
#
_symmetry.space_group_name_H-M   'P 1'
#
loop_
_entity.id
_entity.type
_entity.pdbx_description
1 polymer CrmG
2 non-polymer "[5-hydroxy-4-({(E)-[(4-hydroxy-2,2'-bipyridin-6-yl)methylidene]amino}methyl)-6-methylpyridin-3-yl]methyl dihydrogen phosphate"
3 non-polymer GLYCEROL
4 water water
#
_entity_poly.entity_id   1
_entity_poly.type   'polypeptide(L)'
_entity_poly.pdbx_seq_one_letter_code
;MTHPSGEPVYADAVLNGWLTSMGLGVEYVRAEGNTVYYLDDEGREVPVLDHACGFGSLIFGHNHPEIIAHAKAALDAGTV
VHAQLSRQPRANQISRILNDIMRRETGRDDRYNAIFANSGAEANEICMKHAELERQERITALFAEIDAELDTAREALTTG
TATLDTASLPLVGGGAGDVDGVIADIHRHNDERRAERPLFLTLDGSFHGKLVGSIQLTQNEPWRTPFTALSSPARFLPAD
EPELIGKIVEDERRSVLTLSLDKDTVRVVERDFPVVAAIFVEPVRGGSGMKTVTPELAEELHRLRDTLGCPLVVDEVQTG
IGRTGAFFGSALLGIRGDYYTLAKAIGGGIVKNSVALIRQDRFLPAMEVIHSSTFAKDGLSASIALKVLEMVEADGGRVY
QRVRERGQRLEAMLESVRADHSDVVSAVWGTGLMLALELRDQSNATSQAIREKAAHGFLGYVLAGFLLREHHIRVLPAGP
RSGFLRFSPSLYITDEEIDRTETALRSLFTALRDQDGDRLVLS
;
_entity_poly.pdbx_strand_id   A,B,C,D
#
loop_
_chem_comp.id
_chem_comp.type
_chem_comp.name
_chem_comp.formula
5B6 non-polymer '[5-hydroxy-4-({(E)-[(4-hydroxy-2,2'-bipyridin-6-yl)methylidene]amino}methyl)-6-methylpyridin-3-yl]methyl dihydrogen phosphate' 'C19 H19 N4 O6 P'
GOL non-polymer GLYCEROL 'C3 H8 O3'
#
# COMPACT_ATOMS: atom_id res chain seq x y z
N GLY A 6 29.61 -18.02 12.39
CA GLY A 6 30.63 -16.93 12.52
C GLY A 6 31.90 -17.19 11.70
N GLU A 7 31.80 -18.07 10.72
CA GLU A 7 32.93 -18.30 9.79
C GLU A 7 33.04 -17.13 8.78
N PRO A 8 34.25 -16.83 8.33
CA PRO A 8 34.42 -15.85 7.30
C PRO A 8 33.52 -16.09 6.08
N VAL A 9 32.92 -15.02 5.59
CA VAL A 9 32.08 -15.05 4.42
C VAL A 9 32.56 -13.98 3.44
N TYR A 10 32.51 -14.28 2.15
CA TYR A 10 33.18 -13.48 1.16
C TYR A 10 32.22 -12.91 0.06
N ALA A 11 31.00 -13.44 0.02
CA ALA A 11 29.91 -12.82 -0.74
C ALA A 11 28.56 -13.26 -0.16
N ASP A 12 27.56 -12.39 -0.27
CA ASP A 12 26.15 -12.83 -0.33
C ASP A 12 25.56 -13.13 1.04
N ALA A 13 26.23 -12.75 2.12
CA ALA A 13 25.75 -13.12 3.46
C ALA A 13 24.36 -12.57 3.70
N VAL A 14 24.19 -11.28 3.44
CA VAL A 14 22.94 -10.62 3.73
C VAL A 14 21.88 -11.11 2.78
N LEU A 15 22.27 -11.25 1.51
CA LEU A 15 21.35 -11.72 0.50
C LEU A 15 20.83 -13.09 0.88
N ASN A 16 21.74 -14.00 1.22
CA ASN A 16 21.36 -15.37 1.60
C ASN A 16 20.56 -15.42 2.91
N GLY A 17 20.99 -14.63 3.91
CA GLY A 17 20.23 -14.49 5.13
C GLY A 17 18.80 -14.11 4.84
N TRP A 18 18.62 -13.13 3.98
CA TRP A 18 17.29 -12.67 3.64
C TRP A 18 16.46 -13.74 2.88
N LEU A 19 17.06 -14.38 1.88
CA LEU A 19 16.36 -15.46 1.14
C LEU A 19 15.90 -16.61 2.09
N THR A 20 16.78 -17.04 2.99
CA THR A 20 16.43 -18.06 4.00
C THR A 20 15.17 -17.65 4.78
N SER A 21 15.15 -16.44 5.28
CA SER A 21 14.05 -16.00 6.11
C SER A 21 12.73 -15.90 5.30
N MET A 22 12.84 -15.66 3.99
CA MET A 22 11.67 -15.66 3.11
C MET A 22 11.21 -17.08 2.78
N GLY A 23 12.03 -18.07 3.10
CA GLY A 23 11.79 -19.46 2.63
C GLY A 23 12.26 -19.73 1.20
N LEU A 24 13.24 -18.94 0.73
CA LEU A 24 13.75 -19.11 -0.63
C LEU A 24 15.22 -19.49 -0.63
N GLY A 25 15.69 -19.96 0.52
CA GLY A 25 17.06 -20.36 0.69
C GLY A 25 17.26 -21.73 0.14
N VAL A 26 17.39 -21.83 -1.17
CA VAL A 26 17.64 -23.08 -1.82
C VAL A 26 18.75 -22.89 -2.88
N GLU A 27 19.56 -23.92 -3.08
CA GLU A 27 20.51 -23.93 -4.17
C GLU A 27 20.07 -24.88 -5.27
N TYR A 28 19.82 -24.34 -6.46
CA TYR A 28 19.51 -25.14 -7.60
C TYR A 28 20.80 -25.63 -8.27
N VAL A 29 20.86 -26.94 -8.55
CA VAL A 29 22.13 -27.56 -8.94
C VAL A 29 22.12 -27.94 -10.40
N ARG A 30 20.93 -28.00 -10.99
CA ARG A 30 20.78 -28.38 -12.39
C ARG A 30 19.47 -27.82 -12.92
N ALA A 31 19.41 -27.60 -14.21
CA ALA A 31 18.20 -27.05 -14.82
C ALA A 31 18.01 -27.62 -16.21
N GLU A 32 16.77 -27.89 -16.56
CA GLU A 32 16.44 -28.21 -17.91
C GLU A 32 14.98 -27.89 -18.22
N GLY A 33 14.75 -27.24 -19.35
CA GLY A 33 13.41 -26.83 -19.72
C GLY A 33 12.83 -25.86 -18.72
N ASN A 34 11.69 -26.23 -18.15
CA ASN A 34 10.99 -25.39 -17.19
C ASN A 34 11.22 -25.86 -15.78
N THR A 35 12.25 -26.68 -15.60
CA THR A 35 12.51 -27.29 -14.31
C THR A 35 13.90 -26.95 -13.85
N VAL A 36 13.99 -26.53 -12.59
CA VAL A 36 15.26 -26.48 -11.89
C VAL A 36 15.24 -27.50 -10.77
N TYR A 37 16.40 -28.05 -10.44
CA TYR A 37 16.51 -29.12 -9.42
C TYR A 37 17.34 -28.65 -8.23
N TYR A 38 16.84 -28.89 -7.03
CA TYR A 38 17.67 -28.76 -5.83
C TYR A 38 17.87 -30.14 -5.17
N LEU A 39 18.84 -30.22 -4.28
CA LEU A 39 19.08 -31.45 -3.50
C LEU A 39 18.38 -31.39 -2.13
N ASP A 40 17.57 -32.42 -1.83
CA ASP A 40 16.98 -32.56 -0.47
C ASP A 40 18.01 -33.10 0.55
N ASP A 41 17.56 -33.29 1.80
CA ASP A 41 18.44 -33.74 2.91
C ASP A 41 19.23 -35.01 2.52
N GLU A 42 18.59 -35.91 1.78
CA GLU A 42 19.15 -37.23 1.47
C GLU A 42 20.04 -37.19 0.21
N GLY A 43 19.98 -36.06 -0.51
CA GLY A 43 20.90 -35.81 -1.63
C GLY A 43 20.31 -36.16 -3.00
N ARG A 44 19.01 -36.42 -3.05
CA ARG A 44 18.33 -36.64 -4.35
C ARG A 44 17.76 -35.32 -4.96
N GLU A 45 17.58 -35.34 -6.27
CA GLU A 45 17.17 -34.17 -7.00
C GLU A 45 15.67 -33.99 -6.93
N VAL A 46 15.26 -32.81 -6.45
CA VAL A 46 13.86 -32.45 -6.42
C VAL A 46 13.54 -31.48 -7.58
N PRO A 47 12.67 -31.89 -8.51
CA PRO A 47 12.25 -31.01 -9.57
C PRO A 47 11.37 -29.86 -9.06
N VAL A 48 11.70 -28.64 -9.46
CA VAL A 48 10.88 -27.48 -9.16
C VAL A 48 10.51 -26.78 -10.45
N LEU A 49 9.22 -26.47 -10.60
CA LEU A 49 8.74 -25.76 -11.80
C LEU A 49 9.08 -24.26 -11.72
N ASP A 50 9.79 -23.76 -12.73
CA ASP A 50 10.33 -22.39 -12.72
C ASP A 50 9.42 -21.44 -13.51
N HIS A 51 8.71 -20.56 -12.81
CA HIS A 51 7.88 -19.52 -13.45
C HIS A 51 8.62 -18.18 -13.54
N ALA A 52 9.79 -18.11 -12.95
CA ALA A 52 10.59 -16.90 -12.99
C ALA A 52 11.45 -16.87 -14.28
N CYS A 53 12.24 -17.93 -14.48
CA CYS A 53 12.95 -18.15 -15.74
C CYS A 53 13.86 -16.97 -16.10
N GLY A 54 14.76 -16.63 -15.22
CA GLY A 54 15.67 -15.52 -15.44
C GLY A 54 14.94 -14.20 -15.70
N PHE A 55 13.86 -13.96 -14.96
CA PHE A 55 13.04 -12.78 -15.15
C PHE A 55 12.65 -12.62 -16.65
N GLY A 56 12.33 -13.73 -17.29
CA GLY A 56 11.79 -13.69 -18.66
C GLY A 56 12.88 -13.86 -19.70
N SER A 57 14.06 -14.28 -19.26
CA SER A 57 15.16 -14.57 -20.17
C SER A 57 14.97 -15.87 -20.95
N LEU A 58 14.14 -16.75 -20.45
CA LEU A 58 14.17 -18.16 -20.91
C LEU A 58 12.91 -18.54 -21.68
N ILE A 59 12.67 -17.85 -22.77
CA ILE A 59 11.53 -18.11 -23.58
C ILE A 59 11.57 -19.56 -24.13
N PHE A 60 12.79 -20.09 -24.27
CA PHE A 60 12.99 -21.47 -24.74
C PHE A 60 13.42 -22.41 -23.61
N GLY A 61 13.28 -21.95 -22.38
CA GLY A 61 13.61 -22.79 -21.20
C GLY A 61 15.08 -22.80 -20.87
N HIS A 62 15.41 -23.41 -19.75
CA HIS A 62 16.81 -23.59 -19.34
C HIS A 62 17.48 -24.56 -20.28
N ASN A 63 18.67 -24.19 -20.74
CA ASN A 63 19.56 -25.13 -21.39
C ASN A 63 18.83 -25.93 -22.48
N HIS A 64 18.26 -25.21 -23.45
CA HIS A 64 17.62 -25.83 -24.56
C HIS A 64 18.64 -26.56 -25.43
N PRO A 65 18.36 -27.82 -25.75
CA PRO A 65 19.35 -28.67 -26.39
C PRO A 65 19.91 -28.08 -27.69
N GLU A 66 19.04 -27.46 -28.50
CA GLU A 66 19.48 -26.76 -29.72
C GLU A 66 20.50 -25.68 -29.41
N ILE A 67 20.24 -24.89 -28.39
CA ILE A 67 21.11 -23.79 -28.05
C ILE A 67 22.43 -24.34 -27.50
N ILE A 68 22.33 -25.28 -26.60
CA ILE A 68 23.52 -25.96 -26.04
C ILE A 68 24.41 -26.58 -27.15
N ALA A 69 23.77 -27.31 -28.08
CA ALA A 69 24.49 -27.92 -29.18
C ALA A 69 25.18 -26.86 -30.02
N HIS A 70 24.44 -25.81 -30.36
CA HIS A 70 24.99 -24.74 -31.19
C HIS A 70 26.17 -24.05 -30.50
N ALA A 71 26.04 -23.83 -29.20
CA ALA A 71 27.13 -23.28 -28.44
C ALA A 71 28.37 -24.20 -28.53
N LYS A 72 28.18 -25.48 -28.30
CA LYS A 72 29.32 -26.41 -28.29
C LYS A 72 29.97 -26.49 -29.65
N ALA A 73 29.15 -26.41 -30.71
CA ALA A 73 29.70 -26.35 -32.07
C ALA A 73 30.52 -25.09 -32.30
N ALA A 74 29.99 -23.96 -31.89
CA ALA A 74 30.73 -22.69 -32.03
C ALA A 74 32.06 -22.76 -31.31
N LEU A 75 32.05 -23.34 -30.12
CA LEU A 75 33.30 -23.46 -29.31
C LEU A 75 34.33 -24.36 -30.00
N ASP A 76 33.84 -25.45 -30.58
CA ASP A 76 34.68 -26.43 -31.22
C ASP A 76 35.20 -25.94 -32.56
N ALA A 77 34.46 -25.00 -33.19
CA ALA A 77 34.92 -24.42 -34.47
C ALA A 77 36.02 -23.37 -34.29
N GLY A 78 36.32 -23.00 -33.05
CA GLY A 78 37.32 -21.98 -32.80
C GLY A 78 36.81 -20.63 -33.21
N THR A 79 35.52 -20.41 -32.98
CA THR A 79 34.91 -19.10 -33.17
C THR A 79 35.77 -17.97 -32.55
N VAL A 80 35.91 -16.88 -33.29
CA VAL A 80 36.70 -15.73 -32.80
C VAL A 80 35.85 -14.86 -31.88
N VAL A 81 36.05 -15.01 -30.60
CA VAL A 81 35.29 -14.31 -29.63
C VAL A 81 35.80 -12.87 -29.51
N HIS A 82 37.13 -12.71 -29.46
CA HIS A 82 37.75 -11.40 -29.37
C HIS A 82 38.38 -11.01 -30.67
N ALA A 83 37.68 -10.20 -31.41
CA ALA A 83 38.12 -9.78 -32.72
C ALA A 83 37.90 -8.25 -32.85
N GLN A 84 38.21 -7.52 -31.78
CA GLN A 84 37.90 -6.11 -31.72
C GLN A 84 38.60 -5.38 -32.83
N LEU A 85 37.92 -4.41 -33.42
CA LEU A 85 38.47 -3.57 -34.50
C LEU A 85 38.92 -4.42 -35.66
N SER A 86 38.04 -5.34 -36.05
CA SER A 86 38.15 -6.03 -37.34
C SER A 86 36.74 -6.24 -37.86
N ARG A 87 36.62 -6.77 -39.08
CA ARG A 87 35.29 -6.95 -39.71
C ARG A 87 34.54 -8.08 -39.06
N GLN A 88 33.30 -7.80 -38.63
CA GLN A 88 32.50 -8.77 -37.93
C GLN A 88 31.10 -8.78 -38.51
N PRO A 89 30.91 -9.49 -39.63
CA PRO A 89 29.67 -9.41 -40.41
C PRO A 89 28.45 -9.84 -39.65
N ARG A 90 28.63 -10.67 -38.64
CA ARG A 90 27.49 -11.25 -37.92
C ARG A 90 26.64 -10.14 -37.29
N ALA A 91 27.28 -9.03 -36.90
CA ALA A 91 26.57 -7.94 -36.31
C ALA A 91 25.60 -7.37 -37.31
N ASN A 92 26.09 -7.10 -38.51
CA ASN A 92 25.23 -6.64 -39.59
C ASN A 92 24.15 -7.66 -39.92
N GLN A 93 24.49 -8.92 -39.78
CA GLN A 93 23.56 -9.99 -40.10
C GLN A 93 22.41 -10.07 -39.08
N ILE A 94 22.75 -10.02 -37.83
CA ILE A 94 21.76 -9.97 -36.77
C ILE A 94 20.82 -8.78 -36.97
N SER A 95 21.39 -7.63 -37.30
CA SER A 95 20.59 -6.40 -37.39
C SER A 95 19.67 -6.45 -38.62
N ARG A 96 20.15 -7.07 -39.68
CA ARG A 96 19.32 -7.27 -40.85
C ARG A 96 18.05 -8.10 -40.49
N ILE A 97 18.24 -9.16 -39.75
CA ILE A 97 17.13 -9.99 -39.35
C ILE A 97 16.16 -9.24 -38.48
N LEU A 98 16.67 -8.52 -37.48
CA LEU A 98 15.81 -7.74 -36.60
C LEU A 98 15.03 -6.67 -37.36
N ASN A 99 15.73 -5.97 -38.26
CA ASN A 99 15.08 -5.02 -39.18
C ASN A 99 13.92 -5.66 -39.99
N ASP A 100 14.15 -6.83 -40.58
CA ASP A 100 13.10 -7.49 -41.39
C ASP A 100 11.90 -7.87 -40.54
N ILE A 101 12.17 -8.45 -39.37
CA ILE A 101 11.11 -8.80 -38.42
C ILE A 101 10.28 -7.58 -38.05
N MET A 102 10.92 -6.48 -37.76
CA MET A 102 10.22 -5.30 -37.33
C MET A 102 9.38 -4.71 -38.49
N ARG A 103 9.86 -4.83 -39.72
CA ARG A 103 9.08 -4.37 -40.87
C ARG A 103 7.82 -5.19 -41.04
N ARG A 104 7.96 -6.48 -40.87
CA ARG A 104 6.88 -7.41 -41.02
C ARG A 104 5.78 -7.13 -40.02
N GLU A 105 6.17 -6.76 -38.80
CA GLU A 105 5.23 -6.72 -37.68
C GLU A 105 4.61 -5.33 -37.51
N THR A 106 5.27 -4.30 -38.01
CA THR A 106 4.74 -2.91 -37.89
C THR A 106 4.16 -2.35 -39.21
N GLY A 107 4.45 -3.04 -40.32
CA GLY A 107 4.15 -2.51 -41.64
C GLY A 107 5.00 -1.31 -42.06
N ARG A 108 5.89 -0.85 -41.19
CA ARG A 108 6.74 0.29 -41.52
C ARG A 108 8.06 -0.16 -42.14
N ASP A 109 8.49 0.57 -43.15
CA ASP A 109 9.69 0.24 -43.88
C ASP A 109 10.81 1.19 -43.43
N ASP A 110 11.09 1.16 -42.13
CA ASP A 110 12.19 1.93 -41.55
C ASP A 110 13.39 1.06 -41.39
N ARG A 111 14.56 1.68 -41.25
CA ARG A 111 15.78 0.95 -41.10
C ARG A 111 16.48 1.36 -39.80
N TYR A 112 17.14 0.39 -39.16
CA TYR A 112 17.75 0.60 -37.84
C TYR A 112 19.21 0.20 -37.87
N ASN A 113 20.06 1.05 -37.34
CA ASN A 113 21.40 0.67 -37.01
C ASN A 113 21.45 -0.09 -35.69
N ALA A 114 22.37 -1.05 -35.59
CA ALA A 114 22.52 -1.86 -34.39
C ALA A 114 23.86 -1.57 -33.71
N ILE A 115 23.81 -1.26 -32.42
CA ILE A 115 24.97 -1.28 -31.55
C ILE A 115 24.76 -2.31 -30.43
N PHE A 116 25.71 -3.23 -30.28
CA PHE A 116 25.61 -4.32 -29.30
C PHE A 116 26.23 -3.96 -27.96
N ALA A 117 25.72 -4.56 -26.89
CA ALA A 117 26.39 -4.51 -25.61
C ALA A 117 26.20 -5.80 -24.83
N ASN A 118 26.37 -5.74 -23.53
CA ASN A 118 26.51 -6.96 -22.69
C ASN A 118 25.38 -7.15 -21.67
N SER A 119 24.50 -6.16 -21.57
CA SER A 119 23.38 -6.27 -20.68
C SER A 119 22.32 -5.32 -21.12
N GLY A 120 21.11 -5.50 -20.60
CA GLY A 120 20.02 -4.64 -20.93
C GLY A 120 20.24 -3.21 -20.52
N ALA A 121 20.83 -3.03 -19.33
CA ALA A 121 21.19 -1.74 -18.88
C ALA A 121 22.18 -1.06 -19.84
N GLU A 122 23.22 -1.79 -20.26
CA GLU A 122 24.22 -1.22 -21.17
C GLU A 122 23.54 -0.76 -22.49
N ALA A 123 22.54 -1.54 -22.95
CA ALA A 123 21.84 -1.21 -24.22
C ALA A 123 20.96 0.06 -24.07
N ASN A 124 20.30 0.17 -22.94
CA ASN A 124 19.57 1.38 -22.61
C ASN A 124 20.48 2.59 -22.44
N GLU A 125 21.71 2.37 -22.06
CA GLU A 125 22.64 3.49 -21.82
C GLU A 125 23.36 3.93 -23.10
N ILE A 126 23.48 3.01 -24.05
CA ILE A 126 23.80 3.38 -25.41
C ILE A 126 22.73 4.32 -25.97
N CYS A 127 21.47 4.02 -25.68
CA CYS A 127 20.35 4.86 -26.15
C CYS A 127 20.35 6.24 -25.44
N MET A 128 20.64 6.24 -24.14
CA MET A 128 20.78 7.49 -23.38
C MET A 128 21.90 8.34 -23.98
N LYS A 129 23.01 7.71 -24.30
CA LYS A 129 24.16 8.41 -24.89
C LYS A 129 23.84 8.96 -26.27
N HIS A 130 23.26 8.15 -27.14
CA HIS A 130 22.94 8.59 -28.46
C HIS A 130 21.90 9.71 -28.43
N ALA A 131 20.92 9.58 -27.55
CA ALA A 131 19.94 10.65 -27.35
C ALA A 131 20.60 11.98 -27.00
N GLU A 132 21.59 11.93 -26.11
CA GLU A 132 22.29 13.10 -25.72
C GLU A 132 23.21 13.62 -26.82
N LEU A 133 23.68 12.75 -27.70
CA LEU A 133 24.36 13.23 -28.94
C LEU A 133 23.36 14.06 -29.80
N GLU A 134 22.14 13.54 -29.98
CA GLU A 134 21.08 14.27 -30.70
C GLU A 134 20.78 15.60 -30.05
N ARG A 135 20.64 15.59 -28.73
CA ARG A 135 20.34 16.85 -27.99
C ARG A 135 21.49 17.89 -28.17
N GLN A 136 22.73 17.43 -28.15
CA GLN A 136 23.88 18.32 -28.41
C GLN A 136 23.93 18.89 -29.84
N GLU A 137 23.56 18.10 -30.84
CA GLU A 137 23.31 18.64 -32.21
C GLU A 137 22.29 19.79 -32.18
N ARG A 138 21.12 19.52 -31.57
CA ARG A 138 20.03 20.50 -31.50
C ARG A 138 20.52 21.74 -30.81
N ILE A 139 21.27 21.55 -29.74
CA ILE A 139 21.78 22.64 -28.97
C ILE A 139 22.79 23.50 -29.77
N THR A 140 23.71 22.84 -30.47
CA THR A 140 24.67 23.56 -31.33
C THR A 140 23.95 24.46 -32.36
N ALA A 141 22.89 23.93 -32.95
CA ALA A 141 22.15 24.64 -33.98
C ALA A 141 21.43 25.85 -33.41
N LEU A 142 20.68 25.64 -32.34
CA LEU A 142 19.98 26.73 -31.64
C LEU A 142 20.96 27.88 -31.26
N PHE A 143 22.14 27.52 -30.72
CA PHE A 143 23.12 28.51 -30.25
C PHE A 143 23.87 29.21 -31.41
N ALA A 144 24.11 28.49 -32.49
CA ALA A 144 24.54 29.13 -33.76
C ALA A 144 23.54 30.20 -34.23
N GLU A 145 22.27 29.89 -34.06
CA GLU A 145 21.20 30.77 -34.53
C GLU A 145 21.13 31.99 -33.64
N ILE A 146 21.30 31.77 -32.34
CA ILE A 146 21.25 32.84 -31.36
C ILE A 146 22.46 33.81 -31.52
N ASP A 147 23.66 33.26 -31.70
CA ASP A 147 24.82 34.07 -32.11
C ASP A 147 24.42 35.03 -33.22
N ALA A 148 23.91 34.47 -34.32
CA ALA A 148 23.49 35.27 -35.51
C ALA A 148 22.44 36.35 -35.16
N GLU A 149 21.42 35.96 -34.40
CA GLU A 149 20.37 36.89 -33.99
C GLU A 149 20.98 38.05 -33.19
N LEU A 150 21.98 37.73 -32.37
CA LEU A 150 22.62 38.72 -31.51
C LEU A 150 23.54 39.61 -32.35
N ASP A 151 24.24 39.01 -33.32
CA ASP A 151 24.98 39.77 -34.35
C ASP A 151 24.05 40.78 -35.08
N THR A 152 22.92 40.29 -35.57
CA THR A 152 21.98 41.13 -36.33
C THR A 152 21.43 42.28 -35.47
N ALA A 153 20.96 41.96 -34.27
CA ALA A 153 20.38 42.96 -33.38
C ALA A 153 21.44 43.98 -32.90
N ARG A 154 22.72 43.58 -32.90
CA ARG A 154 23.81 44.47 -32.52
C ARG A 154 24.22 45.42 -33.66
N GLU A 155 24.02 44.97 -34.90
CA GLU A 155 24.13 45.84 -36.06
C GLU A 155 23.00 46.89 -36.07
N ALA A 156 21.81 46.49 -35.64
CA ALA A 156 20.64 47.37 -35.66
C ALA A 156 20.75 48.47 -34.58
N LEU A 157 21.27 48.10 -33.41
CA LEU A 157 21.22 48.99 -32.25
C LEU A 157 22.35 50.01 -32.31
N THR A 158 23.56 49.56 -32.66
CA THR A 158 24.76 50.44 -32.62
C THR A 158 24.91 51.27 -33.90
N THR A 159 24.24 50.84 -34.97
CA THR A 159 24.05 51.71 -36.14
C THR A 159 22.54 51.96 -36.38
N GLY A 160 22.00 52.96 -35.68
CA GLY A 160 20.77 53.59 -36.07
C GLY A 160 19.56 52.75 -35.76
N THR A 161 19.20 51.85 -36.69
CA THR A 161 17.78 51.67 -37.09
C THR A 161 16.82 51.41 -35.89
N ALA A 162 17.30 50.68 -34.87
CA ALA A 162 16.40 50.16 -33.81
C ALA A 162 16.84 50.57 -32.41
N THR A 163 15.91 50.46 -31.45
CA THR A 163 16.22 50.75 -30.04
C THR A 163 15.86 49.55 -29.16
N LEU A 164 16.61 49.39 -28.07
CA LEU A 164 16.35 48.30 -27.12
C LEU A 164 15.15 48.62 -26.22
N ASP A 165 14.01 47.97 -26.49
CA ASP A 165 12.83 48.05 -25.63
C ASP A 165 13.16 47.59 -24.20
N THR A 166 12.95 48.48 -23.24
CA THR A 166 13.44 48.28 -21.89
C THR A 166 12.42 47.49 -21.02
N ALA A 167 11.20 47.31 -21.54
CA ALA A 167 10.17 46.50 -20.85
C ALA A 167 10.61 45.02 -20.74
N SER A 168 11.59 44.64 -21.55
CA SER A 168 11.99 43.24 -21.68
C SER A 168 13.30 42.95 -20.92
N LEU A 169 13.86 43.96 -20.26
CA LEU A 169 15.15 43.81 -19.58
C LEU A 169 15.03 43.07 -18.21
N PRO A 170 13.79 42.96 -17.65
CA PRO A 170 13.66 42.13 -16.45
C PRO A 170 14.09 40.65 -16.68
N LEU A 171 14.01 40.18 -17.93
CA LEU A 171 14.57 38.83 -18.30
C LEU A 171 16.11 38.77 -18.03
N VAL A 172 16.79 39.93 -18.14
CA VAL A 172 18.16 40.05 -17.59
C VAL A 172 18.18 41.00 -16.40
N ASP A 178 22.38 48.95 -21.56
CA ASP A 178 23.66 48.95 -22.26
C ASP A 178 23.79 47.69 -23.16
N VAL A 179 24.18 47.90 -24.43
CA VAL A 179 24.10 46.85 -25.45
C VAL A 179 25.04 45.66 -25.12
N ASP A 180 26.33 45.95 -24.93
CA ASP A 180 27.34 44.90 -24.70
C ASP A 180 27.06 44.13 -23.41
N GLY A 181 26.58 44.83 -22.39
CA GLY A 181 26.26 44.20 -21.11
C GLY A 181 25.09 43.24 -21.22
N VAL A 182 24.10 43.59 -22.02
CA VAL A 182 22.91 42.76 -22.17
C VAL A 182 23.28 41.46 -22.93
N ILE A 183 24.18 41.57 -23.89
CA ILE A 183 24.64 40.43 -24.65
C ILE A 183 25.50 39.49 -23.79
N ALA A 184 26.50 40.05 -23.12
CA ALA A 184 27.32 39.28 -22.17
C ALA A 184 26.44 38.61 -21.09
N ASP A 185 25.41 39.33 -20.61
CA ASP A 185 24.44 38.75 -19.65
C ASP A 185 23.63 37.59 -20.27
N ILE A 186 23.28 37.75 -21.55
CA ILE A 186 22.58 36.70 -22.27
C ILE A 186 23.46 35.44 -22.48
N HIS A 187 24.73 35.65 -22.85
CA HIS A 187 25.67 34.55 -23.00
C HIS A 187 25.92 33.81 -21.68
N ARG A 188 26.03 34.57 -20.60
CA ARG A 188 26.22 33.98 -19.29
C ARG A 188 25.02 33.12 -18.90
N HIS A 189 23.83 33.69 -19.04
CA HIS A 189 22.60 32.96 -18.72
C HIS A 189 22.48 31.68 -19.56
N ASN A 190 22.78 31.80 -20.86
CA ASN A 190 22.64 30.68 -21.79
C ASN A 190 23.69 29.59 -21.52
N ASP A 191 24.88 30.01 -21.05
CA ASP A 191 25.96 29.07 -20.71
C ASP A 191 25.59 28.21 -19.48
N GLU A 192 25.11 28.85 -18.43
CA GLU A 192 24.57 28.11 -17.27
C GLU A 192 23.60 27.05 -17.76
N ARG A 193 22.58 27.50 -18.52
CA ARG A 193 21.54 26.61 -19.03
C ARG A 193 22.14 25.38 -19.87
N ARG A 194 23.12 25.67 -20.69
CA ARG A 194 23.66 24.69 -21.59
C ARG A 194 24.39 23.58 -20.86
N ALA A 195 24.98 23.91 -19.72
CA ALA A 195 25.75 22.94 -18.96
C ALA A 195 24.88 22.14 -18.03
N GLU A 196 23.63 22.59 -17.83
CA GLU A 196 22.72 21.87 -16.96
C GLU A 196 22.53 20.45 -17.45
N ARG A 197 22.34 19.55 -16.53
CA ARG A 197 22.06 18.19 -16.85
C ARG A 197 20.71 18.07 -17.56
N PRO A 198 20.60 17.15 -18.53
CA PRO A 198 19.34 16.92 -19.19
C PRO A 198 18.35 16.18 -18.30
N LEU A 199 17.14 16.03 -18.79
CA LEU A 199 16.12 15.25 -18.12
C LEU A 199 15.75 14.02 -18.97
N PHE A 200 15.39 12.92 -18.31
CA PHE A 200 14.77 11.81 -19.00
C PHE A 200 13.35 11.62 -18.53
N LEU A 201 12.48 11.16 -19.44
CA LEU A 201 11.12 10.89 -19.09
C LEU A 201 10.84 9.38 -19.09
N THR A 202 10.19 8.91 -18.03
CA THR A 202 9.89 7.48 -17.86
C THR A 202 8.49 7.37 -17.30
N LEU A 203 7.99 6.16 -17.19
CA LEU A 203 6.70 5.90 -16.55
C LEU A 203 6.89 5.53 -15.11
N ASP A 204 5.84 5.71 -14.30
CA ASP A 204 5.87 5.26 -12.93
C ASP A 204 5.99 3.74 -12.91
N GLY A 205 6.87 3.24 -12.04
CA GLY A 205 7.13 1.79 -11.96
C GLY A 205 8.17 1.31 -12.97
N SER A 206 8.77 2.24 -13.71
CA SER A 206 9.69 1.89 -14.79
C SER A 206 10.90 1.14 -14.24
N PHE A 207 11.30 0.10 -14.94
CA PHE A 207 12.57 -0.54 -14.69
C PHE A 207 13.38 -0.52 -15.98
N HIS A 208 14.55 0.13 -15.95
CA HIS A 208 15.38 0.26 -17.15
C HIS A 208 16.86 -0.12 -16.88
N GLY A 209 17.12 -0.67 -15.71
CA GLY A 209 18.49 -1.06 -15.33
C GLY A 209 18.97 -0.32 -14.11
N LYS A 210 20.12 -0.76 -13.58
CA LYS A 210 20.55 -0.33 -12.28
C LYS A 210 22.03 0.09 -12.28
N LEU A 211 22.51 0.52 -13.43
CA LEU A 211 23.85 1.16 -13.50
C LEU A 211 23.72 2.65 -13.18
N VAL A 212 24.83 3.36 -13.22
CA VAL A 212 24.87 4.72 -12.69
C VAL A 212 23.89 5.61 -13.43
N GLY A 213 23.77 5.41 -14.74
CA GLY A 213 22.85 6.20 -15.57
C GLY A 213 21.44 5.65 -15.51
N SER A 214 21.31 4.37 -15.80
CA SER A 214 20.01 3.76 -15.92
C SER A 214 19.23 3.73 -14.60
N ILE A 215 19.95 3.65 -13.47
CA ILE A 215 19.27 3.53 -12.17
C ILE A 215 18.39 4.75 -11.90
N GLN A 216 18.81 5.91 -12.40
CA GLN A 216 17.98 7.12 -12.32
C GLN A 216 16.64 6.90 -13.03
N LEU A 217 16.61 5.94 -13.98
CA LEU A 217 15.46 5.73 -14.85
C LEU A 217 14.58 4.64 -14.27
N THR A 218 14.95 4.14 -13.10
CA THR A 218 14.25 3.06 -12.46
C THR A 218 13.59 3.58 -11.19
N GLN A 219 12.29 3.46 -11.13
CA GLN A 219 11.50 4.08 -10.08
C GLN A 219 11.85 3.52 -8.69
N ASN A 220 11.78 2.19 -8.53
CA ASN A 220 11.95 1.56 -7.22
C ASN A 220 12.85 2.38 -6.29
N GLU A 221 12.26 2.93 -5.24
CA GLU A 221 12.89 4.09 -4.53
C GLU A 221 14.17 3.72 -3.75
N PRO A 222 14.17 2.56 -3.06
CA PRO A 222 15.38 2.19 -2.30
C PRO A 222 16.56 1.82 -3.23
N TRP A 223 16.26 1.41 -4.45
CA TRP A 223 17.31 1.09 -5.44
C TRP A 223 17.95 2.34 -5.97
N ARG A 224 17.16 3.40 -6.07
CA ARG A 224 17.56 4.60 -6.84
C ARG A 224 18.00 5.76 -5.93
N THR A 225 17.21 6.09 -4.91
CA THR A 225 17.37 7.44 -4.20
C THR A 225 18.76 7.63 -3.56
N PRO A 226 19.44 6.50 -3.19
CA PRO A 226 20.83 6.65 -2.65
C PRO A 226 21.79 7.28 -3.67
N PHE A 227 21.41 7.23 -4.95
CA PHE A 227 22.33 7.46 -6.03
C PHE A 227 21.94 8.70 -6.85
N THR A 228 20.98 9.46 -6.33
CA THR A 228 20.34 10.60 -7.06
C THR A 228 21.35 11.67 -7.53
N ALA A 229 22.41 11.86 -6.78
CA ALA A 229 23.36 12.94 -7.06
C ALA A 229 24.31 12.58 -8.22
N LEU A 230 24.38 11.31 -8.58
CA LEU A 230 25.40 10.84 -9.52
C LEU A 230 25.13 11.27 -10.96
N SER A 231 23.87 11.24 -11.37
CA SER A 231 23.52 11.23 -12.79
C SER A 231 22.18 11.92 -13.05
N SER A 232 21.87 12.18 -14.32
CA SER A 232 20.65 12.90 -14.69
C SER A 232 19.45 12.14 -14.26
N PRO A 233 18.40 12.85 -13.84
CA PRO A 233 17.22 12.21 -13.32
C PRO A 233 16.19 12.01 -14.39
N ALA A 234 15.11 11.32 -14.00
CA ALA A 234 13.94 11.17 -14.83
C ALA A 234 12.75 11.74 -14.13
N ARG A 235 11.72 12.07 -14.89
CA ARG A 235 10.43 12.29 -14.32
C ARG A 235 9.54 11.15 -14.61
N PHE A 236 8.95 10.62 -13.55
CA PHE A 236 8.18 9.42 -13.67
C PHE A 236 6.73 9.77 -13.91
N LEU A 237 6.29 9.63 -15.15
CA LEU A 237 4.99 10.08 -15.56
C LEU A 237 3.94 9.06 -15.15
N PRO A 238 2.76 9.53 -14.73
CA PRO A 238 1.68 8.64 -14.27
C PRO A 238 0.97 7.95 -15.41
N ALA A 239 1.24 6.66 -15.59
CA ALA A 239 0.75 5.89 -16.73
C ALA A 239 -0.75 5.79 -16.71
N ASP A 240 -1.32 5.69 -15.50
CA ASP A 240 -2.76 5.47 -15.32
C ASP A 240 -3.60 6.73 -15.66
N GLU A 241 -2.97 7.91 -15.55
CA GLU A 241 -3.66 9.19 -15.82
C GLU A 241 -2.87 10.04 -16.82
N PRO A 242 -2.98 9.71 -18.12
CA PRO A 242 -2.22 10.41 -19.19
C PRO A 242 -2.60 11.88 -19.32
N GLU A 243 -3.81 12.23 -18.87
CA GLU A 243 -4.28 13.63 -18.90
C GLU A 243 -3.33 14.53 -18.10
N LEU A 244 -2.62 13.94 -17.13
CA LEU A 244 -1.76 14.71 -16.19
C LEU A 244 -0.32 14.95 -16.73
N ILE A 245 0.03 14.24 -17.79
CA ILE A 245 1.43 14.19 -18.24
C ILE A 245 1.82 15.49 -18.96
N GLY A 246 0.92 15.97 -19.82
CA GLY A 246 1.09 17.28 -20.48
C GLY A 246 1.69 18.32 -19.57
N LYS A 247 1.14 18.46 -18.38
CA LYS A 247 1.43 19.61 -17.53
C LYS A 247 2.69 19.41 -16.71
N ILE A 248 2.94 18.18 -16.31
CA ILE A 248 4.21 17.84 -15.66
C ILE A 248 5.38 18.14 -16.59
N VAL A 249 5.22 17.83 -17.86
CA VAL A 249 6.28 18.03 -18.86
C VAL A 249 6.39 19.48 -19.22
N GLU A 250 5.25 20.17 -19.26
CA GLU A 250 5.24 21.64 -19.40
C GLU A 250 6.06 22.29 -18.31
N ASP A 251 5.91 21.82 -17.08
CA ASP A 251 6.71 22.39 -15.95
C ASP A 251 8.18 22.38 -16.24
N GLU A 252 8.64 21.40 -17.02
CA GLU A 252 10.09 21.19 -17.18
C GLU A 252 10.67 22.00 -18.33
N ARG A 253 9.82 22.70 -19.06
CA ARG A 253 10.29 23.62 -20.07
C ARG A 253 11.30 24.57 -19.49
N ARG A 254 12.40 24.76 -20.19
CA ARG A 254 13.34 25.81 -19.87
C ARG A 254 13.68 26.58 -21.13
N SER A 255 14.11 27.83 -20.99
CA SER A 255 14.39 28.65 -22.13
C SER A 255 15.74 29.33 -22.02
N VAL A 256 16.31 29.60 -23.18
CA VAL A 256 17.45 30.50 -23.31
C VAL A 256 16.99 31.89 -23.80
N LEU A 257 17.92 32.83 -23.85
CA LEU A 257 17.62 34.19 -24.24
C LEU A 257 18.24 34.52 -25.57
N THR A 258 17.59 35.42 -26.32
CA THR A 258 18.20 36.04 -27.48
C THR A 258 17.70 37.45 -27.66
N LEU A 259 18.25 38.12 -28.69
CA LEU A 259 17.73 39.42 -29.13
C LEU A 259 16.90 39.28 -30.44
N SER A 260 15.62 39.62 -30.36
CA SER A 260 14.73 39.60 -31.50
C SER A 260 14.53 41.02 -32.08
N LEU A 261 15.02 41.23 -33.30
CA LEU A 261 14.82 42.52 -34.05
C LEU A 261 13.43 42.55 -34.76
N ASP A 262 12.74 43.68 -34.65
CA ASP A 262 11.52 43.93 -35.45
C ASP A 262 11.62 45.30 -36.16
N LYS A 263 12.67 45.45 -36.99
CA LYS A 263 12.90 46.69 -37.78
C LYS A 263 13.23 47.93 -36.89
N ASP A 264 12.24 48.40 -36.13
CA ASP A 264 12.43 49.56 -35.26
C ASP A 264 12.84 49.15 -33.83
N THR A 265 12.34 48.00 -33.36
CA THR A 265 12.45 47.60 -31.94
C THR A 265 13.29 46.29 -31.77
N VAL A 266 14.20 46.31 -30.79
CA VAL A 266 14.89 45.08 -30.35
C VAL A 266 14.39 44.69 -28.96
N ARG A 267 14.01 43.42 -28.80
CA ARG A 267 13.62 42.87 -27.47
C ARG A 267 14.51 41.70 -27.08
N VAL A 268 14.82 41.60 -25.79
CA VAL A 268 15.23 40.33 -25.21
C VAL A 268 14.04 39.41 -25.16
N VAL A 269 14.19 38.19 -25.67
CA VAL A 269 13.11 37.19 -25.61
C VAL A 269 13.64 35.82 -25.25
N GLU A 270 12.78 35.03 -24.61
CA GLU A 270 13.05 33.64 -24.32
C GLU A 270 12.77 32.76 -25.56
N ARG A 271 13.70 31.83 -25.86
CA ARG A 271 13.45 30.71 -26.80
C ARG A 271 13.52 29.36 -26.03
N ASP A 272 12.82 28.33 -26.56
CA ASP A 272 12.88 26.97 -25.99
C ASP A 272 14.31 26.40 -25.98
N PHE A 273 14.70 25.81 -24.86
CA PHE A 273 15.93 25.01 -24.78
C PHE A 273 15.55 23.55 -24.74
N PRO A 274 16.25 22.70 -25.53
CA PRO A 274 16.00 21.24 -25.45
C PRO A 274 16.55 20.61 -24.13
N VAL A 275 15.64 20.35 -23.18
CA VAL A 275 15.98 19.80 -21.84
C VAL A 275 15.90 18.26 -21.85
N VAL A 276 14.95 17.73 -22.56
CA VAL A 276 14.60 16.34 -22.45
C VAL A 276 15.36 15.55 -23.48
N ALA A 277 16.25 14.65 -23.00
CA ALA A 277 17.10 13.85 -23.90
C ALA A 277 16.34 12.70 -24.53
N ALA A 278 15.45 12.06 -23.77
CA ALA A 278 14.69 10.92 -24.29
C ALA A 278 13.52 10.60 -23.43
N ILE A 279 12.53 9.97 -24.05
CA ILE A 279 11.49 9.27 -23.34
C ILE A 279 11.80 7.74 -23.41
N PHE A 280 11.66 7.03 -22.27
CA PHE A 280 11.78 5.55 -22.22
C PHE A 280 10.43 4.93 -21.90
N VAL A 281 10.12 3.80 -22.54
CA VAL A 281 8.90 3.06 -22.21
C VAL A 281 9.13 1.55 -22.34
N GLU A 282 8.53 0.80 -21.42
CA GLU A 282 8.36 -0.62 -21.58
C GLU A 282 6.95 -0.92 -22.09
N PRO A 283 6.85 -1.72 -23.16
CA PRO A 283 5.53 -2.10 -23.69
C PRO A 283 4.68 -2.85 -22.67
N VAL A 284 5.32 -3.72 -21.90
CA VAL A 284 4.73 -4.29 -20.73
C VAL A 284 5.62 -3.99 -19.55
N ARG A 285 5.04 -3.43 -18.51
CA ARG A 285 5.81 -2.71 -17.53
C ARG A 285 6.09 -3.59 -16.29
N GLY A 286 7.21 -4.31 -16.32
CA GLY A 286 7.55 -5.28 -15.30
C GLY A 286 7.54 -4.72 -13.90
N GLY A 287 8.23 -3.60 -13.71
CA GLY A 287 8.34 -2.98 -12.38
C GLY A 287 7.03 -2.45 -11.87
N SER A 288 5.99 -2.51 -12.70
CA SER A 288 4.65 -2.06 -12.32
C SER A 288 3.72 -3.22 -12.09
N GLY A 289 4.25 -4.45 -12.16
CA GLY A 289 3.43 -5.66 -12.10
C GLY A 289 2.85 -6.10 -13.45
N MET A 290 3.61 -5.90 -14.52
CA MET A 290 3.29 -6.51 -15.86
C MET A 290 2.11 -5.82 -16.55
N LYS A 291 1.94 -4.53 -16.30
CA LYS A 291 0.86 -3.78 -16.92
C LYS A 291 1.24 -3.37 -18.33
N THR A 292 0.38 -3.70 -19.29
CA THR A 292 0.62 -3.33 -20.67
C THR A 292 0.26 -1.83 -20.89
N VAL A 293 1.10 -1.14 -21.65
CA VAL A 293 0.83 0.20 -22.05
C VAL A 293 -0.47 0.26 -22.82
N THR A 294 -1.40 1.08 -22.34
CA THR A 294 -2.71 1.27 -23.00
C THR A 294 -2.54 2.11 -24.27
N PRO A 295 -3.53 2.06 -25.17
CA PRO A 295 -3.48 2.92 -26.39
C PRO A 295 -3.48 4.43 -26.05
N GLU A 296 -4.21 4.82 -25.01
CA GLU A 296 -4.22 6.24 -24.59
C GLU A 296 -2.83 6.70 -24.14
N LEU A 297 -2.11 5.84 -23.44
CA LEU A 297 -0.75 6.18 -22.98
C LEU A 297 0.27 6.22 -24.15
N ALA A 298 0.18 5.24 -25.03
CA ALA A 298 0.98 5.23 -26.24
C ALA A 298 0.77 6.53 -27.04
N GLU A 299 -0.46 6.99 -27.17
CA GLU A 299 -0.75 8.22 -27.94
C GLU A 299 -0.15 9.41 -27.26
N GLU A 300 -0.17 9.41 -25.94
CA GLU A 300 0.44 10.51 -25.20
C GLU A 300 2.00 10.53 -25.32
N LEU A 301 2.62 9.34 -25.38
CA LEU A 301 4.08 9.25 -25.54
C LEU A 301 4.51 9.68 -26.96
N HIS A 302 3.68 9.36 -27.94
CA HIS A 302 3.86 9.87 -29.32
C HIS A 302 3.77 11.41 -29.39
N ARG A 303 2.77 11.97 -28.75
CA ARG A 303 2.62 13.39 -28.70
C ARG A 303 3.86 14.03 -28.12
N LEU A 304 4.37 13.45 -27.01
CA LEU A 304 5.53 14.03 -26.32
C LEU A 304 6.73 13.97 -27.22
N ARG A 305 6.93 12.82 -27.84
CA ARG A 305 8.05 12.60 -28.74
C ARG A 305 7.98 13.60 -29.94
N ASP A 306 6.78 13.71 -30.54
CA ASP A 306 6.56 14.70 -31.65
C ASP A 306 6.77 16.13 -31.14
N THR A 307 6.29 16.41 -29.94
CA THR A 307 6.35 17.77 -29.41
C THR A 307 7.76 18.18 -29.07
N LEU A 308 8.49 17.32 -28.36
CA LEU A 308 9.79 17.70 -27.81
C LEU A 308 10.89 17.52 -28.82
N GLY A 309 10.67 16.59 -29.75
CA GLY A 309 11.66 16.26 -30.78
C GLY A 309 12.84 15.37 -30.28
N CYS A 310 12.69 14.79 -29.09
CA CYS A 310 13.66 13.79 -28.61
C CYS A 310 13.16 12.41 -28.93
N PRO A 311 14.07 11.44 -28.95
CA PRO A 311 13.67 10.09 -29.33
C PRO A 311 12.84 9.40 -28.24
N LEU A 312 11.83 8.67 -28.68
CA LEU A 312 11.14 7.69 -27.83
C LEU A 312 11.92 6.30 -27.85
N VAL A 313 12.44 5.91 -26.69
CA VAL A 313 13.22 4.68 -26.57
C VAL A 313 12.35 3.60 -26.00
N VAL A 314 12.13 2.58 -26.80
CA VAL A 314 11.31 1.46 -26.41
C VAL A 314 12.15 0.31 -25.88
N ASP A 315 11.94 -0.01 -24.61
CA ASP A 315 12.79 -0.95 -23.87
C ASP A 315 12.14 -2.31 -23.92
N GLU A 316 12.66 -3.16 -24.81
CA GLU A 316 12.11 -4.49 -25.02
C GLU A 316 13.08 -5.53 -24.46
N VAL A 317 13.90 -5.12 -23.51
CA VAL A 317 14.78 -6.05 -22.83
C VAL A 317 14.01 -7.28 -22.32
N GLN A 318 12.76 -7.07 -21.85
CA GLN A 318 11.95 -8.13 -21.28
C GLN A 318 10.85 -8.60 -22.26
N THR A 319 10.21 -7.63 -22.95
CA THR A 319 9.03 -7.92 -23.79
C THR A 319 9.37 -8.50 -25.15
N GLY A 320 10.62 -8.36 -25.58
CA GLY A 320 11.06 -8.81 -26.89
C GLY A 320 11.41 -10.33 -27.01
N ILE A 321 11.73 -10.74 -28.24
CA ILE A 321 12.02 -12.12 -28.57
C ILE A 321 10.85 -13.02 -28.19
N GLY A 322 9.63 -12.55 -28.48
CA GLY A 322 8.49 -13.45 -28.67
C GLY A 322 7.59 -13.51 -27.45
N ARG A 323 8.07 -12.97 -26.35
CA ARG A 323 7.45 -13.14 -25.05
C ARG A 323 5.94 -12.74 -25.04
N THR A 324 5.58 -11.65 -25.73
CA THR A 324 4.22 -11.15 -25.68
C THR A 324 3.32 -11.78 -26.75
N GLY A 325 3.91 -12.58 -27.63
CA GLY A 325 3.14 -13.26 -28.68
C GLY A 325 3.42 -12.66 -30.03
N ALA A 326 4.25 -11.62 -30.05
CA ALA A 326 5.03 -11.27 -31.22
C ALA A 326 6.51 -11.08 -30.82
N PHE A 327 7.37 -10.82 -31.80
CA PHE A 327 8.77 -10.53 -31.50
C PHE A 327 8.89 -9.27 -30.70
N PHE A 328 8.31 -8.20 -31.23
CA PHE A 328 8.31 -6.93 -30.57
C PHE A 328 6.96 -6.67 -29.91
N GLY A 329 6.96 -6.56 -28.59
CA GLY A 329 5.78 -6.13 -27.87
C GLY A 329 5.28 -4.76 -28.35
N SER A 330 6.21 -3.87 -28.68
CA SER A 330 5.87 -2.54 -29.19
C SER A 330 4.99 -2.65 -30.45
N ALA A 331 5.31 -3.63 -31.32
CA ALA A 331 4.56 -3.83 -32.57
C ALA A 331 3.14 -4.27 -32.24
N LEU A 332 3.02 -5.13 -31.25
CA LEU A 332 1.73 -5.66 -30.84
C LEU A 332 0.84 -4.54 -30.29
N LEU A 333 1.42 -3.62 -29.52
CA LEU A 333 0.63 -2.62 -28.79
C LEU A 333 0.65 -1.24 -29.48
N GLY A 334 1.21 -1.18 -30.68
CA GLY A 334 1.27 0.06 -31.45
C GLY A 334 2.08 1.19 -30.80
N ILE A 335 3.24 0.86 -30.19
CA ILE A 335 4.21 1.89 -29.76
C ILE A 335 5.33 2.13 -30.81
N ARG A 336 5.36 3.34 -31.36
CA ARG A 336 6.24 3.66 -32.47
C ARG A 336 7.43 4.43 -31.93
N GLY A 337 8.46 3.70 -31.54
CA GLY A 337 9.64 4.29 -30.93
C GLY A 337 10.64 4.67 -31.96
N ASP A 338 11.66 5.39 -31.55
CA ASP A 338 12.74 5.78 -32.45
C ASP A 338 13.98 4.89 -32.23
N TYR A 339 14.26 4.55 -30.96
CA TYR A 339 15.26 3.50 -30.61
C TYR A 339 14.56 2.32 -29.99
N TYR A 340 15.19 1.14 -30.10
CA TYR A 340 14.69 -0.08 -29.43
C TYR A 340 15.84 -0.80 -28.74
N THR A 341 15.56 -1.48 -27.63
CA THR A 341 16.59 -2.28 -26.97
C THR A 341 16.12 -3.65 -26.68
N LEU A 342 17.05 -4.58 -26.77
CA LEU A 342 16.78 -5.96 -26.53
C LEU A 342 17.91 -6.51 -25.65
N ALA A 343 17.59 -7.49 -24.82
CA ALA A 343 18.61 -8.26 -24.16
C ALA A 343 18.02 -9.63 -23.72
N LYS A 344 18.13 -9.94 -22.41
CA LYS A 344 17.62 -11.17 -21.85
C LYS A 344 17.63 -12.40 -22.81
N ALA A 345 16.50 -12.67 -23.49
CA ALA A 345 16.33 -13.97 -24.20
C ALA A 345 17.28 -14.15 -25.37
N ILE A 346 17.88 -13.05 -25.85
CA ILE A 346 18.78 -13.10 -27.00
C ILE A 346 20.08 -13.86 -26.71
N GLY A 347 20.40 -14.03 -25.44
CA GLY A 347 21.56 -14.83 -25.04
C GLY A 347 21.30 -16.34 -25.03
N GLY A 348 20.07 -16.73 -25.34
CA GLY A 348 19.71 -18.16 -25.45
C GLY A 348 19.61 -18.86 -24.11
N GLY A 349 19.64 -18.08 -23.02
CA GLY A 349 19.65 -18.63 -21.70
C GLY A 349 21.07 -18.99 -21.20
N ILE A 350 22.09 -18.75 -22.02
CA ILE A 350 23.42 -19.20 -21.69
C ILE A 350 24.50 -18.13 -21.75
N VAL A 351 24.38 -17.19 -22.70
CA VAL A 351 25.37 -16.09 -22.80
C VAL A 351 24.76 -14.70 -22.62
N LYS A 352 25.60 -13.69 -22.68
CA LYS A 352 25.19 -12.32 -22.34
C LYS A 352 25.35 -11.42 -23.53
N ASN A 353 24.26 -10.79 -23.93
CA ASN A 353 24.23 -10.00 -25.17
C ASN A 353 23.07 -8.99 -25.08
N SER A 354 23.18 -7.89 -25.79
CA SER A 354 22.07 -6.95 -25.96
C SER A 354 22.31 -6.07 -27.13
N VAL A 355 21.33 -5.30 -27.49
CA VAL A 355 21.41 -4.51 -28.69
C VAL A 355 20.53 -3.27 -28.61
N ALA A 356 21.07 -2.14 -29.07
CA ALA A 356 20.29 -0.94 -29.29
C ALA A 356 20.09 -0.74 -30.75
N LEU A 357 18.84 -0.63 -31.15
CA LEU A 357 18.51 -0.35 -32.57
C LEU A 357 18.07 1.07 -32.67
N ILE A 358 18.77 1.84 -33.49
CA ILE A 358 18.55 3.29 -33.55
C ILE A 358 18.22 3.68 -34.97
N ARG A 359 17.09 4.36 -35.18
CA ARG A 359 16.60 4.55 -36.56
C ARG A 359 17.65 5.26 -37.37
N GLN A 360 17.85 4.81 -38.60
CA GLN A 360 19.01 5.23 -39.39
C GLN A 360 18.95 6.67 -39.83
N ASP A 361 17.75 7.24 -39.90
CA ASP A 361 17.64 8.69 -40.23
C ASP A 361 17.85 9.58 -38.99
N ARG A 362 18.04 8.98 -37.82
CA ARG A 362 18.45 9.75 -36.61
C ARG A 362 19.90 9.46 -36.21
N PHE A 363 20.48 8.40 -36.76
CA PHE A 363 21.68 7.81 -36.21
C PHE A 363 22.92 8.60 -36.57
N LEU A 364 23.64 9.06 -35.56
CA LEU A 364 24.82 9.88 -35.76
C LEU A 364 26.06 9.00 -35.85
N PRO A 365 26.79 9.12 -36.95
CA PRO A 365 27.81 8.11 -37.28
C PRO A 365 28.99 8.11 -36.33
N ALA A 366 29.21 9.20 -35.61
CA ALA A 366 30.26 9.26 -34.59
C ALA A 366 30.08 8.15 -33.53
N MET A 367 28.83 7.81 -33.23
CA MET A 367 28.51 6.83 -32.23
C MET A 367 29.18 5.48 -32.54
N GLU A 368 29.36 5.18 -33.82
CA GLU A 368 29.98 3.89 -34.24
C GLU A 368 31.45 3.83 -33.85
N VAL A 369 32.11 4.99 -33.72
CA VAL A 369 33.55 5.02 -33.46
C VAL A 369 33.92 5.60 -32.09
N ILE A 370 33.01 6.32 -31.44
CA ILE A 370 33.31 6.82 -30.10
C ILE A 370 32.74 5.94 -28.98
N HIS A 371 31.75 5.11 -29.30
CA HIS A 371 31.30 4.09 -28.36
C HIS A 371 31.95 2.72 -28.66
N SER A 372 32.30 1.99 -27.61
CA SER A 372 32.79 0.63 -27.75
C SER A 372 32.75 -0.09 -26.37
N SER A 373 33.04 -1.40 -26.39
CA SER A 373 33.06 -2.21 -25.20
C SER A 373 33.91 -3.45 -25.51
N THR A 374 34.72 -3.89 -24.56
CA THR A 374 35.62 -5.01 -24.82
C THR A 374 34.84 -6.25 -25.27
N PHE A 375 33.80 -6.59 -24.53
CA PHE A 375 33.09 -7.87 -24.71
C PHE A 375 31.99 -7.76 -25.80
N ALA A 376 31.58 -6.54 -26.13
CA ALA A 376 30.44 -6.33 -27.00
C ALA A 376 30.72 -6.87 -28.36
N LYS A 377 29.73 -7.52 -28.93
CA LYS A 377 29.81 -7.94 -30.29
C LYS A 377 30.80 -9.14 -30.44
N ASP A 378 31.05 -9.83 -29.35
CA ASP A 378 31.86 -11.02 -29.38
C ASP A 378 31.26 -12.09 -30.32
N GLY A 379 32.13 -12.98 -30.80
CA GLY A 379 31.74 -13.99 -31.77
C GLY A 379 30.77 -15.00 -31.22
N LEU A 380 30.97 -15.42 -29.98
CA LEU A 380 30.18 -16.49 -29.41
C LEU A 380 28.71 -16.08 -29.24
N SER A 381 28.47 -14.95 -28.57
CA SER A 381 27.11 -14.50 -28.31
C SER A 381 26.48 -14.02 -29.60
N ALA A 382 27.28 -13.50 -30.54
CA ALA A 382 26.80 -13.26 -31.92
C ALA A 382 26.22 -14.54 -32.56
N SER A 383 26.99 -15.63 -32.52
CA SER A 383 26.55 -16.88 -33.12
C SER A 383 25.24 -17.38 -32.46
N ILE A 384 25.21 -17.33 -31.13
CA ILE A 384 24.06 -17.79 -30.38
C ILE A 384 22.80 -16.91 -30.59
N ALA A 385 23.01 -15.61 -30.68
CA ALA A 385 21.95 -14.68 -31.18
C ALA A 385 21.31 -15.20 -32.48
N LEU A 386 22.13 -15.40 -33.51
CA LEU A 386 21.62 -15.88 -34.84
C LEU A 386 20.85 -17.20 -34.70
N LYS A 387 21.24 -18.03 -33.75
CA LYS A 387 20.51 -19.28 -33.47
C LYS A 387 19.16 -19.01 -32.85
N VAL A 388 19.14 -18.19 -31.81
CA VAL A 388 17.90 -17.82 -31.17
C VAL A 388 16.93 -17.18 -32.19
N LEU A 389 17.44 -16.32 -33.06
CA LEU A 389 16.59 -15.64 -34.03
C LEU A 389 16.05 -16.66 -35.05
N GLU A 390 16.87 -17.62 -35.41
CA GLU A 390 16.44 -18.68 -36.28
C GLU A 390 15.31 -19.47 -35.60
N MET A 391 15.45 -19.72 -34.31
CA MET A 391 14.51 -20.58 -33.61
C MET A 391 13.16 -19.90 -33.46
N VAL A 392 13.18 -18.62 -33.11
CA VAL A 392 11.96 -17.94 -32.83
C VAL A 392 11.20 -17.63 -34.15
N GLU A 393 11.95 -17.55 -35.25
CA GLU A 393 11.39 -17.27 -36.56
C GLU A 393 10.91 -18.53 -37.29
N ALA A 394 11.30 -19.70 -36.79
CA ALA A 394 11.18 -20.97 -37.56
C ALA A 394 9.72 -21.32 -37.90
N ASP A 395 9.55 -22.12 -38.96
CA ASP A 395 8.25 -22.74 -39.28
C ASP A 395 7.16 -21.69 -39.45
N GLY A 396 7.50 -20.60 -40.15
CA GLY A 396 6.51 -19.66 -40.63
C GLY A 396 5.87 -18.87 -39.51
N GLY A 397 6.60 -18.70 -38.41
CA GLY A 397 6.12 -17.86 -37.30
C GLY A 397 5.20 -18.61 -36.36
N ARG A 398 5.40 -19.93 -36.27
CA ARG A 398 4.55 -20.76 -35.47
C ARG A 398 4.88 -20.62 -33.99
N VAL A 399 6.11 -20.19 -33.69
CA VAL A 399 6.58 -20.09 -32.30
C VAL A 399 5.86 -18.97 -31.56
N TYR A 400 5.59 -17.89 -32.26
CA TYR A 400 4.74 -16.82 -31.73
C TYR A 400 3.32 -17.31 -31.45
N GLN A 401 2.75 -18.03 -32.41
CA GLN A 401 1.42 -18.67 -32.22
C GLN A 401 1.38 -19.52 -30.95
N ARG A 402 2.43 -20.29 -30.74
CA ARG A 402 2.56 -21.15 -29.60
C ARG A 402 2.65 -20.32 -28.29
N VAL A 403 3.42 -19.23 -28.31
CA VAL A 403 3.46 -18.32 -27.15
C VAL A 403 2.04 -17.80 -26.81
N ARG A 404 1.29 -17.43 -27.84
CA ARG A 404 -0.03 -16.85 -27.64
C ARG A 404 -1.00 -17.87 -27.05
N GLU A 405 -1.01 -19.09 -27.60
CA GLU A 405 -1.94 -20.14 -27.10
C GLU A 405 -1.55 -20.65 -25.70
N ARG A 406 -0.24 -20.80 -25.44
CA ARG A 406 0.27 -21.12 -24.06
C ARG A 406 -0.06 -19.98 -23.08
N GLY A 407 0.10 -18.74 -23.54
CA GLY A 407 -0.22 -17.57 -22.72
C GLY A 407 -1.69 -17.51 -22.37
N GLN A 408 -2.55 -17.70 -23.37
CA GLN A 408 -4.03 -17.72 -23.16
C GLN A 408 -4.38 -18.75 -22.11
N ARG A 409 -3.85 -19.94 -22.29
CA ARG A 409 -4.06 -21.03 -21.34
C ARG A 409 -3.65 -20.62 -19.91
N LEU A 410 -2.49 -19.98 -19.77
CA LEU A 410 -1.94 -19.66 -18.47
C LEU A 410 -2.69 -18.51 -17.84
N GLU A 411 -3.07 -17.52 -18.65
CA GLU A 411 -3.86 -16.41 -18.15
C GLU A 411 -5.27 -16.85 -17.73
N ALA A 412 -5.87 -17.79 -18.50
CA ALA A 412 -7.22 -18.31 -18.17
C ALA A 412 -7.21 -19.04 -16.84
N MET A 413 -6.18 -19.81 -16.60
CA MET A 413 -5.97 -20.38 -15.30
C MET A 413 -5.89 -19.30 -14.25
N LEU A 414 -5.05 -18.30 -14.49
CA LEU A 414 -4.82 -17.29 -13.48
C LEU A 414 -6.10 -16.49 -13.19
N GLU A 415 -6.89 -16.23 -14.25
CA GLU A 415 -8.20 -15.54 -14.09
C GLU A 415 -9.19 -16.41 -13.29
N SER A 416 -9.23 -17.69 -13.62
CA SER A 416 -10.06 -18.63 -12.91
C SER A 416 -9.71 -18.62 -11.43
N VAL A 417 -8.44 -18.39 -11.12
CA VAL A 417 -7.97 -18.41 -9.74
C VAL A 417 -8.33 -17.10 -9.02
N ARG A 418 -8.13 -15.98 -9.72
CA ARG A 418 -8.56 -14.67 -9.21
C ARG A 418 -10.05 -14.68 -8.90
N ALA A 419 -10.84 -15.23 -9.82
CA ALA A 419 -12.30 -15.21 -9.71
C ALA A 419 -12.80 -15.83 -8.38
N ASP A 420 -12.15 -16.92 -7.95
CA ASP A 420 -12.56 -17.65 -6.72
C ASP A 420 -11.72 -17.21 -5.53
N HIS A 421 -10.86 -16.21 -5.74
CA HIS A 421 -9.96 -15.74 -4.69
C HIS A 421 -9.76 -14.20 -4.79
N SER A 422 -10.84 -13.50 -5.17
CA SER A 422 -10.79 -12.04 -5.37
C SER A 422 -10.66 -11.27 -4.06
N ASP A 423 -10.76 -11.98 -2.95
CA ASP A 423 -10.52 -11.37 -1.65
C ASP A 423 -9.04 -11.10 -1.39
N VAL A 424 -8.16 -11.86 -2.04
CA VAL A 424 -6.70 -11.65 -1.86
C VAL A 424 -5.95 -11.35 -3.18
N VAL A 425 -6.63 -11.55 -4.31
CA VAL A 425 -6.07 -11.20 -5.62
C VAL A 425 -6.90 -10.10 -6.30
N SER A 426 -6.24 -8.99 -6.66
CA SER A 426 -6.92 -7.82 -7.23
C SER A 426 -7.12 -7.97 -8.73
N ALA A 427 -6.09 -8.46 -9.41
CA ALA A 427 -6.06 -8.43 -10.89
C ALA A 427 -5.07 -9.47 -11.49
N VAL A 428 -5.38 -9.92 -12.70
CA VAL A 428 -4.40 -10.47 -13.59
C VAL A 428 -3.92 -9.39 -14.54
N TRP A 429 -2.61 -9.31 -14.73
CA TRP A 429 -2.00 -8.31 -15.61
C TRP A 429 -1.12 -8.99 -16.64
N GLY A 430 -0.95 -8.34 -17.78
CA GLY A 430 0.09 -8.70 -18.74
C GLY A 430 -0.48 -9.32 -19.99
N THR A 431 0.39 -9.85 -20.84
CA THR A 431 -0.02 -10.45 -22.08
C THR A 431 1.02 -11.44 -22.54
N GLY A 432 0.64 -12.30 -23.45
CA GLY A 432 1.52 -13.37 -23.90
C GLY A 432 1.92 -14.30 -22.76
N LEU A 433 3.22 -14.61 -22.67
CA LEU A 433 3.74 -15.36 -21.52
C LEU A 433 4.47 -14.45 -20.56
N MET A 434 4.01 -13.22 -20.47
CA MET A 434 4.51 -12.28 -19.49
C MET A 434 3.35 -11.81 -18.64
N LEU A 435 3.07 -12.52 -17.56
CA LEU A 435 1.81 -12.35 -16.81
C LEU A 435 2.09 -12.20 -15.31
N ALA A 436 1.10 -11.72 -14.57
CA ALA A 436 1.24 -11.52 -13.13
C ALA A 436 -0.11 -11.48 -12.42
N LEU A 437 -0.11 -11.87 -11.14
CA LEU A 437 -1.22 -11.60 -10.24
C LEU A 437 -0.86 -10.46 -9.34
N GLU A 438 -1.74 -9.47 -9.26
CA GLU A 438 -1.62 -8.44 -8.20
C GLU A 438 -2.26 -8.95 -6.88
N LEU A 439 -1.47 -8.96 -5.82
CA LEU A 439 -1.95 -9.26 -4.49
C LEU A 439 -2.60 -8.01 -3.85
N ARG A 440 -3.67 -8.24 -3.07
CA ARG A 440 -4.29 -7.17 -2.28
C ARG A 440 -3.46 -6.89 -1.09
N ASP A 441 -3.49 -5.63 -0.65
CA ASP A 441 -2.69 -5.18 0.50
C ASP A 441 -3.00 -6.03 1.71
N GLN A 442 -1.98 -6.32 2.49
CA GLN A 442 -2.12 -7.18 3.65
C GLN A 442 -1.50 -6.53 4.85
N SER A 443 -1.31 -5.22 4.78
CA SER A 443 -0.75 -4.49 5.89
C SER A 443 -1.73 -4.44 7.06
N ASN A 444 -3.00 -4.78 6.80
CA ASN A 444 -4.03 -4.83 7.87
C ASN A 444 -4.40 -6.24 8.23
N ALA A 445 -3.51 -7.19 7.91
CA ALA A 445 -3.82 -8.61 8.04
C ALA A 445 -3.93 -8.98 9.51
N THR A 446 -4.79 -9.98 9.79
CA THR A 446 -5.05 -10.37 11.16
C THR A 446 -3.83 -11.03 11.76
N SER A 447 -3.26 -11.96 11.03
CA SER A 447 -2.01 -12.59 11.45
C SER A 447 -0.92 -11.56 11.60
N GLN A 448 -0.24 -11.59 12.73
CA GLN A 448 0.83 -10.64 13.00
C GLN A 448 2.00 -10.86 12.01
N ALA A 449 2.39 -12.11 11.83
CA ALA A 449 3.59 -12.42 11.07
C ALA A 449 3.44 -12.02 9.60
N ILE A 450 2.28 -12.32 9.04
CA ILE A 450 1.93 -11.87 7.70
C ILE A 450 1.93 -10.35 7.60
N ARG A 451 1.28 -9.70 8.56
CA ARG A 451 1.12 -8.24 8.56
C ARG A 451 2.50 -7.56 8.59
N GLU A 452 3.39 -8.09 9.43
CA GLU A 452 4.72 -7.54 9.58
C GLU A 452 5.50 -7.66 8.25
N LYS A 453 5.42 -8.83 7.63
CA LYS A 453 6.02 -9.04 6.34
C LYS A 453 5.44 -8.10 5.29
N ALA A 454 4.12 -7.94 5.28
CA ALA A 454 3.48 -6.97 4.38
C ALA A 454 4.08 -5.59 4.56
N ALA A 455 4.55 -5.30 5.77
CA ALA A 455 4.90 -3.93 6.14
C ALA A 455 6.36 -3.64 5.83
N HIS A 456 7.16 -4.69 5.70
CA HIS A 456 8.51 -4.56 5.14
C HIS A 456 8.51 -4.67 3.57
N GLY A 457 7.33 -4.87 2.98
CA GLY A 457 7.22 -5.12 1.52
C GLY A 457 7.71 -6.51 1.08
N PHE A 458 7.66 -7.47 2.01
CA PHE A 458 8.18 -8.81 1.75
C PHE A 458 7.08 -9.85 1.43
N LEU A 459 5.83 -9.40 1.36
CA LEU A 459 4.70 -10.35 1.26
C LEU A 459 4.92 -11.37 0.12
N GLY A 460 5.13 -10.86 -1.09
CA GLY A 460 5.22 -11.71 -2.28
C GLY A 460 6.33 -12.74 -2.19
N TYR A 461 7.43 -12.39 -1.52
CA TYR A 461 8.55 -13.31 -1.30
C TYR A 461 8.17 -14.42 -0.34
N VAL A 462 7.46 -14.08 0.73
CA VAL A 462 6.93 -15.08 1.67
C VAL A 462 6.02 -16.06 0.95
N LEU A 463 5.14 -15.54 0.12
CA LEU A 463 4.18 -16.37 -0.60
C LEU A 463 4.88 -17.25 -1.63
N ALA A 464 5.96 -16.71 -2.21
CA ALA A 464 6.81 -17.47 -3.09
C ALA A 464 7.46 -18.63 -2.34
N GLY A 465 7.89 -18.35 -1.11
CA GLY A 465 8.46 -19.39 -0.26
C GLY A 465 7.48 -20.51 0.02
N PHE A 466 6.24 -20.15 0.28
CA PHE A 466 5.20 -21.14 0.46
C PHE A 466 5.10 -22.03 -0.75
N LEU A 467 5.03 -21.40 -1.93
CA LEU A 467 4.88 -22.13 -3.17
C LEU A 467 6.07 -23.08 -3.42
N LEU A 468 7.25 -22.68 -2.96
CA LEU A 468 8.45 -23.47 -3.17
C LEU A 468 8.41 -24.73 -2.31
N ARG A 469 8.24 -24.53 -1.00
CA ARG A 469 8.40 -25.64 -0.04
C ARG A 469 7.17 -26.61 -0.03
N GLU A 470 5.99 -26.09 -0.32
CA GLU A 470 4.76 -26.89 -0.22
C GLU A 470 4.30 -27.46 -1.57
N HIS A 471 4.72 -26.84 -2.66
CA HIS A 471 4.25 -27.24 -3.99
C HIS A 471 5.36 -27.39 -5.00
N HIS A 472 6.59 -27.14 -4.58
CA HIS A 472 7.76 -27.21 -5.48
C HIS A 472 7.55 -26.37 -6.77
N ILE A 473 7.15 -25.14 -6.59
CA ILE A 473 7.03 -24.23 -7.69
C ILE A 473 7.81 -22.96 -7.40
N ARG A 474 8.67 -22.60 -8.36
CA ARG A 474 9.50 -21.39 -8.24
C ARG A 474 8.77 -20.22 -8.86
N VAL A 475 8.32 -19.31 -8.00
CA VAL A 475 7.76 -18.04 -8.43
C VAL A 475 8.55 -16.91 -7.72
N LEU A 476 8.78 -15.81 -8.43
CA LEU A 476 9.32 -14.62 -7.78
C LEU A 476 8.41 -13.44 -7.93
N PRO A 477 8.43 -12.54 -6.95
CA PRO A 477 7.54 -11.40 -7.01
C PRO A 477 8.03 -10.34 -7.99
N ALA A 478 7.08 -9.56 -8.49
CA ALA A 478 7.39 -8.34 -9.22
C ALA A 478 6.83 -7.12 -8.47
N GLY A 479 7.22 -5.95 -8.91
CA GLY A 479 6.59 -4.72 -8.49
C GLY A 479 7.21 -4.18 -7.22
N PRO A 480 6.81 -2.95 -6.84
CA PRO A 480 7.60 -2.09 -5.95
C PRO A 480 7.73 -2.60 -4.50
N ARG A 481 6.71 -3.33 -4.02
CA ARG A 481 6.79 -3.94 -2.69
C ARG A 481 6.37 -5.40 -2.76
N SER A 482 6.94 -6.13 -3.72
CA SER A 482 6.61 -7.52 -3.93
C SER A 482 5.11 -7.75 -3.79
N GLY A 483 4.33 -6.82 -4.36
CA GLY A 483 2.91 -6.92 -4.34
C GLY A 483 2.33 -7.59 -5.58
N PHE A 484 3.20 -8.12 -6.45
CA PHE A 484 2.76 -8.94 -7.60
C PHE A 484 3.54 -10.26 -7.63
N LEU A 485 2.92 -11.29 -8.22
CA LEU A 485 3.58 -12.57 -8.45
C LEU A 485 3.73 -12.77 -9.90
N ARG A 486 4.96 -13.05 -10.33
CA ARG A 486 5.31 -13.12 -11.73
C ARG A 486 5.07 -14.53 -12.29
N PHE A 487 4.53 -14.62 -13.50
CA PHE A 487 4.48 -15.89 -14.23
C PHE A 487 5.00 -15.68 -15.61
N SER A 488 6.26 -16.05 -15.82
CA SER A 488 6.88 -15.91 -17.14
C SER A 488 7.73 -17.17 -17.49
N PRO A 489 7.06 -18.28 -17.73
CA PRO A 489 7.71 -19.52 -18.10
C PRO A 489 8.11 -19.58 -19.58
N SER A 490 8.75 -20.66 -19.97
CA SER A 490 9.03 -20.93 -21.35
C SER A 490 7.77 -21.32 -22.11
N LEU A 491 7.85 -21.27 -23.42
CA LEU A 491 6.72 -21.64 -24.27
C LEU A 491 6.45 -23.16 -24.27
N TYR A 492 7.30 -23.92 -23.60
CA TYR A 492 7.09 -25.36 -23.47
C TYR A 492 6.28 -25.73 -22.22
N ILE A 493 5.89 -24.74 -21.43
CA ILE A 493 5.06 -25.01 -20.25
C ILE A 493 3.89 -25.93 -20.65
N THR A 494 3.75 -27.04 -19.93
CA THR A 494 2.72 -28.05 -20.26
C THR A 494 1.40 -27.77 -19.53
N ASP A 495 0.32 -28.32 -20.07
CA ASP A 495 -1.01 -28.25 -19.42
C ASP A 495 -0.97 -28.81 -17.98
N GLU A 496 -0.18 -29.86 -17.78
CA GLU A 496 -0.06 -30.50 -16.48
C GLU A 496 0.66 -29.57 -15.50
N GLU A 497 1.67 -28.86 -16.02
CA GLU A 497 2.44 -27.91 -15.23
C GLU A 497 1.57 -26.71 -14.86
N ILE A 498 0.66 -26.37 -15.75
CA ILE A 498 -0.28 -25.29 -15.48
C ILE A 498 -1.34 -25.69 -14.44
N ASP A 499 -1.85 -26.93 -14.53
CA ASP A 499 -2.77 -27.49 -13.50
C ASP A 499 -2.11 -27.47 -12.12
N ARG A 500 -0.87 -27.95 -12.06
CA ARG A 500 -0.14 -28.01 -10.79
C ARG A 500 0.06 -26.60 -10.20
N THR A 501 0.08 -25.60 -11.07
CA THR A 501 0.26 -24.25 -10.64
C THR A 501 -1.05 -23.71 -10.11
N GLU A 502 -2.16 -24.04 -10.80
CA GLU A 502 -3.52 -23.70 -10.29
C GLU A 502 -3.77 -24.29 -8.90
N THR A 503 -3.57 -25.61 -8.78
CA THR A 503 -3.66 -26.29 -7.49
C THR A 503 -2.83 -25.58 -6.41
N ALA A 504 -1.60 -25.21 -6.75
CA ALA A 504 -0.68 -24.61 -5.77
C ALA A 504 -1.14 -23.21 -5.33
N LEU A 505 -1.72 -22.46 -6.26
CA LEU A 505 -2.17 -21.09 -5.99
C LEU A 505 -3.50 -21.11 -5.19
N ARG A 506 -4.42 -21.98 -5.60
CA ARG A 506 -5.65 -22.21 -4.83
C ARG A 506 -5.31 -22.54 -3.38
N SER A 507 -4.34 -23.45 -3.20
CA SER A 507 -3.81 -23.74 -1.88
C SER A 507 -3.25 -22.46 -1.19
N LEU A 508 -2.42 -21.70 -1.91
CA LEU A 508 -1.74 -20.55 -1.31
C LEU A 508 -2.77 -19.50 -0.84
N PHE A 509 -3.68 -19.16 -1.71
CA PHE A 509 -4.59 -18.04 -1.49
C PHE A 509 -5.74 -18.43 -0.54
N THR A 510 -5.96 -19.75 -0.39
CA THR A 510 -6.86 -20.29 0.66
C THR A 510 -6.24 -20.17 2.06
N ALA A 511 -4.97 -20.56 2.20
CA ALA A 511 -4.23 -20.31 3.43
C ALA A 511 -4.16 -18.81 3.76
N LEU A 512 -4.07 -17.96 2.74
CA LEU A 512 -3.91 -16.53 2.96
C LEU A 512 -5.27 -15.91 3.34
N ARG A 513 -6.34 -16.37 2.70
CA ARG A 513 -7.70 -16.16 3.21
C ARG A 513 -7.84 -16.55 4.69
N ASP A 514 -7.37 -17.75 5.03
CA ASP A 514 -7.46 -18.26 6.43
C ASP A 514 -6.51 -17.52 7.38
N GLN A 515 -5.77 -16.56 6.86
CA GLN A 515 -4.73 -15.87 7.63
C GLN A 515 -3.83 -16.83 8.40
N ASP A 516 -3.43 -17.92 7.74
CA ASP A 516 -2.62 -18.95 8.41
C ASP A 516 -1.14 -18.57 8.47
N GLY A 517 -0.82 -17.61 9.33
CA GLY A 517 0.54 -17.06 9.42
C GLY A 517 1.60 -18.09 9.74
N ASP A 518 1.25 -19.08 10.55
CA ASP A 518 2.21 -20.12 10.96
C ASP A 518 2.67 -20.92 9.74
N ARG A 519 1.79 -21.07 8.79
CA ARG A 519 2.04 -21.93 7.66
C ARG A 519 2.78 -21.16 6.55
N LEU A 520 2.55 -19.85 6.46
CA LEU A 520 3.05 -19.04 5.36
C LEU A 520 4.42 -18.43 5.70
N VAL A 521 4.55 -17.93 6.93
CA VAL A 521 5.80 -17.31 7.40
C VAL A 521 6.55 -18.27 8.30
N LEU A 522 7.87 -18.35 8.10
CA LEU A 522 8.71 -19.31 8.87
C LEU A 522 9.16 -18.74 10.22
N GLY B 6 25.90 0.98 -52.64
CA GLY B 6 24.68 1.68 -52.12
C GLY B 6 23.64 0.72 -51.54
N GLU B 7 24.05 -0.51 -51.24
CA GLU B 7 23.13 -1.51 -50.69
C GLU B 7 22.83 -1.21 -49.19
N PRO B 8 21.62 -1.51 -48.75
CA PRO B 8 21.28 -1.30 -47.38
C PRO B 8 22.28 -1.94 -46.42
N VAL B 9 22.63 -1.21 -45.38
CA VAL B 9 23.54 -1.68 -44.36
C VAL B 9 22.91 -1.46 -42.96
N TYR B 10 23.12 -2.42 -42.06
CA TYR B 10 22.33 -2.48 -40.84
C TYR B 10 23.20 -2.35 -39.57
N ALA B 11 24.53 -2.50 -39.74
CA ALA B 11 25.48 -2.17 -38.71
C ALA B 11 26.85 -1.89 -39.34
N ASP B 12 27.63 -1.02 -38.71
CA ASP B 12 29.10 -1.07 -38.81
C ASP B 12 29.65 -0.45 -40.10
N ALA B 13 28.84 0.32 -40.81
CA ALA B 13 29.28 0.89 -42.09
C ALA B 13 30.45 1.83 -41.88
N VAL B 14 30.32 2.74 -40.95
CA VAL B 14 31.34 3.74 -40.73
C VAL B 14 32.54 3.10 -40.11
N LEU B 15 32.30 2.20 -39.16
CA LEU B 15 33.38 1.50 -38.51
C LEU B 15 34.21 0.75 -39.54
N ASN B 16 33.52 -0.03 -40.40
CA ASN B 16 34.19 -0.83 -41.41
C ASN B 16 34.90 0.06 -42.44
N GLY B 17 34.23 1.15 -42.85
CA GLY B 17 34.82 2.10 -43.77
C GLY B 17 36.15 2.59 -43.23
N TRP B 18 36.15 2.93 -41.96
CA TRP B 18 37.33 3.45 -41.33
C TRP B 18 38.46 2.37 -41.21
N LEU B 19 38.10 1.16 -40.80
CA LEU B 19 39.09 0.06 -40.71
C LEU B 19 39.75 -0.26 -42.07
N THR B 20 38.93 -0.33 -43.12
CA THR B 20 39.44 -0.51 -44.48
C THR B 20 40.50 0.58 -44.81
N SER B 21 40.18 1.82 -44.58
CA SER B 21 41.07 2.89 -44.96
C SER B 21 42.39 2.85 -44.14
N MET B 22 42.33 2.27 -42.95
CA MET B 22 43.54 2.10 -42.11
C MET B 22 44.35 0.89 -42.56
N GLY B 23 43.78 0.08 -43.43
CA GLY B 23 44.37 -1.25 -43.77
C GLY B 23 44.07 -2.35 -42.73
N LEU B 24 42.97 -2.20 -41.99
CA LEU B 24 42.62 -3.18 -40.98
C LEU B 24 41.30 -3.84 -41.29
N GLY B 25 40.89 -3.74 -42.55
CA GLY B 25 39.63 -4.31 -43.00
C GLY B 25 39.77 -5.78 -43.31
N VAL B 26 39.78 -6.60 -42.27
CA VAL B 26 39.92 -8.04 -42.43
C VAL B 26 38.89 -8.76 -41.51
N GLU B 27 38.43 -9.94 -41.92
CA GLU B 27 37.56 -10.76 -41.10
C GLU B 27 38.29 -11.99 -40.67
N TYR B 28 38.48 -12.12 -39.36
CA TYR B 28 39.04 -13.31 -38.81
C TYR B 28 37.98 -14.38 -38.60
N VAL B 29 38.26 -15.60 -39.07
CA VAL B 29 37.22 -16.65 -39.14
C VAL B 29 37.44 -17.74 -38.14
N ARG B 30 38.64 -17.79 -37.59
CA ARG B 30 38.98 -18.79 -36.59
C ARG B 30 40.12 -18.28 -35.74
N ALA B 31 40.24 -18.78 -34.55
CA ALA B 31 41.33 -18.37 -33.65
C ALA B 31 41.75 -19.52 -32.76
N GLU B 32 43.04 -19.64 -32.53
CA GLU B 32 43.53 -20.53 -31.51
C GLU B 32 44.88 -20.09 -31.01
N GLY B 33 45.05 -20.13 -29.70
CA GLY B 33 46.25 -19.63 -29.09
C GLY B 33 46.49 -18.16 -29.40
N ASN B 34 47.64 -17.88 -29.97
CA ASN B 34 48.04 -16.51 -30.28
C ASN B 34 47.81 -16.18 -31.74
N THR B 35 47.01 -16.99 -32.40
CA THR B 35 46.83 -16.88 -33.82
C THR B 35 45.37 -16.69 -34.13
N VAL B 36 45.08 -15.69 -34.96
CA VAL B 36 43.81 -15.60 -35.62
C VAL B 36 43.99 -15.85 -37.11
N TYR B 37 42.99 -16.42 -37.76
CA TYR B 37 43.06 -16.76 -39.21
C TYR B 37 42.05 -15.97 -40.02
N TYR B 38 42.50 -15.35 -41.10
CA TYR B 38 41.59 -14.82 -42.10
C TYR B 38 41.67 -15.62 -43.42
N LEU B 39 40.65 -15.50 -44.27
CA LEU B 39 40.66 -16.14 -45.61
C LEU B 39 41.21 -15.19 -46.70
N ASP B 40 42.22 -15.67 -47.46
CA ASP B 40 42.74 -14.90 -48.61
C ASP B 40 41.83 -15.08 -49.83
N ASP B 41 42.20 -14.44 -50.96
CA ASP B 41 41.35 -14.44 -52.18
C ASP B 41 40.96 -15.87 -52.60
N GLU B 42 41.88 -16.81 -52.40
CA GLU B 42 41.72 -18.17 -52.89
C GLU B 42 40.97 -19.04 -51.87
N GLY B 43 40.79 -18.52 -50.65
CA GLY B 43 39.90 -19.14 -49.66
C GLY B 43 40.65 -20.01 -48.67
N ARG B 44 41.98 -19.89 -48.66
CA ARG B 44 42.78 -20.57 -47.63
C ARG B 44 43.01 -19.69 -46.37
N GLU B 45 43.28 -20.36 -45.26
CA GLU B 45 43.45 -19.70 -43.98
C GLU B 45 44.86 -19.14 -43.85
N VAL B 46 44.93 -17.83 -43.59
CA VAL B 46 46.19 -17.17 -43.31
C VAL B 46 46.34 -16.93 -41.81
N PRO B 47 47.38 -17.53 -41.20
CA PRO B 47 47.65 -17.29 -39.79
C PRO B 47 48.19 -15.86 -39.53
N VAL B 48 47.58 -15.16 -38.59
CA VAL B 48 48.06 -13.86 -38.15
C VAL B 48 48.35 -13.91 -36.67
N LEU B 49 49.52 -13.40 -36.27
CA LEU B 49 49.91 -13.37 -34.87
C LEU B 49 49.20 -12.20 -34.14
N ASP B 50 48.48 -12.52 -33.05
CA ASP B 50 47.63 -11.55 -32.38
C ASP B 50 48.36 -10.99 -31.14
N HIS B 51 48.75 -9.72 -31.20
CA HIS B 51 49.34 -9.02 -30.05
C HIS B 51 48.30 -8.19 -29.28
N ALA B 52 47.09 -8.08 -29.83
CA ALA B 52 46.03 -7.31 -29.22
C ALA B 52 45.28 -8.17 -28.19
N CYS B 53 44.79 -9.33 -28.65
CA CYS B 53 44.26 -10.36 -27.75
C CYS B 53 43.12 -9.83 -26.88
N GLY B 54 42.10 -9.29 -27.53
CA GLY B 54 40.97 -8.73 -26.81
C GLY B 54 41.35 -7.61 -25.84
N PHE B 55 42.29 -6.76 -26.26
CA PHE B 55 42.83 -5.71 -25.40
C PHE B 55 43.31 -6.29 -24.03
N GLY B 56 43.92 -7.47 -24.06
CA GLY B 56 44.52 -8.05 -22.84
C GLY B 56 43.57 -8.98 -22.11
N SER B 57 42.51 -9.38 -22.79
CA SER B 57 41.58 -10.38 -22.26
C SER B 57 42.16 -11.82 -22.27
N LEU B 58 43.16 -12.06 -23.09
CA LEU B 58 43.48 -13.45 -23.49
C LEU B 58 44.84 -13.85 -22.95
N ILE B 59 44.99 -13.79 -21.66
CA ILE B 59 46.22 -14.17 -21.03
C ILE B 59 46.57 -15.66 -21.40
N PHE B 60 45.54 -16.47 -21.62
CA PHE B 60 45.73 -17.89 -21.96
C PHE B 60 45.46 -18.15 -23.45
N GLY B 61 45.42 -17.07 -24.23
CA GLY B 61 45.19 -17.17 -25.69
C GLY B 61 43.74 -17.31 -26.07
N HIS B 62 43.49 -17.32 -27.37
CA HIS B 62 42.14 -17.62 -27.91
C HIS B 62 41.80 -19.09 -27.69
N ASN B 63 40.63 -19.36 -27.14
CA ASN B 63 40.05 -20.68 -27.16
C ASN B 63 40.97 -21.76 -26.60
N HIS B 64 41.41 -21.55 -25.38
CA HIS B 64 42.29 -22.46 -24.73
C HIS B 64 41.56 -23.76 -24.43
N PRO B 65 42.17 -24.90 -24.79
CA PRO B 65 41.43 -26.15 -24.81
C PRO B 65 40.83 -26.48 -23.44
N GLU B 66 41.58 -26.21 -22.37
CA GLU B 66 41.10 -26.38 -21.02
C GLU B 66 39.85 -25.58 -20.75
N ILE B 67 39.84 -24.33 -21.19
CA ILE B 67 38.68 -23.46 -20.96
C ILE B 67 37.49 -23.89 -21.84
N ILE B 68 37.77 -24.21 -23.07
CA ILE B 68 36.75 -24.78 -23.98
C ILE B 68 36.11 -26.11 -23.43
N ALA B 69 36.97 -27.03 -23.00
CA ALA B 69 36.52 -28.29 -22.45
C ALA B 69 35.67 -28.04 -21.22
N HIS B 70 36.13 -27.17 -20.32
CA HIS B 70 35.40 -26.87 -19.09
C HIS B 70 34.05 -26.23 -19.39
N ALA B 71 34.02 -25.31 -20.35
CA ALA B 71 32.75 -24.73 -20.81
C ALA B 71 31.79 -25.80 -21.34
N LYS B 72 32.28 -26.69 -22.20
CA LYS B 72 31.40 -27.75 -22.76
C LYS B 72 30.89 -28.69 -21.67
N ALA B 73 31.72 -29.00 -20.70
CA ALA B 73 31.29 -29.82 -19.55
C ALA B 73 30.20 -29.12 -18.73
N ALA B 74 30.39 -27.84 -18.48
CA ALA B 74 29.40 -27.07 -17.71
C ALA B 74 28.07 -27.06 -18.45
N LEU B 75 28.13 -26.89 -19.76
CA LEU B 75 26.90 -26.89 -20.59
C LEU B 75 26.19 -28.25 -20.55
N ASP B 76 26.97 -29.33 -20.62
CA ASP B 76 26.45 -30.69 -20.63
C ASP B 76 25.93 -31.11 -19.29
N ALA B 77 26.45 -30.51 -18.23
CA ALA B 77 25.94 -30.81 -16.86
C ALA B 77 24.61 -30.10 -16.55
N GLY B 78 24.16 -29.22 -17.43
CA GLY B 78 22.90 -28.49 -17.21
C GLY B 78 23.06 -27.46 -16.14
N THR B 79 24.23 -26.88 -16.07
CA THR B 79 24.53 -25.82 -15.16
C THR B 79 23.36 -24.81 -15.14
N VAL B 80 23.03 -24.32 -13.96
CA VAL B 80 21.95 -23.35 -13.81
C VAL B 80 22.49 -21.94 -14.05
N VAL B 81 22.24 -21.43 -15.23
CA VAL B 81 22.74 -20.14 -15.62
C VAL B 81 21.90 -19.04 -14.99
N HIS B 82 20.58 -19.20 -15.06
CA HIS B 82 19.64 -18.23 -14.46
C HIS B 82 18.99 -18.78 -13.20
N ALA B 83 19.49 -18.32 -12.08
CA ALA B 83 19.08 -18.83 -10.76
C ALA B 83 18.93 -17.64 -9.85
N GLN B 84 18.41 -16.54 -10.38
CA GLN B 84 18.36 -15.29 -9.66
C GLN B 84 17.58 -15.45 -8.40
N LEU B 85 18.08 -14.82 -7.32
CA LEU B 85 17.44 -14.88 -6.01
C LEU B 85 17.28 -16.32 -5.54
N SER B 86 18.38 -17.03 -5.58
CA SER B 86 18.54 -18.29 -4.89
C SER B 86 19.99 -18.41 -4.47
N ARG B 87 20.33 -19.47 -3.74
CA ARG B 87 21.69 -19.63 -3.22
C ARG B 87 22.62 -20.01 -4.32
N GLN B 88 23.71 -19.25 -4.44
CA GLN B 88 24.68 -19.47 -5.48
C GLN B 88 26.10 -19.44 -4.88
N PRO B 89 26.51 -20.55 -4.26
CA PRO B 89 27.75 -20.62 -3.50
C PRO B 89 29.00 -20.26 -4.29
N ARG B 90 28.95 -20.38 -5.62
CA ARG B 90 30.13 -20.22 -6.43
C ARG B 90 30.63 -18.78 -6.34
N ALA B 91 29.71 -17.84 -6.17
CA ALA B 91 30.08 -16.44 -5.94
C ALA B 91 30.95 -16.28 -4.71
N ASN B 92 30.50 -16.84 -3.59
CA ASN B 92 31.34 -16.85 -2.34
C ASN B 92 32.65 -17.60 -2.55
N GLN B 93 32.60 -18.63 -3.36
CA GLN B 93 33.80 -19.45 -3.61
C GLN B 93 34.86 -18.67 -4.43
N ILE B 94 34.42 -18.03 -5.49
CA ILE B 94 35.29 -17.17 -6.28
C ILE B 94 35.91 -16.09 -5.41
N SER B 95 35.11 -15.49 -4.56
CA SER B 95 35.61 -14.36 -3.74
C SER B 95 36.63 -14.85 -2.70
N ARG B 96 36.38 -16.03 -2.13
CA ARG B 96 37.32 -16.62 -1.21
C ARG B 96 38.73 -16.81 -1.86
N ILE B 97 38.75 -17.32 -3.06
CA ILE B 97 39.99 -17.46 -3.79
C ILE B 97 40.68 -16.10 -4.01
N LEU B 98 39.94 -15.13 -4.50
CA LEU B 98 40.51 -13.83 -4.81
C LEU B 98 41.05 -13.18 -3.52
N ASN B 99 40.30 -13.33 -2.45
CA ASN B 99 40.74 -12.89 -1.11
C ASN B 99 42.08 -13.54 -0.68
N ASP B 100 42.23 -14.85 -0.88
CA ASP B 100 43.44 -15.55 -0.45
C ASP B 100 44.63 -15.10 -1.27
N ILE B 101 44.43 -15.01 -2.60
CA ILE B 101 45.45 -14.52 -3.49
C ILE B 101 45.93 -13.16 -3.06
N MET B 102 45.01 -12.26 -2.78
CA MET B 102 45.41 -10.92 -2.45
C MET B 102 46.19 -10.89 -1.14
N ARG B 103 45.79 -11.71 -0.18
CA ARG B 103 46.50 -11.77 1.10
C ARG B 103 47.94 -12.22 0.88
N ARG B 104 48.09 -13.21 0.02
CA ARG B 104 49.38 -13.78 -0.26
C ARG B 104 50.31 -12.74 -0.88
N GLU B 105 49.76 -11.87 -1.72
CA GLU B 105 50.57 -11.01 -2.57
C GLU B 105 50.84 -9.66 -1.93
N THR B 106 49.97 -9.25 -1.00
CA THR B 106 50.12 -7.94 -0.33
C THR B 106 50.63 -8.05 1.13
N GLY B 107 50.59 -9.26 1.67
CA GLY B 107 50.87 -9.46 3.09
C GLY B 107 49.80 -8.92 4.02
N ARG B 108 48.75 -8.34 3.47
CA ARG B 108 47.68 -7.78 4.29
C ARG B 108 46.56 -8.79 4.49
N ASP B 109 46.04 -8.83 5.70
CA ASP B 109 45.04 -9.80 6.05
C ASP B 109 43.69 -9.09 6.10
N ASP B 110 43.32 -8.49 4.97
CA ASP B 110 42.03 -7.84 4.83
C ASP B 110 41.07 -8.77 4.15
N ARG B 111 39.77 -8.48 4.28
CA ARG B 111 38.76 -9.29 3.65
C ARG B 111 37.88 -8.44 2.74
N TYR B 112 37.45 -9.03 1.64
CA TYR B 112 36.70 -8.30 0.59
C TYR B 112 35.40 -9.00 0.30
N ASN B 113 34.32 -8.22 0.24
CA ASN B 113 33.10 -8.69 -0.34
C ASN B 113 33.13 -8.59 -1.87
N ALA B 114 32.47 -9.53 -2.53
CA ALA B 114 32.41 -9.57 -4.00
C ALA B 114 30.97 -9.30 -4.51
N ILE B 115 30.86 -8.35 -5.44
CA ILE B 115 29.70 -8.19 -6.25
C ILE B 115 30.08 -8.35 -7.72
N PHE B 116 29.30 -9.14 -8.45
CA PHE B 116 29.64 -9.50 -9.81
C PHE B 116 28.87 -8.66 -10.80
N ALA B 117 29.44 -8.46 -11.98
CA ALA B 117 28.70 -7.91 -13.08
C ALA B 117 29.18 -8.48 -14.41
N ASN B 118 28.92 -7.75 -15.50
CA ASN B 118 28.99 -8.32 -16.88
C ASN B 118 30.04 -7.66 -17.76
N SER B 119 30.62 -6.59 -17.28
CA SER B 119 31.68 -5.94 -18.00
C SER B 119 32.50 -5.12 -17.01
N GLY B 120 33.68 -4.68 -17.46
CA GLY B 120 34.57 -3.94 -16.64
C GLY B 120 33.98 -2.62 -16.23
N ALA B 121 33.26 -2.00 -17.16
CA ALA B 121 32.55 -0.79 -16.88
C ALA B 121 31.50 -1.00 -15.80
N GLU B 122 30.75 -2.09 -15.89
CA GLU B 122 29.70 -2.37 -14.89
C GLU B 122 30.32 -2.51 -13.47
N ALA B 123 31.53 -3.08 -13.40
CA ALA B 123 32.19 -3.38 -12.12
C ALA B 123 32.71 -2.07 -11.50
N ASN B 124 33.25 -1.22 -12.34
CA ASN B 124 33.63 0.12 -11.93
C ASN B 124 32.46 0.95 -11.48
N GLU B 125 31.30 0.70 -12.04
CA GLU B 125 30.11 1.49 -11.68
C GLU B 125 29.38 0.97 -10.42
N ILE B 126 29.57 -0.32 -10.13
CA ILE B 126 29.28 -0.84 -8.81
C ILE B 126 30.12 -0.09 -7.74
N CYS B 127 31.39 0.13 -8.05
CA CYS B 127 32.29 0.81 -7.14
C CYS B 127 31.91 2.29 -6.99
N MET B 128 31.56 2.94 -8.11
CA MET B 128 31.05 4.29 -8.07
C MET B 128 29.82 4.36 -7.15
N LYS B 129 28.89 3.43 -7.33
CA LYS B 129 27.65 3.41 -6.58
C LYS B 129 27.92 3.19 -5.07
N HIS B 130 28.74 2.22 -4.74
CA HIS B 130 29.04 1.94 -3.36
C HIS B 130 29.77 3.10 -2.73
N ALA B 131 30.65 3.74 -3.49
CA ALA B 131 31.38 4.93 -2.99
C ALA B 131 30.41 6.02 -2.62
N GLU B 132 29.38 6.17 -3.41
CA GLU B 132 28.39 7.19 -3.16
C GLU B 132 27.45 6.80 -2.04
N LEU B 133 27.29 5.50 -1.79
CA LEU B 133 26.61 5.04 -0.54
C LEU B 133 27.42 5.45 0.70
N GLU B 134 28.75 5.24 0.64
CA GLU B 134 29.67 5.71 1.70
C GLU B 134 29.58 7.21 1.89
N ARG B 135 29.67 7.96 0.79
CA ARG B 135 29.58 9.42 0.86
C ARG B 135 28.24 9.90 1.49
N GLN B 136 27.15 9.21 1.18
CA GLN B 136 25.85 9.55 1.79
C GLN B 136 25.80 9.24 3.30
N GLU B 137 26.43 8.14 3.72
CA GLU B 137 26.60 7.86 5.17
C GLU B 137 27.31 9.02 5.83
N ARG B 138 28.45 9.44 5.23
CA ARG B 138 29.28 10.51 5.82
C ARG B 138 28.49 11.75 5.89
N ILE B 139 27.72 12.01 4.85
CA ILE B 139 26.91 13.20 4.77
C ILE B 139 25.78 13.20 5.84
N THR B 140 25.12 12.06 6.02
CA THR B 140 24.07 11.92 7.05
C THR B 140 24.65 12.25 8.46
N ALA B 141 25.84 11.77 8.72
CA ALA B 141 26.46 11.90 10.03
C ALA B 141 26.84 13.36 10.27
N LEU B 142 27.57 13.95 9.33
CA LEU B 142 27.94 15.36 9.39
C LEU B 142 26.69 16.25 9.64
N PHE B 143 25.62 16.01 8.89
CA PHE B 143 24.38 16.83 9.00
C PHE B 143 23.60 16.57 10.32
N ALA B 144 23.65 15.34 10.82
CA ALA B 144 23.11 15.05 12.16
C ALA B 144 23.88 15.85 13.21
N GLU B 145 25.17 16.00 13.00
CA GLU B 145 26.05 16.69 13.95
C GLU B 145 25.76 18.18 13.90
N ILE B 146 25.49 18.67 12.69
CA ILE B 146 25.27 20.08 12.47
C ILE B 146 23.91 20.49 13.05
N ASP B 147 22.89 19.67 12.84
CA ASP B 147 21.61 19.84 13.53
C ASP B 147 21.86 20.09 15.01
N ALA B 148 22.58 19.15 15.64
CA ALA B 148 22.88 19.21 17.10
C ALA B 148 23.64 20.50 17.49
N GLU B 149 24.64 20.86 16.68
CA GLU B 149 25.42 22.09 16.93
C GLU B 149 24.52 23.31 16.86
N LEU B 150 23.56 23.28 15.94
CA LEU B 150 22.64 24.37 15.76
C LEU B 150 21.61 24.41 16.90
N ASP B 151 21.14 23.22 17.32
CA ASP B 151 20.31 23.08 18.55
C ASP B 151 21.03 23.68 19.77
N THR B 152 22.29 23.30 19.97
CA THR B 152 23.07 23.75 21.14
C THR B 152 23.29 25.28 21.10
N ALA B 153 23.72 25.79 19.96
CA ALA B 153 23.99 27.23 19.82
C ALA B 153 22.69 28.06 19.93
N ARG B 154 21.55 27.44 19.63
CA ARG B 154 20.25 28.14 19.73
C ARG B 154 19.74 28.16 21.16
N GLU B 155 20.14 27.18 21.96
CA GLU B 155 19.91 27.20 23.39
C GLU B 155 20.77 28.27 24.07
N ALA B 156 21.98 28.44 23.57
CA ALA B 156 22.92 29.40 24.15
C ALA B 156 22.48 30.85 23.88
N LEU B 157 21.98 31.10 22.67
CA LEU B 157 21.74 32.47 22.20
C LEU B 157 20.43 33.02 22.74
N THR B 158 19.37 32.19 22.70
CA THR B 158 18.02 32.64 23.09
C THR B 158 17.79 32.53 24.61
N THR B 159 18.63 31.74 25.27
CA THR B 159 18.74 31.77 26.73
C THR B 159 20.16 32.21 27.14
N GLY B 160 20.39 33.51 27.19
CA GLY B 160 21.48 34.07 27.96
C GLY B 160 22.84 33.87 27.32
N THR B 161 23.46 32.71 27.58
CA THR B 161 24.90 32.66 27.92
C THR B 161 25.79 33.34 26.86
N ALA B 162 25.41 33.24 25.58
CA ALA B 162 26.31 33.62 24.47
C ALA B 162 25.68 34.64 23.51
N THR B 163 26.53 35.30 22.72
CA THR B 163 26.06 36.24 21.69
C THR B 163 26.60 35.84 20.31
N LEU B 164 25.85 36.17 19.27
CA LEU B 164 26.24 35.90 17.91
C LEU B 164 27.27 36.94 17.42
N ASP B 165 28.53 36.53 17.35
CA ASP B 165 29.59 37.36 16.76
C ASP B 165 29.25 37.72 15.30
N THR B 166 29.20 39.01 15.02
CA THR B 166 28.68 39.50 13.74
C THR B 166 29.75 39.53 12.65
N ALA B 167 31.02 39.41 13.06
CA ALA B 167 32.14 39.40 12.10
C ALA B 167 32.05 38.18 11.16
N SER B 168 31.25 37.20 11.56
CA SER B 168 31.18 35.92 10.85
C SER B 168 29.92 35.81 9.98
N LEU B 169 29.10 36.86 9.95
CA LEU B 169 27.82 36.82 9.23
C LEU B 169 27.99 37.01 7.70
N PRO B 170 29.16 37.53 7.25
CA PRO B 170 29.36 37.57 5.81
C PRO B 170 29.29 36.16 5.13
N LEU B 171 29.54 35.10 5.91
CA LEU B 171 29.41 33.71 5.39
C LEU B 171 27.99 33.37 4.92
N ASP B 178 19.84 38.15 13.25
CA ASP B 178 18.65 37.47 13.75
C ASP B 178 18.85 35.94 13.78
N VAL B 179 18.52 35.32 14.91
CA VAL B 179 18.91 33.92 15.18
C VAL B 179 18.24 32.94 14.18
N ASP B 180 16.92 33.01 14.08
CA ASP B 180 16.16 32.08 13.23
C ASP B 180 16.50 32.24 11.75
N GLY B 181 16.73 33.48 11.33
CA GLY B 181 17.10 33.78 9.95
C GLY B 181 18.45 33.21 9.56
N VAL B 182 19.40 33.26 10.50
CA VAL B 182 20.74 32.76 10.24
C VAL B 182 20.73 31.22 10.10
N ILE B 183 19.91 30.57 10.90
CA ILE B 183 19.78 29.13 10.87
C ILE B 183 19.11 28.66 9.58
N ALA B 184 17.97 29.27 9.26
CA ALA B 184 17.27 28.99 8.00
C ALA B 184 18.19 29.23 6.80
N ASP B 185 18.98 30.31 6.86
CA ASP B 185 19.99 30.60 5.81
C ASP B 185 21.08 29.51 5.74
N ILE B 186 21.46 29.00 6.92
CA ILE B 186 22.45 27.93 6.99
C ILE B 186 21.88 26.61 6.43
N HIS B 187 20.63 26.29 6.76
CA HIS B 187 19.97 25.10 6.20
C HIS B 187 19.78 25.18 4.67
N ARG B 188 19.40 26.35 4.18
CA ARG B 188 19.27 26.55 2.74
C ARG B 188 20.62 26.34 2.03
N HIS B 189 21.66 27.02 2.52
CA HIS B 189 22.99 26.89 1.95
C HIS B 189 23.45 25.42 1.96
N ASN B 190 23.22 24.73 3.08
CA ASN B 190 23.70 23.36 3.24
C ASN B 190 22.90 22.37 2.35
N ASP B 191 21.62 22.69 2.12
CA ASP B 191 20.76 21.87 1.24
C ASP B 191 21.19 21.95 -0.24
N GLU B 192 21.46 23.16 -0.72
CA GLU B 192 22.06 23.32 -2.05
C GLU B 192 23.29 22.42 -2.17
N ARG B 193 24.22 22.60 -1.24
CA ARG B 193 25.50 21.88 -1.24
C ARG B 193 25.28 20.30 -1.27
N ARG B 194 24.30 19.84 -0.51
CA ARG B 194 24.09 18.44 -0.32
C ARG B 194 23.61 17.77 -1.60
N ALA B 195 22.84 18.51 -2.38
CA ALA B 195 22.26 17.96 -3.59
C ALA B 195 23.22 18.08 -4.77
N GLU B 196 24.32 18.79 -4.60
CA GLU B 196 25.32 18.93 -5.67
C GLU B 196 25.89 17.59 -6.04
N ARG B 197 26.20 17.42 -7.29
CA ARG B 197 26.79 16.20 -7.78
C ARG B 197 28.19 16.05 -7.16
N PRO B 198 28.59 14.81 -6.87
CA PRO B 198 29.90 14.58 -6.36
C PRO B 198 30.97 14.71 -7.44
N LEU B 199 32.20 14.59 -7.02
CA LEU B 199 33.30 14.57 -7.92
C LEU B 199 34.03 13.20 -7.85
N PHE B 200 34.61 12.78 -8.97
CA PHE B 200 35.51 11.62 -8.96
C PHE B 200 36.90 12.04 -9.38
N LEU B 201 37.90 11.39 -8.83
CA LEU B 201 39.25 11.71 -9.16
C LEU B 201 39.87 10.56 -9.96
N THR B 202 40.55 10.91 -11.04
CA THR B 202 41.19 9.94 -11.90
C THR B 202 42.53 10.50 -12.31
N LEU B 203 43.32 9.68 -13.01
CA LEU B 203 44.56 10.15 -13.60
C LEU B 203 44.34 10.59 -15.05
N ASP B 204 45.24 11.44 -15.54
CA ASP B 204 45.24 11.79 -16.95
C ASP B 204 45.49 10.54 -17.81
N GLY B 205 44.72 10.40 -18.88
CA GLY B 205 44.82 9.22 -19.75
C GLY B 205 43.99 8.02 -19.24
N SER B 206 43.21 8.24 -18.17
CA SER B 206 42.50 7.14 -17.50
C SER B 206 41.46 6.55 -18.45
N PHE B 207 41.37 5.23 -18.44
CA PHE B 207 40.29 4.53 -19.09
C PHE B 207 39.60 3.62 -18.07
N HIS B 208 38.34 3.92 -17.79
CA HIS B 208 37.59 3.15 -16.78
C HIS B 208 36.24 2.61 -17.32
N GLY B 209 36.05 2.70 -18.65
CA GLY B 209 34.79 2.29 -19.28
C GLY B 209 34.07 3.44 -19.98
N LYS B 210 33.01 3.09 -20.72
CA LYS B 210 32.37 4.06 -21.59
C LYS B 210 30.85 4.02 -21.46
N LEU B 211 30.35 3.64 -20.28
CA LEU B 211 28.93 3.81 -19.97
C LEU B 211 28.66 5.21 -19.39
N VAL B 212 27.40 5.51 -19.14
CA VAL B 212 26.98 6.89 -18.84
C VAL B 212 27.78 7.46 -17.65
N GLY B 213 28.06 6.60 -16.67
CA GLY B 213 28.80 7.01 -15.46
C GLY B 213 30.28 6.96 -15.68
N SER B 214 30.75 5.79 -16.13
CA SER B 214 32.16 5.54 -16.25
C SER B 214 32.82 6.38 -17.33
N ILE B 215 32.07 6.73 -18.38
CA ILE B 215 32.66 7.53 -19.48
C ILE B 215 33.21 8.87 -18.96
N GLN B 216 32.54 9.45 -17.97
CA GLN B 216 33.04 10.67 -17.33
C GLN B 216 34.44 10.44 -16.75
N LEU B 217 34.76 9.17 -16.49
CA LEU B 217 35.99 8.80 -15.79
C LEU B 217 37.07 8.46 -16.80
N THR B 218 36.72 8.59 -18.07
CA THR B 218 37.62 8.23 -19.14
C THR B 218 38.05 9.49 -19.89
N GLN B 219 39.35 9.73 -19.92
CA GLN B 219 39.88 10.99 -20.39
C GLN B 219 39.55 11.22 -21.89
N ASN B 220 39.94 10.27 -22.73
CA ASN B 220 39.85 10.41 -24.20
C ASN B 220 38.72 11.34 -24.60
N GLU B 221 39.07 12.48 -25.15
CA GLU B 221 38.16 13.65 -25.14
C GLU B 221 36.94 13.47 -26.10
N PRO B 222 37.18 12.88 -27.29
CA PRO B 222 36.04 12.70 -28.21
C PRO B 222 35.07 11.61 -27.72
N TRP B 223 35.54 10.70 -26.89
CA TRP B 223 34.66 9.65 -26.30
C TRP B 223 33.78 10.21 -25.20
N ARG B 224 34.27 11.25 -24.51
CA ARG B 224 33.67 11.70 -23.25
C ARG B 224 32.91 13.01 -23.40
N THR B 225 33.52 14.02 -24.03
CA THR B 225 32.99 15.44 -23.93
C THR B 225 31.56 15.60 -24.48
N PRO B 226 31.15 14.74 -25.46
CA PRO B 226 29.74 14.81 -25.93
C PRO B 226 28.71 14.53 -24.82
N PHE B 227 29.18 13.88 -23.73
CA PHE B 227 28.32 13.27 -22.75
C PHE B 227 28.48 13.91 -21.37
N THR B 228 29.22 15.03 -21.32
CA THR B 228 29.58 15.72 -20.04
C THR B 228 28.36 16.08 -19.13
N ALA B 229 27.24 16.41 -19.75
CA ALA B 229 26.10 16.91 -19.01
C ALA B 229 25.34 15.79 -18.29
N LEU B 230 25.62 14.54 -18.64
CA LEU B 230 24.79 13.41 -18.20
C LEU B 230 25.04 13.06 -16.74
N SER B 231 26.30 13.12 -16.32
CA SER B 231 26.75 12.41 -15.12
C SER B 231 27.90 13.15 -14.44
N SER B 232 28.19 12.78 -13.20
CA SER B 232 29.22 13.46 -12.41
C SER B 232 30.56 13.38 -13.12
N PRO B 233 31.38 14.40 -12.98
CA PRO B 233 32.63 14.45 -13.67
C PRO B 233 33.77 13.97 -12.80
N ALA B 234 34.94 13.88 -13.42
CA ALA B 234 36.16 13.57 -12.73
C ALA B 234 37.12 14.71 -12.94
N ARG B 235 38.09 14.83 -12.05
CA ARG B 235 39.22 15.62 -12.31
C ARG B 235 40.38 14.73 -12.63
N PHE B 236 40.99 15.00 -13.77
CA PHE B 236 42.04 14.19 -14.24
C PHE B 236 43.37 14.73 -13.72
N LEU B 237 43.92 14.03 -12.73
CA LEU B 237 45.12 14.47 -12.09
C LEU B 237 46.33 14.13 -12.94
N PRO B 238 47.35 15.01 -12.95
CA PRO B 238 48.57 14.79 -13.71
C PRO B 238 49.50 13.79 -13.07
N ALA B 239 49.56 12.59 -13.64
CA ALA B 239 50.32 11.48 -13.06
C ALA B 239 51.80 11.79 -13.02
N ASP B 240 52.27 12.50 -14.05
CA ASP B 240 53.72 12.75 -14.22
C ASP B 240 54.25 13.78 -13.21
N GLU B 241 53.37 14.64 -12.70
CA GLU B 241 53.74 15.69 -11.75
C GLU B 241 52.85 15.64 -10.50
N PRO B 242 53.15 14.71 -9.57
CA PRO B 242 52.32 14.52 -8.35
C PRO B 242 52.34 15.74 -7.42
N GLU B 243 53.38 16.55 -7.55
CA GLU B 243 53.52 17.78 -6.75
C GLU B 243 52.33 18.71 -7.00
N LEU B 244 51.71 18.58 -8.18
CA LEU B 244 50.60 19.48 -8.61
C LEU B 244 49.19 19.02 -8.11
N ILE B 245 49.10 17.80 -7.59
CA ILE B 245 47.81 17.17 -7.34
C ILE B 245 47.16 17.69 -6.06
N GLY B 246 47.99 17.86 -5.02
CA GLY B 246 47.58 18.55 -3.79
C GLY B 246 46.69 19.73 -4.01
N LYS B 247 47.10 20.62 -4.90
CA LYS B 247 46.46 21.93 -5.01
C LYS B 247 45.21 21.87 -5.88
N ILE B 248 45.22 21.01 -6.89
CA ILE B 248 44.03 20.81 -7.72
C ILE B 248 42.89 20.27 -6.88
N VAL B 249 43.23 19.38 -5.96
CA VAL B 249 42.24 18.75 -5.09
C VAL B 249 41.82 19.70 -4.00
N GLU B 250 42.77 20.49 -3.50
CA GLU B 250 42.45 21.60 -2.58
C GLU B 250 41.43 22.54 -3.17
N ASP B 251 41.57 22.86 -4.46
CA ASP B 251 40.58 23.74 -5.14
C ASP B 251 39.18 23.23 -4.97
N GLU B 252 39.02 21.90 -4.91
CA GLU B 252 37.67 21.29 -5.00
C GLU B 252 37.01 21.18 -3.63
N ARG B 253 37.75 21.49 -2.57
CA ARG B 253 37.16 21.55 -1.24
C ARG B 253 35.92 22.40 -1.28
N ARG B 254 34.89 21.94 -0.63
CA ARG B 254 33.66 22.74 -0.41
C ARG B 254 33.26 22.57 1.03
N SER B 255 32.56 23.54 1.56
CA SER B 255 32.19 23.48 2.95
C SER B 255 30.71 23.77 3.16
N VAL B 256 30.17 23.19 4.22
CA VAL B 256 28.89 23.58 4.76
C VAL B 256 29.07 24.51 5.99
N LEU B 257 27.95 25.01 6.50
CA LEU B 257 27.98 25.96 7.57
C LEU B 257 27.38 25.35 8.82
N THR B 258 27.88 25.78 9.97
CA THR B 258 27.24 25.50 11.22
C THR B 258 27.41 26.66 12.20
N LEU B 259 26.79 26.52 13.38
CA LEU B 259 27.04 27.41 14.49
C LEU B 259 27.98 26.77 15.57
N SER B 260 29.14 27.39 15.78
CA SER B 260 30.12 26.92 16.76
C SER B 260 30.05 27.74 18.04
N LEU B 261 29.58 27.12 19.13
CA LEU B 261 29.54 27.75 20.46
C LEU B 261 30.94 27.69 21.14
N ASP B 262 31.36 28.81 21.73
CA ASP B 262 32.55 28.84 22.62
C ASP B 262 32.20 29.52 23.96
N LYS B 263 31.22 28.94 24.69
CA LYS B 263 30.78 29.44 26.02
C LYS B 263 30.12 30.84 25.95
N ASP B 264 30.93 31.86 25.66
CA ASP B 264 30.42 33.24 25.56
C ASP B 264 29.99 33.60 24.11
N THR B 265 30.69 33.03 23.12
CA THR B 265 30.57 33.47 21.72
C THR B 265 29.97 32.36 20.84
N VAL B 266 29.04 32.74 19.96
CA VAL B 266 28.62 31.86 18.85
C VAL B 266 29.08 32.45 17.51
N ARG B 267 29.74 31.61 16.69
CA ARG B 267 30.15 32.02 15.33
C ARG B 267 29.51 31.10 14.28
N VAL B 268 29.13 31.67 13.15
CA VAL B 268 28.97 30.89 11.93
C VAL B 268 30.35 30.47 11.43
N VAL B 269 30.52 29.17 11.17
CA VAL B 269 31.78 28.65 10.66
C VAL B 269 31.58 27.61 9.58
N GLU B 270 32.57 27.51 8.70
CA GLU B 270 32.56 26.50 7.64
C GLU B 270 33.14 25.19 8.16
N ARG B 271 32.44 24.09 7.89
CA ARG B 271 32.99 22.73 8.03
C ARG B 271 33.19 22.06 6.64
N ASP B 272 34.13 21.10 6.54
CA ASP B 272 34.33 20.32 5.29
C ASP B 272 33.06 19.54 4.88
N PHE B 273 32.74 19.62 3.59
CA PHE B 273 31.71 18.75 2.98
C PHE B 273 32.40 17.69 2.14
N PRO B 274 32.03 16.41 2.32
CA PRO B 274 32.60 15.36 1.47
C PRO B 274 32.11 15.46 -0.01
N VAL B 275 32.98 16.02 -0.87
CA VAL B 275 32.67 16.22 -2.31
C VAL B 275 33.10 14.99 -3.15
N VAL B 276 34.20 14.38 -2.76
CA VAL B 276 34.87 13.44 -3.59
C VAL B 276 34.42 12.03 -3.25
N ALA B 277 33.72 11.37 -4.20
CA ALA B 277 33.12 10.05 -3.95
C ALA B 277 34.15 8.94 -4.01
N ALA B 278 35.12 9.07 -4.91
CA ALA B 278 36.18 8.07 -5.02
C ALA B 278 37.35 8.57 -5.82
N ILE B 279 38.51 7.97 -5.57
CA ILE B 279 39.64 8.03 -6.46
C ILE B 279 39.72 6.70 -7.24
N PHE B 280 39.89 6.78 -8.58
CA PHE B 280 40.16 5.56 -9.43
C PHE B 280 41.59 5.57 -9.92
N VAL B 281 42.22 4.39 -9.95
CA VAL B 281 43.55 4.26 -10.56
C VAL B 281 43.72 2.94 -11.27
N GLU B 282 44.42 2.98 -12.42
CA GLU B 282 44.92 1.79 -13.04
C GLU B 282 46.38 1.62 -12.69
N PRO B 283 46.74 0.41 -12.24
CA PRO B 283 48.15 0.13 -11.90
C PRO B 283 49.07 0.31 -13.09
N VAL B 284 48.59 -0.12 -14.26
CA VAL B 284 49.23 0.18 -15.52
C VAL B 284 48.21 0.81 -16.41
N ARG B 285 48.55 1.97 -16.96
CA ARG B 285 47.56 2.91 -17.42
C ARG B 285 47.39 2.83 -18.95
N GLY B 286 46.48 1.94 -19.38
CA GLY B 286 46.33 1.59 -20.81
C GLY B 286 46.09 2.78 -21.69
N GLY B 287 45.14 3.63 -21.28
CA GLY B 287 44.82 4.82 -22.06
C GLY B 287 45.96 5.84 -22.15
N SER B 288 47.03 5.58 -21.41
CA SER B 288 48.18 6.50 -21.36
C SER B 288 49.36 5.90 -22.10
N GLY B 289 49.15 4.73 -22.72
CA GLY B 289 50.22 4.01 -23.39
C GLY B 289 50.97 3.05 -22.48
N MET B 290 50.26 2.46 -21.52
CA MET B 290 50.81 1.35 -20.70
C MET B 290 51.85 1.82 -19.65
N LYS B 291 51.69 3.03 -19.17
CA LYS B 291 52.59 3.56 -18.16
C LYS B 291 52.23 3.02 -16.78
N THR B 292 53.20 2.45 -16.10
CA THR B 292 52.98 1.96 -14.73
C THR B 292 52.97 3.14 -13.73
N VAL B 293 52.04 3.10 -12.79
CA VAL B 293 52.03 4.04 -11.68
C VAL B 293 53.36 3.96 -10.90
N THR B 294 54.01 5.11 -10.77
CA THR B 294 55.28 5.22 -10.02
C THR B 294 54.99 5.14 -8.54
N PRO B 295 56.03 4.85 -7.73
CA PRO B 295 55.88 4.89 -6.26
C PRO B 295 55.48 6.28 -5.72
N GLU B 296 56.02 7.34 -6.33
CA GLU B 296 55.68 8.72 -5.93
C GLU B 296 54.18 9.01 -6.15
N LEU B 297 53.64 8.51 -7.25
CA LEU B 297 52.19 8.70 -7.55
C LEU B 297 51.28 7.86 -6.62
N ALA B 298 51.67 6.63 -6.41
CA ALA B 298 50.99 5.80 -5.45
C ALA B 298 50.92 6.47 -4.08
N GLU B 299 52.03 7.04 -3.63
CA GLU B 299 52.07 7.66 -2.29
C GLU B 299 51.13 8.85 -2.24
N GLU B 300 51.01 9.55 -3.37
CA GLU B 300 50.13 10.71 -3.43
C GLU B 300 48.64 10.28 -3.42
N LEU B 301 48.33 9.14 -4.04
CA LEU B 301 46.96 8.63 -4.07
C LEU B 301 46.55 8.09 -2.67
N HIS B 302 47.49 7.49 -1.98
CA HIS B 302 47.31 7.13 -0.54
C HIS B 302 47.04 8.35 0.36
N ARG B 303 47.80 9.42 0.15
CA ARG B 303 47.59 10.62 0.89
C ARG B 303 46.19 11.14 0.67
N LEU B 304 45.76 11.17 -0.60
CA LEU B 304 44.44 11.71 -0.94
C LEU B 304 43.35 10.86 -0.30
N ARG B 305 43.51 9.54 -0.40
CA ARG B 305 42.55 8.61 0.14
C ARG B 305 42.49 8.76 1.67
N ASP B 306 43.64 8.83 2.32
CA ASP B 306 43.71 9.11 3.80
C ASP B 306 43.13 10.50 4.15
N THR B 307 43.46 11.49 3.35
CA THR B 307 43.00 12.86 3.61
C THR B 307 41.50 13.03 3.43
N LEU B 308 40.96 12.55 2.31
CA LEU B 308 39.54 12.83 1.95
C LEU B 308 38.61 11.84 2.60
N GLY B 309 39.13 10.65 2.91
CA GLY B 309 38.31 9.58 3.53
C GLY B 309 37.35 8.85 2.55
N CYS B 310 37.56 9.05 1.26
CA CYS B 310 36.83 8.28 0.24
C CYS B 310 37.65 7.12 -0.20
N PRO B 311 37.01 6.13 -0.82
CA PRO B 311 37.76 4.93 -1.19
C PRO B 311 38.63 5.14 -2.41
N LEU B 312 39.82 4.56 -2.36
CA LEU B 312 40.66 4.41 -3.55
C LEU B 312 40.28 3.09 -4.34
N VAL B 313 39.73 3.28 -5.54
CA VAL B 313 39.27 2.17 -6.36
C VAL B 313 40.33 1.80 -7.35
N VAL B 314 40.85 0.60 -7.20
CA VAL B 314 41.91 0.12 -8.08
C VAL B 314 41.33 -0.70 -9.20
N ASP B 315 41.48 -0.18 -10.42
CA ASP B 315 40.84 -0.78 -11.63
C ASP B 315 41.82 -1.75 -12.27
N GLU B 316 41.61 -3.04 -12.02
CA GLU B 316 42.47 -4.07 -12.54
C GLU B 316 41.76 -4.85 -13.64
N VAL B 317 40.79 -4.20 -14.30
CA VAL B 317 40.10 -4.81 -15.43
C VAL B 317 41.11 -5.36 -16.48
N GLN B 318 42.22 -4.63 -16.67
CA GLN B 318 43.23 -5.00 -17.65
C GLN B 318 44.48 -5.62 -16.99
N THR B 319 44.92 -5.04 -15.84
CA THR B 319 46.19 -5.44 -15.21
C THR B 319 46.10 -6.74 -14.40
N GLY B 320 44.88 -7.15 -14.05
CA GLY B 320 44.67 -8.32 -13.21
C GLY B 320 44.72 -9.68 -13.95
N ILE B 321 44.56 -10.75 -13.16
CA ILE B 321 44.65 -12.10 -13.63
C ILE B 321 45.97 -12.35 -14.35
N GLY B 322 47.06 -11.83 -13.77
CA GLY B 322 48.39 -12.38 -14.02
C GLY B 322 49.20 -11.55 -15.01
N ARG B 323 48.53 -10.63 -15.66
CA ARG B 323 49.07 -9.93 -16.82
C ARG B 323 50.44 -9.27 -16.52
N THR B 324 50.57 -8.65 -15.34
CA THR B 324 51.76 -7.89 -14.99
C THR B 324 52.85 -8.77 -14.40
N GLY B 325 52.53 -10.03 -14.11
CA GLY B 325 53.51 -10.94 -13.55
C GLY B 325 53.21 -11.25 -12.10
N ALA B 326 52.14 -10.63 -11.60
CA ALA B 326 51.39 -11.16 -10.46
C ALA B 326 49.90 -11.15 -10.80
N PHE B 327 49.07 -11.70 -9.92
CA PHE B 327 47.63 -11.64 -10.11
C PHE B 327 47.16 -10.20 -10.09
N PHE B 328 47.50 -9.49 -9.03
CA PHE B 328 47.14 -8.12 -8.92
C PHE B 328 48.34 -7.23 -9.24
N GLY B 329 48.21 -6.42 -10.27
CA GLY B 329 49.20 -5.38 -10.56
C GLY B 329 49.38 -4.38 -9.42
N SER B 330 48.30 -4.10 -8.72
CA SER B 330 48.34 -3.24 -7.53
C SER B 330 49.32 -3.81 -6.46
N ALA B 331 49.29 -5.13 -6.28
CA ALA B 331 50.16 -5.79 -5.31
C ALA B 331 51.63 -5.64 -5.71
N LEU B 332 51.88 -5.75 -7.01
CA LEU B 332 53.22 -5.66 -7.55
C LEU B 332 53.78 -4.26 -7.34
N LEU B 333 52.95 -3.23 -7.54
CA LEU B 333 53.43 -1.84 -7.55
C LEU B 333 53.13 -1.11 -6.22
N GLY B 334 52.63 -1.86 -5.23
CA GLY B 334 52.34 -1.28 -3.90
C GLY B 334 51.22 -0.21 -3.87
N ILE B 335 50.17 -0.39 -4.68
CA ILE B 335 48.94 0.43 -4.55
C ILE B 335 47.89 -0.24 -3.60
N ARG B 336 47.62 0.43 -2.48
CA ARG B 336 46.75 -0.12 -1.44
C ARG B 336 45.36 0.51 -1.57
N GLY B 337 44.50 -0.11 -2.37
CA GLY B 337 43.18 0.40 -2.64
C GLY B 337 42.21 -0.09 -1.63
N ASP B 338 41.00 0.47 -1.64
CA ASP B 338 39.93 0.02 -0.79
C ASP B 338 38.95 -0.90 -1.57
N TYR B 339 38.68 -0.56 -2.84
CA TYR B 339 37.91 -1.46 -3.76
C TYR B 339 38.81 -1.92 -4.87
N TYR B 340 38.48 -3.06 -5.46
CA TYR B 340 39.23 -3.56 -6.65
C TYR B 340 38.24 -4.07 -7.71
N THR B 341 38.57 -3.91 -8.97
CA THR B 341 37.74 -4.44 -10.02
C THR B 341 38.48 -5.28 -10.94
N LEU B 342 37.82 -6.33 -11.39
CA LEU B 342 38.40 -7.25 -12.34
C LEU B 342 37.40 -7.50 -13.47
N ALA B 343 37.88 -7.77 -14.67
CA ALA B 343 37.03 -8.28 -15.74
C ALA B 343 37.90 -9.00 -16.83
N LYS B 344 37.77 -8.58 -18.08
CA LYS B 344 38.51 -9.15 -19.19
C LYS B 344 38.87 -10.67 -19.05
N ALA B 345 40.08 -10.97 -18.57
CA ALA B 345 40.62 -12.34 -18.65
C ALA B 345 39.82 -13.35 -17.80
N ILE B 346 39.00 -12.87 -16.87
CA ILE B 346 38.23 -13.74 -15.97
C ILE B 346 37.14 -14.51 -16.71
N GLY B 347 36.78 -14.03 -17.89
CA GLY B 347 35.84 -14.76 -18.74
C GLY B 347 36.47 -15.89 -19.57
N GLY B 348 37.78 -16.05 -19.46
CA GLY B 348 38.48 -17.21 -20.09
C GLY B 348 38.62 -17.05 -21.60
N GLY B 349 38.33 -15.85 -22.09
CA GLY B 349 38.36 -15.60 -23.49
C GLY B 349 37.06 -15.99 -24.20
N ILE B 350 36.07 -16.47 -23.45
CA ILE B 350 34.86 -16.97 -24.07
C ILE B 350 33.58 -16.37 -23.51
N VAL B 351 33.54 -16.05 -22.20
CA VAL B 351 32.34 -15.47 -21.59
C VAL B 351 32.59 -14.11 -20.91
N LYS B 352 31.53 -13.51 -20.41
CA LYS B 352 31.56 -12.11 -19.94
C LYS B 352 31.25 -12.08 -18.47
N ASN B 353 32.19 -11.55 -17.70
CA ASN B 353 32.10 -11.57 -16.23
C ASN B 353 32.95 -10.44 -15.68
N SER B 354 32.58 -9.93 -14.51
CA SER B 354 33.45 -8.99 -13.79
C SER B 354 33.08 -8.95 -12.34
N VAL B 355 33.91 -8.33 -11.55
CA VAL B 355 33.73 -8.36 -10.11
C VAL B 355 34.28 -7.10 -9.44
N ALA B 356 33.51 -6.56 -8.54
CA ALA B 356 33.99 -5.54 -7.64
C ALA B 356 34.25 -6.15 -6.31
N LEU B 357 35.47 -5.96 -5.80
CA LEU B 357 35.81 -6.40 -4.44
C LEU B 357 35.88 -5.20 -3.56
N ILE B 358 35.10 -5.20 -2.49
CA ILE B 358 34.97 -4.01 -1.64
C ILE B 358 35.30 -4.38 -0.21
N ARG B 359 36.24 -3.67 0.40
CA ARG B 359 36.78 -4.14 1.70
C ARG B 359 35.64 -4.27 2.70
N GLN B 360 35.64 -5.35 3.48
CA GLN B 360 34.47 -5.71 4.30
C GLN B 360 34.22 -4.77 5.43
N ASP B 361 35.25 -4.10 5.90
CA ASP B 361 35.05 -3.08 6.95
C ASP B 361 34.52 -1.75 6.38
N ARG B 362 34.42 -1.64 5.05
CA ARG B 362 33.75 -0.46 4.42
C ARG B 362 32.39 -0.83 3.81
N PHE B 363 32.12 -2.11 3.67
CA PHE B 363 31.05 -2.57 2.82
C PHE B 363 29.72 -2.40 3.47
N LEU B 364 28.83 -1.67 2.82
CA LEU B 364 27.50 -1.44 3.31
C LEU B 364 26.52 -2.50 2.82
N PRO B 365 25.86 -3.16 3.76
CA PRO B 365 25.16 -4.40 3.42
C PRO B 365 23.95 -4.18 2.53
N ALA B 366 23.42 -2.95 2.52
CA ALA B 366 22.30 -2.62 1.64
C ALA B 366 22.64 -2.93 0.16
N MET B 367 23.90 -2.74 -0.20
CA MET B 367 24.35 -2.90 -1.56
C MET B 367 24.02 -4.31 -2.07
N GLU B 368 24.05 -5.29 -1.18
CA GLU B 368 23.81 -6.69 -1.57
C GLU B 368 22.38 -6.90 -2.02
N VAL B 369 21.46 -6.07 -1.52
CA VAL B 369 20.05 -6.24 -1.82
C VAL B 369 19.46 -5.15 -2.71
N ILE B 370 20.11 -3.99 -2.79
CA ILE B 370 19.58 -2.93 -3.67
C ILE B 370 20.25 -2.89 -5.04
N HIS B 371 21.41 -3.51 -5.17
CA HIS B 371 22.02 -3.71 -6.48
C HIS B 371 21.74 -5.11 -7.02
N SER B 372 21.47 -5.19 -8.32
CA SER B 372 21.35 -6.49 -9.00
C SER B 372 21.47 -6.32 -10.52
N SER B 373 21.55 -7.45 -11.22
CA SER B 373 21.64 -7.48 -12.66
C SER B 373 21.17 -8.86 -13.13
N THR B 374 20.44 -8.92 -14.24
CA THR B 374 19.85 -10.16 -14.68
C THR B 374 20.93 -11.20 -14.92
N PHE B 375 21.95 -10.83 -15.67
CA PHE B 375 22.95 -11.76 -16.12
C PHE B 375 24.06 -11.97 -15.08
N ALA B 376 24.18 -11.07 -14.12
CA ALA B 376 25.33 -11.10 -13.20
C ALA B 376 25.28 -12.35 -12.36
N LYS B 377 26.44 -12.95 -12.17
CA LYS B 377 26.55 -14.05 -11.25
C LYS B 377 25.93 -15.32 -11.83
N ASP B 378 25.75 -15.34 -13.13
CA ASP B 378 25.23 -16.51 -13.81
C ASP B 378 26.13 -17.72 -13.56
N GLY B 379 25.55 -18.91 -13.64
CA GLY B 379 26.26 -20.13 -13.36
C GLY B 379 27.42 -20.38 -14.29
N LEU B 380 27.23 -20.12 -15.57
CA LEU B 380 28.21 -20.50 -16.57
C LEU B 380 29.50 -19.72 -16.42
N SER B 381 29.40 -18.40 -16.36
CA SER B 381 30.58 -17.55 -16.22
C SER B 381 31.18 -17.67 -14.82
N ALA B 382 30.37 -18.05 -13.85
CA ALA B 382 30.88 -18.45 -12.50
C ALA B 382 31.79 -19.68 -12.59
N SER B 383 31.32 -20.72 -13.26
CA SER B 383 32.09 -21.94 -13.41
C SER B 383 33.45 -21.65 -14.14
N ILE B 384 33.38 -20.86 -15.21
CA ILE B 384 34.55 -20.58 -16.02
C ILE B 384 35.54 -19.67 -15.29
N ALA B 385 35.01 -18.73 -14.50
CA ALA B 385 35.85 -17.98 -13.52
C ALA B 385 36.70 -18.93 -12.65
N LEU B 386 36.05 -19.88 -11.97
CA LEU B 386 36.75 -20.83 -11.07
C LEU B 386 37.80 -21.62 -11.84
N LYS B 387 37.54 -21.88 -13.10
CA LYS B 387 38.54 -22.55 -13.95
C LYS B 387 39.74 -21.64 -14.20
N VAL B 388 39.48 -20.43 -14.63
CA VAL B 388 40.55 -19.49 -14.91
C VAL B 388 41.42 -19.27 -13.65
N LEU B 389 40.78 -19.17 -12.50
CA LEU B 389 41.50 -18.98 -11.25
C LEU B 389 42.35 -20.19 -10.90
N GLU B 390 41.81 -21.37 -11.17
CA GLU B 390 42.56 -22.58 -10.97
C GLU B 390 43.81 -22.59 -11.90
N MET B 391 43.64 -22.13 -13.12
CA MET B 391 44.71 -22.22 -14.10
C MET B 391 45.83 -21.25 -13.78
N VAL B 392 45.49 -20.04 -13.41
CA VAL B 392 46.47 -19.05 -13.17
C VAL B 392 47.21 -19.29 -11.82
N GLU B 393 46.53 -19.97 -10.89
CA GLU B 393 47.12 -20.33 -9.60
C GLU B 393 47.98 -21.62 -9.63
N ALA B 394 47.86 -22.39 -10.71
CA ALA B 394 48.33 -23.79 -10.72
C ALA B 394 49.85 -23.89 -10.48
N ASP B 395 50.28 -25.06 -10.00
CA ASP B 395 51.71 -25.42 -9.97
C ASP B 395 52.51 -24.37 -9.19
N GLY B 396 51.95 -23.94 -8.05
CA GLY B 396 52.70 -23.19 -7.06
C GLY B 396 53.05 -21.81 -7.53
N GLY B 397 52.24 -21.26 -8.44
CA GLY B 397 52.41 -19.90 -8.91
C GLY B 397 53.43 -19.79 -10.04
N ARG B 398 53.55 -20.86 -10.82
CA ARG B 398 54.52 -20.89 -11.89
C ARG B 398 54.05 -20.06 -13.08
N VAL B 399 52.73 -19.89 -13.20
CA VAL B 399 52.16 -19.21 -14.37
C VAL B 399 52.55 -17.75 -14.33
N TYR B 400 52.58 -17.18 -13.14
CA TYR B 400 53.08 -15.81 -12.97
C TYR B 400 54.55 -15.72 -13.39
N GLN B 401 55.35 -16.69 -12.97
CA GLN B 401 56.77 -16.77 -13.35
C GLN B 401 56.91 -16.76 -14.86
N ARG B 402 56.06 -17.54 -15.51
CA ARG B 402 56.05 -17.65 -16.94
C ARG B 402 55.69 -16.31 -17.61
N VAL B 403 54.67 -15.64 -17.10
CA VAL B 403 54.34 -14.28 -17.58
C VAL B 403 55.57 -13.34 -17.48
N ARG B 404 56.26 -13.40 -16.35
CA ARG B 404 57.40 -12.52 -16.12
C ARG B 404 58.54 -12.80 -17.09
N GLU B 405 58.88 -14.08 -17.28
CA GLU B 405 59.98 -14.44 -18.20
C GLU B 405 59.61 -14.20 -19.68
N ARG B 406 58.35 -14.46 -20.05
CA ARG B 406 57.86 -14.11 -21.42
C ARG B 406 57.83 -12.58 -21.62
N GLY B 407 57.44 -11.85 -20.58
CA GLY B 407 57.39 -10.41 -20.63
C GLY B 407 58.78 -9.80 -20.78
N GLN B 408 59.73 -10.28 -19.97
CA GLN B 408 61.14 -9.85 -20.06
C GLN B 408 61.66 -10.05 -21.48
N ARG B 409 61.43 -11.23 -22.02
CA ARG B 409 61.82 -11.54 -23.37
C ARG B 409 61.25 -10.55 -24.37
N LEU B 410 59.95 -10.22 -24.22
CA LEU B 410 59.25 -9.40 -25.19
C LEU B 410 59.66 -7.95 -25.05
N GLU B 411 59.84 -7.50 -23.81
CA GLU B 411 60.28 -6.13 -23.56
C GLU B 411 61.75 -5.91 -24.04
N ALA B 412 62.60 -6.93 -23.89
CA ALA B 412 63.99 -6.84 -24.35
C ALA B 412 64.05 -6.70 -25.85
N MET B 413 63.23 -7.48 -26.54
CA MET B 413 63.08 -7.31 -27.96
C MET B 413 62.69 -5.89 -28.24
N LEU B 414 61.65 -5.41 -27.58
CA LEU B 414 61.09 -4.12 -27.92
C LEU B 414 62.12 -3.00 -27.64
N GLU B 415 62.88 -3.14 -26.54
CA GLU B 415 63.97 -2.20 -26.21
C GLU B 415 65.08 -2.25 -27.28
N SER B 416 65.44 -3.46 -27.70
CA SER B 416 66.43 -3.64 -28.77
C SER B 416 66.00 -2.96 -30.05
N VAL B 417 64.69 -2.89 -30.25
CA VAL B 417 64.14 -2.26 -31.45
C VAL B 417 64.13 -0.74 -31.31
N ARG B 418 63.68 -0.25 -30.16
CA ARG B 418 63.77 1.18 -29.86
C ARG B 418 65.19 1.69 -30.03
N ALA B 419 66.15 0.94 -29.48
CA ALA B 419 67.56 1.38 -29.44
C ALA B 419 68.11 1.72 -30.86
N ASP B 420 67.71 0.90 -31.86
CA ASP B 420 68.17 1.09 -33.25
C ASP B 420 67.16 1.87 -34.08
N HIS B 421 66.11 2.37 -33.42
CA HIS B 421 65.04 3.11 -34.10
C HIS B 421 64.49 4.25 -33.21
N SER B 422 65.38 4.87 -32.43
CA SER B 422 64.98 5.91 -31.48
C SER B 422 64.56 7.19 -32.17
N ASP B 423 64.74 7.24 -33.49
CA ASP B 423 64.30 8.40 -34.26
C ASP B 423 62.80 8.40 -34.46
N VAL B 424 62.17 7.25 -34.36
CA VAL B 424 60.70 7.15 -34.50
C VAL B 424 60.02 6.52 -33.26
N VAL B 425 60.80 5.90 -32.38
CA VAL B 425 60.26 5.32 -31.14
C VAL B 425 60.87 6.05 -29.92
N SER B 426 59.98 6.58 -29.06
CA SER B 426 60.40 7.38 -27.90
C SER B 426 60.74 6.50 -26.71
N ALA B 427 59.90 5.49 -26.47
CA ALA B 427 59.98 4.71 -25.22
C ALA B 427 59.31 3.32 -25.35
N VAL B 428 59.80 2.37 -24.58
CA VAL B 428 59.04 1.22 -24.19
C VAL B 428 58.39 1.43 -22.84
N TRP B 429 57.09 1.12 -22.75
CA TRP B 429 56.33 1.30 -21.51
C TRP B 429 55.69 0.00 -21.07
N GLY B 430 55.45 -0.11 -19.77
CA GLY B 430 54.64 -1.20 -19.23
C GLY B 430 55.44 -2.22 -18.46
N THR B 431 54.79 -3.32 -18.12
CA THR B 431 55.44 -4.38 -17.36
C THR B 431 54.70 -5.67 -17.57
N GLY B 432 55.33 -6.76 -17.23
CA GLY B 432 54.77 -8.07 -17.50
C GLY B 432 54.51 -8.29 -18.99
N LEU B 433 53.33 -8.83 -19.33
CA LEU B 433 52.93 -8.95 -20.73
C LEU B 433 51.93 -7.88 -21.10
N MET B 434 52.09 -6.72 -20.48
CA MET B 434 51.31 -5.56 -20.84
C MET B 434 52.22 -4.42 -21.21
N LEU B 435 52.59 -4.35 -22.47
CA LEU B 435 53.70 -3.50 -22.91
C LEU B 435 53.25 -2.62 -24.09
N ALA B 436 54.07 -1.61 -24.41
CA ALA B 436 53.78 -0.73 -25.54
C ALA B 436 55.04 0.00 -26.03
N LEU B 437 55.04 0.37 -27.32
CA LEU B 437 55.99 1.34 -27.85
C LEU B 437 55.32 2.66 -28.02
N GLU B 438 55.91 3.72 -27.47
CA GLU B 438 55.49 5.10 -27.79
C GLU B 438 56.13 5.56 -29.13
N LEU B 439 55.27 5.95 -30.09
CA LEU B 439 55.72 6.52 -31.35
C LEU B 439 56.00 8.02 -31.19
N ARG B 440 57.04 8.50 -31.84
CA ARG B 440 57.32 9.93 -31.89
C ARG B 440 56.34 10.61 -32.80
N ASP B 441 56.03 11.86 -32.48
CA ASP B 441 55.07 12.64 -33.26
C ASP B 441 55.50 12.69 -34.71
N GLN B 442 54.52 12.62 -35.61
CA GLN B 442 54.79 12.59 -37.03
C GLN B 442 53.95 13.62 -37.74
N SER B 443 53.47 14.60 -37.00
CA SER B 443 52.67 15.66 -37.59
C SER B 443 53.52 16.58 -38.48
N ASN B 444 54.84 16.46 -38.35
CA ASN B 444 55.79 17.21 -39.20
C ASN B 444 56.46 16.35 -40.22
N ALA B 445 55.84 15.22 -40.53
CA ALA B 445 56.46 14.24 -41.39
C ALA B 445 56.55 14.76 -42.80
N THR B 446 57.59 14.33 -43.52
CA THR B 446 57.83 14.80 -44.88
C THR B 446 56.75 14.29 -45.82
N SER B 447 56.47 13.00 -45.75
CA SER B 447 55.40 12.40 -46.53
C SER B 447 54.09 13.05 -46.17
N GLN B 448 53.35 13.46 -47.17
CA GLN B 448 52.07 14.06 -46.96
C GLN B 448 51.14 13.09 -46.28
N ALA B 449 51.03 11.90 -46.87
CA ALA B 449 49.98 10.97 -46.49
C ALA B 449 50.15 10.55 -45.04
N ILE B 450 51.39 10.30 -44.65
CA ILE B 450 51.71 10.01 -43.26
C ILE B 450 51.36 11.19 -42.35
N ARG B 451 51.76 12.40 -42.77
CA ARG B 451 51.55 13.61 -41.98
C ARG B 451 50.05 13.85 -41.75
N GLU B 452 49.27 13.67 -42.80
CA GLU B 452 47.84 13.86 -42.71
C GLU B 452 47.23 12.85 -41.71
N LYS B 453 47.61 11.59 -41.82
CA LYS B 453 47.18 10.57 -40.88
C LYS B 453 47.60 10.90 -39.43
N ALA B 454 48.83 11.36 -39.26
CA ALA B 454 49.28 11.82 -37.93
C ALA B 454 48.36 12.88 -37.38
N ALA B 455 47.75 13.66 -38.27
CA ALA B 455 47.04 14.86 -37.87
C ALA B 455 45.58 14.56 -37.56
N HIS B 456 45.10 13.44 -38.05
CA HIS B 456 43.79 12.94 -37.62
C HIS B 456 43.93 12.02 -36.36
N GLY B 457 45.16 11.82 -35.89
CA GLY B 457 45.44 10.86 -34.79
C GLY B 457 45.34 9.39 -35.21
N PHE B 458 45.55 9.11 -36.50
CA PHE B 458 45.36 7.76 -37.03
C PHE B 458 46.68 7.02 -37.24
N LEU B 459 47.80 7.65 -36.89
CA LEU B 459 49.11 7.10 -37.24
C LEU B 459 49.22 5.61 -36.85
N GLY B 460 49.02 5.32 -35.56
CA GLY B 460 49.24 3.97 -35.04
C GLY B 460 48.40 2.91 -35.77
N TYR B 461 47.20 3.30 -36.20
CA TYR B 461 46.32 2.40 -36.95
C TYR B 461 46.87 2.10 -38.34
N VAL B 462 47.35 3.13 -39.02
CA VAL B 462 48.05 2.96 -40.28
C VAL B 462 49.24 1.99 -40.14
N LEU B 463 50.06 2.21 -39.11
CA LEU B 463 51.23 1.38 -38.88
C LEU B 463 50.82 -0.06 -38.55
N ALA B 464 49.68 -0.20 -37.87
CA ALA B 464 49.13 -1.52 -37.56
C ALA B 464 48.71 -2.21 -38.83
N GLY B 465 48.14 -1.44 -39.75
CA GLY B 465 47.77 -1.94 -41.07
C GLY B 465 48.98 -2.47 -41.81
N PHE B 466 50.08 -1.72 -41.76
CA PHE B 466 51.32 -2.16 -42.40
C PHE B 466 51.73 -3.51 -41.85
N LEU B 467 51.70 -3.63 -40.52
CA LEU B 467 52.13 -4.86 -39.87
C LEU B 467 51.21 -6.05 -40.27
N LEU B 468 49.94 -5.76 -40.48
CA LEU B 468 48.99 -6.80 -40.83
C LEU B 468 49.27 -7.32 -42.23
N ARG B 469 49.27 -6.42 -43.21
CA ARG B 469 49.31 -6.83 -44.63
C ARG B 469 50.73 -7.32 -45.08
N GLU B 470 51.79 -6.78 -44.47
CA GLU B 470 53.16 -7.07 -44.91
C GLU B 470 53.85 -8.11 -44.05
N HIS B 471 53.37 -8.30 -42.80
CA HIS B 471 54.02 -9.23 -41.88
C HIS B 471 53.05 -10.16 -41.15
N HIS B 472 51.75 -10.07 -41.48
CA HIS B 472 50.73 -10.91 -40.87
C HIS B 472 50.83 -10.87 -39.32
N ILE B 473 50.93 -9.67 -38.77
CA ILE B 473 50.90 -9.50 -37.36
C ILE B 473 49.80 -8.51 -36.98
N ARG B 474 48.94 -8.95 -36.06
CA ARG B 474 47.85 -8.12 -35.56
C ARG B 474 48.34 -7.32 -34.35
N VAL B 475 48.49 -6.02 -34.54
CA VAL B 475 48.74 -5.09 -33.46
C VAL B 475 47.65 -4.00 -33.50
N LEU B 476 47.24 -3.51 -32.34
CA LEU B 476 46.36 -2.33 -32.28
C LEU B 476 46.98 -1.25 -31.45
N PRO B 477 46.67 -0.01 -31.79
CA PRO B 477 47.23 1.10 -31.06
C PRO B 477 46.58 1.29 -29.70
N ALA B 478 47.34 1.87 -28.77
CA ALA B 478 46.77 2.42 -27.55
C ALA B 478 46.93 3.97 -27.52
N GLY B 479 46.31 4.58 -26.52
CA GLY B 479 46.63 5.94 -26.16
C GLY B 479 45.82 6.93 -26.97
N PRO B 480 45.91 8.21 -26.61
CA PRO B 480 44.87 9.21 -26.93
C PRO B 480 44.77 9.55 -28.43
N ARG B 481 45.90 9.49 -29.14
CA ARG B 481 45.88 9.68 -30.58
C ARG B 481 46.66 8.54 -31.27
N SER B 482 46.34 7.30 -30.90
CA SER B 482 47.00 6.13 -31.47
C SER B 482 48.49 6.36 -31.59
N GLY B 483 49.07 6.98 -30.58
CA GLY B 483 50.48 7.27 -30.56
C GLY B 483 51.28 6.21 -29.88
N PHE B 484 50.62 5.11 -29.50
CA PHE B 484 51.33 3.94 -28.93
C PHE B 484 50.91 2.67 -29.68
N LEU B 485 51.79 1.69 -29.69
CA LEU B 485 51.48 0.35 -30.21
C LEU B 485 51.47 -0.64 -29.10
N ARG B 486 50.37 -1.39 -28.99
CA ARG B 486 50.16 -2.28 -27.86
C ARG B 486 50.78 -3.65 -28.15
N PHE B 487 51.39 -4.23 -27.14
CA PHE B 487 51.82 -5.66 -27.21
C PHE B 487 51.38 -6.39 -25.97
N SER B 488 50.27 -7.12 -26.08
CA SER B 488 49.71 -7.84 -24.92
C SER B 488 49.24 -9.23 -25.32
N PRO B 489 50.17 -10.07 -25.75
CA PRO B 489 49.86 -11.44 -26.16
C PRO B 489 49.60 -12.39 -24.96
N SER B 490 49.27 -13.62 -25.25
CA SER B 490 49.16 -14.65 -24.24
C SER B 490 50.53 -15.05 -23.73
N LEU B 491 50.55 -15.75 -22.60
CA LEU B 491 51.77 -16.22 -22.00
C LEU B 491 52.41 -17.38 -22.81
N TYR B 492 51.71 -17.86 -23.84
CA TYR B 492 52.24 -18.90 -24.71
C TYR B 492 53.03 -18.32 -25.91
N ILE B 493 53.16 -16.99 -25.97
CA ILE B 493 53.93 -16.36 -27.06
C ILE B 493 55.33 -17.00 -27.14
N THR B 494 55.67 -17.52 -28.32
CA THR B 494 56.93 -18.27 -28.51
C THR B 494 58.07 -17.35 -28.87
N ASP B 495 59.30 -17.83 -28.67
CA ASP B 495 60.50 -17.09 -29.08
C ASP B 495 60.50 -16.78 -30.61
N GLU B 496 60.01 -17.73 -31.39
CA GLU B 496 59.92 -17.58 -32.82
C GLU B 496 58.91 -16.48 -33.20
N GLU B 497 57.78 -16.45 -32.49
CA GLU B 497 56.77 -15.42 -32.69
C GLU B 497 57.31 -14.04 -32.31
N ILE B 498 58.16 -14.01 -31.28
CA ILE B 498 58.77 -12.75 -30.85
C ILE B 498 59.83 -12.25 -31.85
N ASP B 499 60.62 -13.18 -32.43
CA ASP B 499 61.57 -12.85 -33.55
C ASP B 499 60.81 -12.26 -34.74
N ARG B 500 59.73 -12.91 -35.14
CA ARG B 500 58.94 -12.46 -36.28
C ARG B 500 58.37 -11.07 -36.04
N THR B 501 58.18 -10.74 -34.77
CA THR B 501 57.64 -9.45 -34.40
C THR B 501 58.75 -8.40 -34.48
N GLU B 502 59.94 -8.75 -34.00
CA GLU B 502 61.13 -7.89 -34.16
C GLU B 502 61.39 -7.57 -35.63
N THR B 503 61.51 -8.63 -36.44
CA THR B 503 61.69 -8.47 -37.90
C THR B 503 60.64 -7.51 -38.50
N ALA B 504 59.39 -7.70 -38.11
CA ALA B 504 58.27 -6.89 -38.65
C ALA B 504 58.35 -5.41 -38.21
N LEU B 505 58.82 -5.17 -36.98
CA LEU B 505 58.92 -3.81 -36.45
C LEU B 505 60.15 -3.07 -37.01
N ARG B 506 61.28 -3.77 -37.08
CA ARG B 506 62.46 -3.24 -37.77
C ARG B 506 62.09 -2.80 -39.19
N SER B 507 61.37 -3.67 -39.90
CA SER B 507 60.83 -3.32 -41.20
C SER B 507 59.94 -2.05 -41.11
N LEU B 508 59.02 -2.04 -40.16
CA LEU B 508 58.02 -0.95 -40.10
C LEU B 508 58.71 0.41 -39.85
N PHE B 509 59.56 0.44 -38.86
CA PHE B 509 60.18 1.67 -38.41
C PHE B 509 61.30 2.14 -39.35
N THR B 510 61.82 1.22 -40.17
CA THR B 510 62.76 1.58 -41.27
C THR B 510 62.02 2.28 -42.40
N ALA B 511 60.87 1.75 -42.78
CA ALA B 511 60.02 2.41 -43.76
C ALA B 511 59.55 3.78 -43.24
N LEU B 512 59.34 3.88 -41.95
CA LEU B 512 58.84 5.13 -41.37
C LEU B 512 59.97 6.17 -41.27
N ARG B 513 61.17 5.71 -40.91
CA ARG B 513 62.40 6.50 -41.11
C ARG B 513 62.53 7.01 -42.54
N ASP B 514 62.34 6.11 -43.52
CA ASP B 514 62.43 6.47 -44.96
C ASP B 514 61.26 7.31 -45.44
N GLN B 515 60.35 7.63 -44.52
CA GLN B 515 59.13 8.35 -44.88
C GLN B 515 58.42 7.78 -46.10
N ASP B 516 58.33 6.45 -46.16
CA ASP B 516 57.76 5.77 -47.33
C ASP B 516 56.22 5.75 -47.28
N GLY B 517 55.63 6.92 -47.52
CA GLY B 517 54.17 7.09 -47.40
C GLY B 517 53.37 6.18 -48.31
N ASP B 518 53.89 5.91 -49.49
CA ASP B 518 53.19 5.05 -50.45
C ASP B 518 53.04 3.63 -49.93
N ARG B 519 54.00 3.21 -49.13
CA ARG B 519 54.04 1.85 -48.66
C ARG B 519 53.19 1.68 -47.38
N LEU B 520 53.10 2.77 -46.58
CA LEU B 520 52.50 2.69 -45.23
C LEU B 520 51.03 3.04 -45.27
N VAL B 521 50.69 4.06 -46.05
CA VAL B 521 49.31 4.51 -46.20
C VAL B 521 48.73 4.04 -47.52
N LEU B 522 47.48 3.56 -47.49
CA LEU B 522 46.82 3.00 -48.70
C LEU B 522 46.13 4.07 -49.54
N GLY C 6 1.96 7.55 36.27
CA GLY C 6 1.42 6.30 36.90
C GLY C 6 0.15 6.53 37.71
N GLU C 7 -0.53 7.66 37.48
CA GLU C 7 -1.79 7.95 38.19
C GLU C 7 -2.95 7.14 37.59
N PRO C 8 -3.91 6.78 38.42
CA PRO C 8 -5.11 6.13 37.92
C PRO C 8 -5.77 6.87 36.76
N VAL C 9 -6.14 6.12 35.73
CA VAL C 9 -6.81 6.67 34.56
C VAL C 9 -8.09 5.86 34.28
N TYR C 10 -9.16 6.56 33.91
CA TYR C 10 -10.49 5.98 33.93
C TYR C 10 -11.14 5.93 32.51
N ALA C 11 -10.54 6.63 31.55
CA ALA C 11 -10.88 6.50 30.15
C ALA C 11 -9.70 7.00 29.28
N ASP C 12 -9.54 6.43 28.11
CA ASP C 12 -8.91 7.12 26.98
C ASP C 12 -7.37 7.11 27.03
N ALA C 13 -6.78 6.27 27.85
CA ALA C 13 -5.32 6.31 28.04
C ALA C 13 -4.63 5.96 26.74
N VAL C 14 -5.06 4.87 26.13
CA VAL C 14 -4.45 4.39 24.92
C VAL C 14 -4.75 5.34 23.78
N LEU C 15 -5.99 5.79 23.71
CA LEU C 15 -6.40 6.71 22.66
C LEU C 15 -5.57 7.96 22.73
N ASN C 16 -5.45 8.54 23.93
CA ASN C 16 -4.69 9.77 24.12
C ASN C 16 -3.19 9.55 23.86
N GLY C 17 -2.66 8.43 24.37
CA GLY C 17 -1.27 8.08 24.10
C GLY C 17 -1.01 8.09 22.60
N TRP C 18 -1.92 7.49 21.84
CA TRP C 18 -1.74 7.39 20.42
C TRP C 18 -1.85 8.79 19.70
N LEU C 19 -2.83 9.58 20.08
CA LEU C 19 -2.98 10.93 19.52
C LEU C 19 -1.70 11.79 19.77
N THR C 20 -1.20 11.77 21.01
CA THR C 20 0.02 12.49 21.36
C THR C 20 1.17 12.10 20.42
N SER C 21 1.38 10.83 20.25
CA SER C 21 2.49 10.38 19.42
C SER C 21 2.30 10.78 17.92
N MET C 22 1.05 10.93 17.50
CA MET C 22 0.77 11.41 16.13
C MET C 22 0.94 12.92 16.00
N GLY C 23 1.09 13.60 17.14
CA GLY C 23 1.05 15.07 17.16
C GLY C 23 -0.36 15.65 17.12
N LEU C 24 -1.32 14.91 17.65
CA LEU C 24 -2.71 15.38 17.66
C LEU C 24 -3.24 15.48 19.05
N GLY C 25 -2.34 15.49 20.01
CA GLY C 25 -2.70 15.54 21.41
C GLY C 25 -3.01 16.95 21.85
N VAL C 26 -4.21 17.43 21.50
CA VAL C 26 -4.63 18.77 21.86
C VAL C 26 -6.08 18.72 22.40
N GLU C 27 -6.40 19.62 23.32
CA GLU C 27 -7.77 19.77 23.81
C GLU C 27 -8.36 21.06 23.30
N TYR C 28 -9.40 20.94 22.49
CA TYR C 28 -10.13 22.07 22.04
C TYR C 28 -11.14 22.48 23.09
N VAL C 29 -11.18 23.77 23.42
CA VAL C 29 -11.97 24.25 24.54
C VAL C 29 -13.20 25.01 24.09
N ARG C 30 -13.16 25.48 22.86
CA ARG C 30 -14.30 26.28 22.31
C ARG C 30 -14.32 26.13 20.80
N ALA C 31 -15.47 26.32 20.21
CA ALA C 31 -15.61 26.20 18.76
C ALA C 31 -16.66 27.16 18.25
N GLU C 32 -16.37 27.78 17.12
CA GLU C 32 -17.39 28.53 16.43
C GLU C 32 -17.09 28.61 14.96
N GLY C 33 -18.10 28.41 14.15
CA GLY C 33 -17.94 28.34 12.73
C GLY C 33 -16.98 27.24 12.31
N ASN C 34 -15.93 27.63 11.60
CA ASN C 34 -14.96 26.68 11.08
C ASN C 34 -13.72 26.67 11.94
N THR C 35 -13.84 27.20 13.13
CA THR C 35 -12.69 27.35 14.01
C THR C 35 -12.93 26.60 15.32
N VAL C 36 -11.95 25.79 15.72
CA VAL C 36 -11.86 25.31 17.09
C VAL C 36 -10.65 25.93 17.78
N TYR C 37 -10.76 26.14 19.09
CA TYR C 37 -9.70 26.86 19.86
C TYR C 37 -9.10 25.94 20.90
N TYR C 38 -7.78 25.91 20.97
CA TYR C 38 -7.10 25.30 22.08
C TYR C 38 -6.32 26.36 22.91
N LEU C 39 -5.95 26.00 24.14
CA LEU C 39 -5.15 26.89 24.99
C LEU C 39 -3.65 26.57 24.86
N ASP C 40 -2.84 27.59 24.55
CA ASP C 40 -1.38 27.46 24.57
C ASP C 40 -0.82 27.51 26.00
N ASP C 41 0.50 27.39 26.13
CA ASP C 41 1.18 27.33 27.46
C ASP C 41 0.75 28.50 28.37
N GLU C 42 0.56 29.68 27.77
CA GLU C 42 0.29 30.91 28.51
C GLU C 42 -1.21 31.10 28.79
N GLY C 43 -2.04 30.24 28.19
CA GLY C 43 -3.46 30.15 28.54
C GLY C 43 -4.35 30.96 27.61
N ARG C 44 -3.80 31.44 26.50
CA ARG C 44 -4.60 32.15 25.50
C ARG C 44 -5.15 31.18 24.42
N GLU C 45 -6.23 31.61 23.77
CA GLU C 45 -6.91 30.80 22.79
C GLU C 45 -6.22 30.88 21.44
N VAL C 46 -5.87 29.72 20.90
CA VAL C 46 -5.31 29.62 19.56
C VAL C 46 -6.37 29.11 18.60
N PRO C 47 -6.75 29.92 17.61
CA PRO C 47 -7.65 29.47 16.60
C PRO C 47 -7.04 28.39 15.67
N VAL C 48 -7.79 27.32 15.44
CA VAL C 48 -7.40 26.29 14.50
C VAL C 48 -8.54 26.08 13.50
N LEU C 49 -8.18 26.02 12.21
CA LEU C 49 -9.17 25.85 11.15
C LEU C 49 -9.53 24.36 11.01
N ASP C 50 -10.84 24.05 11.14
CA ASP C 50 -11.31 22.68 11.24
C ASP C 50 -11.82 22.19 9.87
N HIS C 51 -11.07 21.29 9.24
CA HIS C 51 -11.49 20.68 7.96
C HIS C 51 -12.15 19.31 8.19
N ALA C 52 -12.12 18.84 9.41
CA ALA C 52 -12.73 17.57 9.77
C ALA C 52 -14.25 17.75 10.07
N CYS C 53 -14.55 18.67 10.99
CA CYS C 53 -15.92 19.12 11.22
C CYS C 53 -16.87 17.96 11.57
N GLY C 54 -16.52 17.20 12.59
CA GLY C 54 -17.29 16.06 12.97
C GLY C 54 -17.48 15.03 11.85
N PHE C 55 -16.41 14.80 11.09
CA PHE C 55 -16.47 13.90 9.93
C PHE C 55 -17.67 14.27 8.99
N GLY C 56 -17.90 15.56 8.79
CA GLY C 56 -18.88 16.03 7.82
C GLY C 56 -20.23 16.27 8.44
N SER C 57 -20.26 16.28 9.77
CA SER C 57 -21.49 16.63 10.50
C SER C 57 -21.85 18.12 10.40
N LEU C 58 -20.87 18.97 10.11
CA LEU C 58 -21.02 20.42 10.42
C LEU C 58 -21.09 21.25 9.16
N ILE C 59 -22.07 20.96 8.34
CA ILE C 59 -22.26 21.66 7.12
C ILE C 59 -22.47 23.18 7.40
N PHE C 60 -23.05 23.49 8.57
CA PHE C 60 -23.26 24.88 8.97
C PHE C 60 -22.25 25.35 10.03
N GLY C 61 -21.17 24.59 10.19
CA GLY C 61 -20.12 24.94 11.16
C GLY C 61 -20.45 24.56 12.59
N HIS C 62 -19.47 24.74 13.47
CA HIS C 62 -19.67 24.54 14.91
C HIS C 62 -20.60 25.59 15.44
N ASN C 63 -21.59 25.15 16.22
CA ASN C 63 -22.36 26.05 17.05
C ASN C 63 -22.90 27.26 16.28
N HIS C 64 -23.63 26.98 15.21
CA HIS C 64 -24.20 28.03 14.41
C HIS C 64 -25.27 28.76 15.20
N PRO C 65 -25.19 30.08 15.22
CA PRO C 65 -26.00 30.86 16.13
C PRO C 65 -27.49 30.59 15.99
N GLU C 66 -27.97 30.42 14.74
CA GLU C 66 -29.39 30.07 14.51
C GLU C 66 -29.75 28.75 15.20
N ILE C 67 -28.88 27.76 15.06
CA ILE C 67 -29.15 26.45 15.65
C ILE C 67 -29.08 26.50 17.17
N ILE C 68 -28.08 27.16 17.68
CA ILE C 68 -27.97 27.42 19.13
C ILE C 68 -29.22 28.13 19.68
N ALA C 69 -29.64 29.19 19.00
CA ALA C 69 -30.79 29.98 19.44
C ALA C 69 -32.04 29.11 19.43
N HIS C 70 -32.22 28.35 18.35
CA HIS C 70 -33.39 27.51 18.22
C HIS C 70 -33.42 26.40 19.30
N ALA C 71 -32.25 25.84 19.60
CA ALA C 71 -32.14 24.89 20.70
C ALA C 71 -32.53 25.52 22.04
N LYS C 72 -31.99 26.68 22.35
CA LYS C 72 -32.28 27.33 23.62
C LYS C 72 -33.78 27.65 23.73
N ALA C 73 -34.38 28.08 22.64
CA ALA C 73 -35.81 28.36 22.64
C ALA C 73 -36.62 27.08 22.89
N ALA C 74 -36.24 26.01 22.22
CA ALA C 74 -36.94 24.72 22.41
C ALA C 74 -36.87 24.28 23.87
N LEU C 75 -35.69 24.44 24.48
CA LEU C 75 -35.49 24.08 25.88
C LEU C 75 -36.37 24.92 26.79
N ASP C 76 -36.44 26.22 26.48
CA ASP C 76 -37.17 27.17 27.31
C ASP C 76 -38.68 27.03 27.13
N ALA C 77 -39.10 26.46 26.00
CA ALA C 77 -40.54 26.24 25.76
C ALA C 77 -41.05 24.97 26.44
N GLY C 78 -40.15 24.18 27.03
CA GLY C 78 -40.57 22.99 27.76
C GLY C 78 -40.96 21.93 26.79
N THR C 79 -40.28 21.90 25.67
CA THR C 79 -40.46 20.88 24.67
C THR C 79 -40.52 19.49 25.34
N VAL C 80 -41.40 18.64 24.84
CA VAL C 80 -41.55 17.29 25.38
C VAL C 80 -40.56 16.35 24.72
N VAL C 81 -39.47 16.08 25.42
CA VAL C 81 -38.39 15.29 24.87
C VAL C 81 -38.73 13.80 24.96
N HIS C 82 -39.26 13.39 26.12
CA HIS C 82 -39.76 12.02 26.30
C HIS C 82 -41.28 11.93 26.29
N ALA C 83 -41.80 11.54 25.14
CA ALA C 83 -43.23 11.43 24.93
C ALA C 83 -43.53 10.09 24.24
N GLN C 84 -42.84 9.03 24.68
CA GLN C 84 -42.93 7.74 24.03
C GLN C 84 -44.38 7.25 24.04
N LEU C 85 -44.80 6.67 22.92
CA LEU C 85 -46.13 6.11 22.78
C LEU C 85 -47.19 7.18 23.04
N SER C 86 -47.01 8.31 22.39
CA SER C 86 -48.07 9.32 22.24
C SER C 86 -47.90 9.95 20.87
N ARG C 87 -48.79 10.86 20.50
CA ARG C 87 -48.73 11.44 19.12
C ARG C 87 -47.63 12.43 19.04
N GLN C 88 -46.77 12.25 18.03
CA GLN C 88 -45.65 13.12 17.81
C GLN C 88 -45.60 13.55 16.31
N PRO C 89 -46.36 14.60 15.98
CA PRO C 89 -46.55 15.01 14.59
C PRO C 89 -45.27 15.45 13.90
N ARG C 90 -44.27 15.86 14.67
CA ARG C 90 -43.05 16.40 14.10
C ARG C 90 -42.31 15.35 13.28
N ALA C 91 -42.48 14.08 13.65
CA ALA C 91 -41.87 12.99 12.89
C ALA C 91 -42.46 12.90 11.49
N ASN C 92 -43.78 12.93 11.40
CA ASN C 92 -44.48 13.02 10.10
C ASN C 92 -44.09 14.29 9.34
N GLN C 93 -43.89 15.37 10.07
CA GLN C 93 -43.60 16.66 9.45
C GLN C 93 -42.18 16.68 8.83
N ILE C 94 -41.21 16.20 9.58
CA ILE C 94 -39.88 16.00 9.05
C ILE C 94 -39.89 15.11 7.79
N SER C 95 -40.64 14.02 7.84
CA SER C 95 -40.62 13.02 6.72
C SER C 95 -41.31 13.59 5.49
N ARG C 96 -42.34 14.40 5.69
CA ARG C 96 -42.97 15.09 4.61
C ARG C 96 -41.96 16.02 3.87
N ILE C 97 -41.19 16.78 4.63
CA ILE C 97 -40.20 17.66 4.05
C ILE C 97 -39.18 16.88 3.27
N LEU C 98 -38.62 15.83 3.88
CA LEU C 98 -37.61 15.01 3.19
C LEU C 98 -38.19 14.38 1.90
N ASN C 99 -39.43 13.91 1.99
CA ASN C 99 -40.15 13.38 0.81
C ASN C 99 -40.26 14.39 -0.34
N ASP C 100 -40.61 15.64 -0.01
CA ASP C 100 -40.76 16.68 -1.03
C ASP C 100 -39.44 17.04 -1.67
N ILE C 101 -38.41 17.20 -0.84
CA ILE C 101 -37.07 17.42 -1.33
C ILE C 101 -36.66 16.33 -2.32
N MET C 102 -36.89 15.09 -1.96
CA MET C 102 -36.39 14.00 -2.74
C MET C 102 -37.18 13.91 -4.08
N ARG C 103 -38.46 14.27 -4.06
CA ARG C 103 -39.23 14.37 -5.29
C ARG C 103 -38.66 15.44 -6.23
N ARG C 104 -38.34 16.59 -5.65
CA ARG C 104 -37.85 17.71 -6.41
C ARG C 104 -36.54 17.37 -7.12
N GLU C 105 -35.70 16.57 -6.46
CA GLU C 105 -34.32 16.39 -6.89
C GLU C 105 -34.17 15.16 -7.80
N THR C 106 -35.08 14.21 -7.67
CA THR C 106 -35.02 12.98 -8.50
C THR C 106 -36.05 12.96 -9.65
N GLY C 107 -37.02 13.87 -9.58
CA GLY C 107 -38.16 13.85 -10.49
C GLY C 107 -39.15 12.71 -10.22
N ARG C 108 -38.83 11.85 -9.24
CA ARG C 108 -39.69 10.69 -8.96
C ARG C 108 -40.70 11.01 -7.88
N ASP C 109 -41.92 10.53 -8.08
CA ASP C 109 -42.99 10.80 -7.20
C ASP C 109 -43.23 9.57 -6.35
N ASP C 110 -42.21 9.18 -5.61
CA ASP C 110 -42.31 8.09 -4.67
C ASP C 110 -42.52 8.64 -3.27
N ARG C 111 -43.05 7.82 -2.40
CA ARG C 111 -43.28 8.22 -1.03
C ARG C 111 -42.53 7.32 -0.06
N TYR C 112 -42.04 7.90 1.03
CA TYR C 112 -41.16 7.20 1.98
C TYR C 112 -41.72 7.30 3.38
N ASN C 113 -41.75 6.18 4.09
CA ASN C 113 -41.97 6.20 5.50
C ASN C 113 -40.67 6.50 6.24
N ALA C 114 -40.80 7.18 7.37
CA ALA C 114 -39.63 7.56 8.20
C ALA C 114 -39.68 6.83 9.54
N ILE C 115 -38.55 6.18 9.88
CA ILE C 115 -38.28 5.72 11.23
C ILE C 115 -37.03 6.36 11.71
N PHE C 116 -37.08 6.94 12.92
CA PHE C 116 -35.96 7.71 13.46
C PHE C 116 -35.11 6.87 14.37
N ALA C 117 -33.84 7.23 14.48
CA ALA C 117 -33.01 6.69 15.55
C ALA C 117 -32.01 7.70 16.07
N ASN C 118 -30.91 7.21 16.65
CA ASN C 118 -29.98 8.09 17.42
C ASN C 118 -28.58 8.20 16.84
N SER C 119 -28.29 7.41 15.85
CA SER C 119 -27.00 7.48 15.19
C SER C 119 -27.13 6.90 13.79
N GLY C 120 -26.09 7.13 12.96
CA GLY C 120 -26.10 6.68 11.61
C GLY C 120 -26.09 5.17 11.53
N ALA C 121 -25.36 4.55 12.47
CA ALA C 121 -25.35 3.10 12.57
C ALA C 121 -26.74 2.57 12.91
N GLU C 122 -27.42 3.20 13.89
CA GLU C 122 -28.77 2.75 14.27
C GLU C 122 -29.74 2.80 13.04
N ALA C 123 -29.58 3.85 12.20
CA ALA C 123 -30.48 4.07 11.04
C ALA C 123 -30.23 3.00 9.97
N ASN C 124 -28.98 2.70 9.74
CA ASN C 124 -28.61 1.61 8.87
C ASN C 124 -29.11 0.29 9.36
N GLU C 125 -29.20 0.13 10.66
CA GLU C 125 -29.60 -1.18 11.23
C GLU C 125 -31.11 -1.34 11.29
N ILE C 126 -31.81 -0.23 11.29
CA ILE C 126 -33.23 -0.22 11.00
C ILE C 126 -33.47 -0.75 9.57
N CYS C 127 -32.63 -0.31 8.65
CA CYS C 127 -32.73 -0.73 7.25
C CYS C 127 -32.39 -2.22 7.10
N MET C 128 -31.34 -2.65 7.80
CA MET C 128 -30.98 -4.08 7.85
C MET C 128 -32.17 -4.90 8.36
N LYS C 129 -32.80 -4.43 9.42
CA LYS C 129 -33.93 -5.14 10.05
C LYS C 129 -35.15 -5.21 9.11
N HIS C 130 -35.48 -4.08 8.49
CA HIS C 130 -36.62 -4.04 7.60
C HIS C 130 -36.37 -4.88 6.37
N ALA C 131 -35.13 -4.85 5.88
CA ALA C 131 -34.74 -5.72 4.73
C ALA C 131 -34.96 -7.18 5.06
N GLU C 132 -34.64 -7.56 6.27
CA GLU C 132 -34.79 -8.94 6.69
C GLU C 132 -36.25 -9.29 6.99
N LEU C 133 -37.07 -8.29 7.32
CA LEU C 133 -38.55 -8.50 7.32
C LEU C 133 -39.04 -8.82 5.88
N GLU C 134 -38.58 -8.04 4.90
CA GLU C 134 -38.91 -8.31 3.48
C GLU C 134 -38.46 -9.69 3.05
N ARG C 135 -37.21 -10.04 3.39
CA ARG C 135 -36.68 -11.37 3.05
C ARG C 135 -37.52 -12.51 3.67
N GLN C 136 -38.01 -12.30 4.90
CA GLN C 136 -38.85 -13.32 5.58
C GLN C 136 -40.22 -13.46 4.91
N GLU C 137 -40.77 -12.33 4.41
CA GLU C 137 -42.02 -12.37 3.59
C GLU C 137 -41.80 -13.22 2.36
N ARG C 138 -40.70 -12.95 1.64
CA ARG C 138 -40.37 -13.69 0.42
C ARG C 138 -40.19 -15.15 0.73
N ILE C 139 -39.51 -15.43 1.84
CA ILE C 139 -39.25 -16.80 2.27
C ILE C 139 -40.56 -17.55 2.63
N THR C 140 -41.45 -16.89 3.37
CA THR C 140 -42.76 -17.49 3.72
C THR C 140 -43.56 -17.89 2.43
N ALA C 141 -43.52 -17.03 1.43
CA ALA C 141 -44.25 -17.25 0.19
C ALA C 141 -43.67 -18.41 -0.61
N LEU C 142 -42.35 -18.39 -0.81
CA LEU C 142 -41.65 -19.48 -1.48
C LEU C 142 -41.94 -20.84 -0.83
N PHE C 143 -41.91 -20.89 0.50
CA PHE C 143 -42.11 -22.16 1.25
C PHE C 143 -43.57 -22.61 1.28
N ALA C 144 -44.51 -21.66 1.31
CA ALA C 144 -45.93 -21.97 1.06
C ALA C 144 -46.13 -22.63 -0.32
N GLU C 145 -45.38 -22.15 -1.31
CA GLU C 145 -45.51 -22.61 -2.67
C GLU C 145 -44.93 -24.01 -2.79
N ILE C 146 -43.82 -24.23 -2.08
CA ILE C 146 -43.14 -25.49 -2.09
C ILE C 146 -43.97 -26.59 -1.38
N ASP C 147 -44.54 -26.26 -0.23
CA ASP C 147 -45.54 -27.14 0.41
C ASP C 147 -46.54 -27.63 -0.64
N ALA C 148 -47.16 -26.67 -1.34
CA ALA C 148 -48.21 -26.98 -2.36
C ALA C 148 -47.68 -27.85 -3.51
N GLU C 149 -46.49 -27.52 -3.99
CA GLU C 149 -45.83 -28.32 -5.05
C GLU C 149 -45.60 -29.75 -4.57
N LEU C 150 -45.23 -29.90 -3.30
CA LEU C 150 -44.97 -31.20 -2.71
C LEU C 150 -46.27 -31.95 -2.48
N ASP C 151 -47.31 -31.23 -2.04
CA ASP C 151 -48.69 -31.79 -1.99
C ASP C 151 -49.13 -32.33 -3.36
N THR C 152 -48.98 -31.52 -4.40
CA THR C 152 -49.42 -31.89 -5.75
C THR C 152 -48.64 -33.11 -6.26
N ALA C 153 -47.32 -33.07 -6.13
CA ALA C 153 -46.46 -34.16 -6.64
C ALA C 153 -46.68 -35.47 -5.83
N ARG C 154 -47.16 -35.35 -4.59
CA ARG C 154 -47.46 -36.51 -3.76
C ARG C 154 -48.83 -37.12 -4.09
N GLU C 155 -49.75 -36.29 -4.59
CA GLU C 155 -51.00 -36.79 -5.17
C GLU C 155 -50.73 -37.53 -6.48
N ALA C 156 -49.76 -37.06 -7.25
CA ALA C 156 -49.45 -37.64 -8.56
C ALA C 156 -48.77 -39.01 -8.40
N LEU C 157 -47.89 -39.13 -7.41
CA LEU C 157 -47.02 -40.29 -7.30
C LEU C 157 -47.74 -41.46 -6.63
N THR C 158 -48.46 -41.17 -5.54
CA THR C 158 -49.13 -42.23 -4.76
C THR C 158 -50.51 -42.62 -5.36
N THR C 159 -51.06 -41.75 -6.20
CA THR C 159 -52.19 -42.11 -7.06
C THR C 159 -51.79 -42.02 -8.54
N GLY C 160 -51.16 -43.08 -9.05
CA GLY C 160 -51.10 -43.31 -10.48
C GLY C 160 -50.13 -42.40 -11.20
N THR C 161 -50.61 -41.20 -11.57
CA THR C 161 -50.34 -40.65 -12.90
C THR C 161 -48.82 -40.58 -13.25
N ALA C 162 -47.98 -40.31 -12.23
CA ALA C 162 -46.56 -39.97 -12.49
C ALA C 162 -45.59 -40.87 -11.71
N THR C 163 -44.33 -40.88 -12.15
CA THR C 163 -43.27 -41.61 -11.46
C THR C 163 -42.12 -40.68 -11.09
N LEU C 164 -41.42 -41.01 -10.00
CA LEU C 164 -40.27 -40.24 -9.55
C LEU C 164 -39.01 -40.57 -10.39
N ASP C 165 -38.65 -39.67 -11.30
CA ASP C 165 -37.39 -39.78 -12.06
C ASP C 165 -36.19 -39.84 -11.13
N THR C 166 -35.42 -40.92 -11.23
CA THR C 166 -34.40 -41.25 -10.24
C THR C 166 -33.04 -40.59 -10.60
N ALA C 167 -32.94 -40.03 -11.81
CA ALA C 167 -31.73 -39.26 -12.21
C ALA C 167 -31.55 -38.00 -11.34
N SER C 168 -32.61 -37.58 -10.65
CA SER C 168 -32.62 -36.32 -9.94
C SER C 168 -32.46 -36.53 -8.41
N LEU C 169 -32.31 -37.77 -7.98
CA LEU C 169 -32.22 -38.09 -6.56
C LEU C 169 -30.82 -37.79 -5.94
N PRO C 170 -29.78 -37.60 -6.80
CA PRO C 170 -28.50 -37.17 -6.23
C PRO C 170 -28.60 -35.81 -5.50
N LEU C 171 -29.58 -34.99 -5.85
CA LEU C 171 -29.88 -33.74 -5.10
C LEU C 171 -30.30 -34.08 -3.64
N VAL C 172 -30.87 -35.26 -3.45
CA VAL C 172 -31.17 -35.78 -2.15
C VAL C 172 -30.29 -37.04 -1.88
N VAL C 179 -41.32 -42.21 -1.49
CA VAL C 179 -41.85 -40.85 -1.65
C VAL C 179 -41.73 -40.03 -0.36
N ASP C 180 -42.13 -40.63 0.76
CA ASP C 180 -42.14 -39.91 2.06
C ASP C 180 -40.73 -39.54 2.50
N GLY C 181 -39.77 -40.42 2.23
CA GLY C 181 -38.37 -40.15 2.59
C GLY C 181 -37.78 -38.98 1.82
N VAL C 182 -38.14 -38.87 0.54
CA VAL C 182 -37.62 -37.82 -0.31
C VAL C 182 -38.17 -36.45 0.12
N ILE C 183 -39.43 -36.44 0.51
CA ILE C 183 -40.08 -35.24 1.01
C ILE C 183 -39.48 -34.80 2.37
N ALA C 184 -39.45 -35.71 3.33
CA ALA C 184 -38.82 -35.43 4.63
C ALA C 184 -37.37 -34.94 4.44
N ASP C 185 -36.64 -35.56 3.49
CA ASP C 185 -35.25 -35.11 3.17
C ASP C 185 -35.23 -33.70 2.56
N ILE C 186 -36.24 -33.40 1.76
CA ILE C 186 -36.38 -32.08 1.17
C ILE C 186 -36.70 -31.02 2.27
N HIS C 187 -37.59 -31.37 3.21
CA HIS C 187 -37.93 -30.46 4.31
C HIS C 187 -36.76 -30.21 5.24
N ARG C 188 -35.98 -31.25 5.49
CA ARG C 188 -34.80 -31.12 6.31
C ARG C 188 -33.79 -30.18 5.63
N HIS C 189 -33.50 -30.44 4.36
CA HIS C 189 -32.55 -29.61 3.59
C HIS C 189 -33.00 -28.16 3.56
N ASN C 190 -34.31 -27.95 3.37
CA ASN C 190 -34.84 -26.61 3.23
C ASN C 190 -34.86 -25.86 4.57
N ASP C 191 -35.04 -26.60 5.65
CA ASP C 191 -35.00 -26.03 7.01
C ASP C 191 -33.59 -25.53 7.40
N GLU C 192 -32.57 -26.36 7.15
CA GLU C 192 -31.18 -25.93 7.36
C GLU C 192 -30.90 -24.61 6.60
N ARG C 193 -31.26 -24.60 5.31
CA ARG C 193 -31.11 -23.40 4.46
C ARG C 193 -31.87 -22.13 5.05
N ARG C 194 -33.08 -22.33 5.52
CA ARG C 194 -33.92 -21.24 5.95
C ARG C 194 -33.36 -20.56 7.19
N ALA C 195 -32.70 -21.33 8.04
CA ALA C 195 -32.16 -20.79 9.29
C ALA C 195 -30.80 -20.14 9.10
N GLU C 196 -30.19 -20.33 7.91
CA GLU C 196 -28.89 -19.77 7.63
C GLU C 196 -28.95 -18.26 7.68
N ARG C 197 -27.89 -17.64 8.15
CA ARG C 197 -27.80 -16.20 8.17
C ARG C 197 -27.92 -15.70 6.73
N PRO C 198 -28.50 -14.53 6.56
CA PRO C 198 -28.48 -13.87 5.28
C PRO C 198 -27.12 -13.27 4.94
N LEU C 199 -27.03 -12.74 3.74
CA LEU C 199 -25.87 -12.04 3.30
C LEU C 199 -26.21 -10.55 3.03
N PHE C 200 -25.25 -9.66 3.25
CA PHE C 200 -25.41 -8.27 2.81
C PHE C 200 -24.34 -7.93 1.80
N LEU C 201 -24.67 -7.05 0.89
CA LEU C 201 -23.74 -6.67 -0.15
C LEU C 201 -23.33 -5.22 0.04
N THR C 202 -22.03 -4.98 -0.03
CA THR C 202 -21.48 -3.65 0.18
C THR C 202 -20.36 -3.46 -0.82
N LEU C 203 -19.85 -2.24 -0.89
CA LEU C 203 -18.69 -1.95 -1.71
C LEU C 203 -17.41 -2.07 -0.90
N ASP C 204 -16.29 -2.32 -1.59
CA ASP C 204 -15.00 -2.29 -0.94
C ASP C 204 -14.72 -0.87 -0.37
N GLY C 205 -14.20 -0.82 0.85
CA GLY C 205 -13.98 0.45 1.54
C GLY C 205 -15.22 0.99 2.28
N SER C 206 -16.32 0.22 2.24
CA SER C 206 -17.61 0.70 2.76
C SER C 206 -17.49 1.00 4.26
N PHE C 207 -18.11 2.10 4.68
CA PHE C 207 -18.27 2.41 6.08
C PHE C 207 -19.75 2.66 6.36
N HIS C 208 -20.35 1.80 7.16
CA HIS C 208 -21.79 1.86 7.43
C HIS C 208 -22.11 1.86 8.93
N GLY C 209 -21.06 1.99 9.76
CA GLY C 209 -21.23 1.95 11.22
C GLY C 209 -20.49 0.82 11.88
N LYS C 210 -20.42 0.85 13.21
CA LYS C 210 -19.53 -0.04 13.95
C LYS C 210 -20.24 -0.70 15.14
N LEU C 211 -21.55 -0.82 15.05
CA LEU C 211 -22.29 -1.67 16.00
C LEU C 211 -22.26 -3.15 15.56
N VAL C 212 -22.87 -4.00 16.34
CA VAL C 212 -22.69 -5.43 16.14
C VAL C 212 -23.10 -5.87 14.73
N GLY C 213 -24.20 -5.29 14.22
CA GLY C 213 -24.70 -5.61 12.88
C GLY C 213 -23.96 -4.86 11.79
N SER C 214 -23.88 -3.54 11.96
CA SER C 214 -23.34 -2.67 10.94
C SER C 214 -21.86 -2.85 10.76
N ILE C 215 -21.14 -3.20 11.84
CA ILE C 215 -19.68 -3.40 11.70
C ILE C 215 -19.35 -4.45 10.64
N GLN C 216 -20.17 -5.47 10.51
CA GLN C 216 -19.96 -6.49 9.45
C GLN C 216 -19.98 -5.84 8.07
N LEU C 217 -20.61 -4.67 8.00
CA LEU C 217 -20.83 -3.98 6.73
C LEU C 217 -19.73 -2.96 6.47
N THR C 218 -18.77 -2.92 7.38
CA THR C 218 -17.70 -1.95 7.32
C THR C 218 -16.38 -2.66 7.05
N GLN C 219 -15.75 -2.31 5.95
CA GLN C 219 -14.63 -3.07 5.43
C GLN C 219 -13.45 -3.06 6.42
N ASN C 220 -13.04 -1.87 6.82
CA ASN C 220 -11.81 -1.69 7.63
C ASN C 220 -11.53 -2.89 8.50
N GLU C 221 -10.45 -3.61 8.20
CA GLU C 221 -10.32 -5.01 8.63
C GLU C 221 -10.09 -5.14 10.15
N PRO C 222 -9.25 -4.26 10.73
CA PRO C 222 -9.01 -4.38 12.19
C PRO C 222 -10.26 -3.97 13.04
N TRP C 223 -11.13 -3.15 12.46
CA TRP C 223 -12.39 -2.79 13.12
C TRP C 223 -13.38 -3.93 13.12
N ARG C 224 -13.34 -4.75 12.06
CA ARG C 224 -14.42 -5.71 11.79
C ARG C 224 -14.05 -7.14 12.16
N THR C 225 -12.88 -7.61 11.72
CA THR C 225 -12.58 -9.09 11.72
C THR C 225 -12.63 -9.72 13.14
N PRO C 226 -12.33 -8.93 14.20
CA PRO C 226 -12.47 -9.48 15.57
C PRO C 226 -13.90 -9.95 15.88
N PHE C 227 -14.88 -9.41 15.12
CA PHE C 227 -16.27 -9.49 15.47
C PHE C 227 -17.08 -10.31 14.43
N THR C 228 -16.35 -11.00 13.55
CA THR C 228 -16.96 -11.75 12.39
C THR C 228 -18.02 -12.81 12.81
N ALA C 229 -17.82 -13.43 13.97
CA ALA C 229 -18.66 -14.52 14.41
C ALA C 229 -20.03 -14.03 14.95
N LEU C 230 -20.14 -12.74 15.23
CA LEU C 230 -21.31 -12.23 15.93
C LEU C 230 -22.55 -12.17 15.05
N SER C 231 -22.37 -11.76 13.80
CA SER C 231 -23.49 -11.25 12.98
C SER C 231 -23.29 -11.58 11.51
N SER C 232 -24.34 -11.41 10.70
CA SER C 232 -24.28 -11.73 9.28
C SER C 232 -23.23 -10.91 8.58
N PRO C 233 -22.59 -11.50 7.56
CA PRO C 233 -21.51 -10.84 6.88
C PRO C 233 -21.96 -10.14 5.63
N ALA C 234 -21.03 -9.39 5.03
CA ALA C 234 -21.24 -8.76 3.75
C ALA C 234 -20.21 -9.27 2.80
N ARG C 235 -20.50 -9.16 1.53
CA ARG C 235 -19.50 -9.31 0.55
C ARG C 235 -19.16 -7.96 0.01
N PHE C 236 -17.88 -7.68 -0.03
CA PHE C 236 -17.43 -6.39 -0.41
C PHE C 236 -17.10 -6.38 -1.88
N LEU C 237 -18.00 -5.82 -2.66
CA LEU C 237 -17.88 -5.85 -4.11
C LEU C 237 -16.86 -4.81 -4.57
N PRO C 238 -16.10 -5.12 -5.63
CA PRO C 238 -15.06 -4.22 -6.14
C PRO C 238 -15.63 -3.11 -6.97
N ALA C 239 -15.68 -1.91 -6.39
CA ALA C 239 -16.32 -0.75 -7.03
C ALA C 239 -15.63 -0.39 -8.32
N ASP C 240 -14.31 -0.54 -8.34
CA ASP C 240 -13.48 -0.10 -9.49
C ASP C 240 -13.68 -1.01 -10.72
N GLU C 241 -14.08 -2.28 -10.49
CA GLU C 241 -14.28 -3.24 -11.58
C GLU C 241 -15.67 -3.89 -11.50
N PRO C 242 -16.71 -3.16 -11.95
CA PRO C 242 -18.11 -3.65 -11.89
C PRO C 242 -18.35 -4.92 -12.72
N GLU C 243 -17.52 -5.13 -13.73
CA GLU C 243 -17.60 -6.33 -14.57
C GLU C 243 -17.46 -7.61 -13.72
N LEU C 244 -16.80 -7.49 -12.56
CA LEU C 244 -16.49 -8.65 -11.68
C LEU C 244 -17.64 -9.00 -10.68
N ILE C 245 -18.60 -8.10 -10.55
CA ILE C 245 -19.57 -8.18 -9.45
C ILE C 245 -20.64 -9.24 -9.74
N GLY C 246 -21.10 -9.28 -10.99
CA GLY C 246 -22.01 -10.33 -11.46
C GLY C 246 -21.65 -11.70 -10.93
N LYS C 247 -20.40 -12.08 -11.08
CA LYS C 247 -20.01 -13.47 -10.84
C LYS C 247 -19.75 -13.77 -9.33
N ILE C 248 -19.29 -12.76 -8.59
CA ILE C 248 -19.16 -12.90 -7.13
C ILE C 248 -20.53 -13.14 -6.51
N VAL C 249 -21.53 -12.43 -7.01
CA VAL C 249 -22.90 -12.53 -6.49
C VAL C 249 -23.54 -13.83 -6.94
N GLU C 250 -23.21 -14.24 -8.17
CA GLU C 250 -23.59 -15.57 -8.66
C GLU C 250 -23.11 -16.66 -7.74
N ASP C 251 -21.85 -16.58 -7.30
CA ASP C 251 -21.31 -17.58 -6.36
C ASP C 251 -22.19 -17.76 -5.16
N GLU C 252 -22.85 -16.68 -4.73
CA GLU C 252 -23.58 -16.72 -3.46
C GLU C 252 -24.99 -17.25 -3.60
N ARG C 253 -25.42 -17.51 -4.83
CA ARG C 253 -26.72 -18.16 -5.05
C ARG C 253 -26.80 -19.39 -4.19
N ARG C 254 -27.93 -19.58 -3.54
CA ARG C 254 -28.25 -20.84 -2.87
C ARG C 254 -29.66 -21.24 -3.25
N SER C 255 -29.95 -22.53 -3.17
CA SER C 255 -31.24 -23.01 -3.59
C SER C 255 -31.86 -23.93 -2.58
N VAL C 256 -33.19 -23.93 -2.56
CA VAL C 256 -33.95 -24.95 -1.88
C VAL C 256 -34.47 -26.02 -2.89
N LEU C 257 -35.09 -27.06 -2.36
CA LEU C 257 -35.54 -28.17 -3.17
C LEU C 257 -37.05 -28.20 -3.19
N THR C 258 -37.60 -28.65 -4.33
CA THR C 258 -39.01 -29.01 -4.39
C THR C 258 -39.24 -30.18 -5.34
N LEU C 259 -40.50 -30.62 -5.42
CA LEU C 259 -40.92 -31.62 -6.41
C LEU C 259 -41.70 -30.96 -7.57
N SER C 260 -41.13 -31.05 -8.76
CA SER C 260 -41.75 -30.50 -9.98
C SER C 260 -42.45 -31.61 -10.80
N LEU C 261 -43.78 -31.55 -10.84
CA LEU C 261 -44.60 -32.46 -11.67
C LEU C 261 -44.63 -32.01 -13.15
N ASP C 262 -44.46 -32.96 -14.07
CA ASP C 262 -44.72 -32.73 -15.52
C ASP C 262 -45.66 -33.81 -16.10
N LYS C 263 -46.87 -33.90 -15.54
CA LYS C 263 -47.91 -34.88 -15.98
C LYS C 263 -47.50 -36.36 -15.72
N ASP C 264 -46.50 -36.83 -16.47
CA ASP C 264 -46.03 -38.22 -16.33
C ASP C 264 -44.86 -38.33 -15.32
N THR C 265 -44.01 -37.29 -15.26
CA THR C 265 -42.72 -37.37 -14.52
C THR C 265 -42.67 -36.36 -13.33
N VAL C 266 -42.21 -36.84 -12.18
CA VAL C 266 -41.87 -35.97 -11.04
C VAL C 266 -40.34 -35.94 -10.87
N ARG C 267 -39.79 -34.73 -10.78
CA ARG C 267 -38.36 -34.54 -10.48
C ARG C 267 -38.17 -33.74 -9.18
N VAL C 268 -37.14 -34.09 -8.41
CA VAL C 268 -36.56 -33.17 -7.46
C VAL C 268 -35.81 -32.08 -8.22
N VAL C 269 -36.09 -30.82 -7.89
CA VAL C 269 -35.40 -29.69 -8.53
C VAL C 269 -35.04 -28.60 -7.53
N GLU C 270 -34.00 -27.85 -7.85
CA GLU C 270 -33.58 -26.71 -7.07
C GLU C 270 -34.36 -25.46 -7.49
N ARG C 271 -34.86 -24.72 -6.52
CA ARG C 271 -35.37 -23.34 -6.72
C ARG C 271 -34.45 -22.31 -5.99
N ASP C 272 -34.43 -21.07 -6.50
CA ASP C 272 -33.67 -19.97 -5.82
C ASP C 272 -34.17 -19.70 -4.39
N PHE C 273 -33.24 -19.58 -3.46
CA PHE C 273 -33.53 -19.10 -2.10
C PHE C 273 -33.04 -17.67 -1.97
N PRO C 274 -33.88 -16.77 -1.40
CA PRO C 274 -33.44 -15.39 -1.18
C PRO C 274 -32.38 -15.28 -0.04
N VAL C 275 -31.10 -15.21 -0.43
CA VAL C 275 -29.98 -15.16 0.53
C VAL C 275 -29.61 -13.71 0.87
N VAL C 276 -29.78 -12.81 -0.08
CA VAL C 276 -29.28 -11.46 0.05
C VAL C 276 -30.37 -10.56 0.60
N ALA C 277 -30.14 -10.03 1.83
CA ALA C 277 -31.12 -9.17 2.50
C ALA C 277 -31.15 -7.77 1.94
N ALA C 278 -29.98 -7.23 1.59
CA ALA C 278 -29.90 -5.88 1.08
C ALA C 278 -28.57 -5.62 0.41
N ILE C 279 -28.57 -4.65 -0.48
CA ILE C 279 -27.38 -3.98 -0.91
C ILE C 279 -27.27 -2.60 -0.21
N PHE C 280 -26.06 -2.26 0.30
CA PHE C 280 -25.77 -0.90 0.84
C PHE C 280 -24.80 -0.17 -0.06
N VAL C 281 -25.02 1.15 -0.24
CA VAL C 281 -24.08 1.98 -0.97
C VAL C 281 -24.00 3.38 -0.39
N GLU C 282 -22.78 3.92 -0.36
CA GLU C 282 -22.57 5.34 -0.14
C GLU C 282 -22.35 6.04 -1.46
N PRO C 283 -23.09 7.13 -1.71
CA PRO C 283 -22.93 7.89 -2.94
C PRO C 283 -21.53 8.43 -3.11
N VAL C 284 -20.95 8.88 -2.01
CA VAL C 284 -19.55 9.19 -1.96
C VAL C 284 -18.94 8.41 -0.81
N ARG C 285 -17.89 7.67 -1.11
CA ARG C 285 -17.49 6.55 -0.30
C ARG C 285 -16.35 6.94 0.65
N GLY C 286 -16.72 7.45 1.83
CA GLY C 286 -15.76 7.99 2.78
C GLY C 286 -14.64 7.04 3.08
N GLY C 287 -14.98 5.81 3.47
CA GLY C 287 -13.96 4.81 3.86
C GLY C 287 -13.03 4.42 2.72
N SER C 288 -13.32 4.93 1.52
CA SER C 288 -12.51 4.63 0.34
C SER C 288 -11.70 5.85 -0.09
N GLY C 289 -11.79 6.93 0.70
CA GLY C 289 -11.12 8.18 0.37
C GLY C 289 -11.98 9.12 -0.47
N MET C 290 -13.31 9.07 -0.27
CA MET C 290 -14.24 10.09 -0.83
C MET C 290 -14.51 9.88 -2.31
N LYS C 291 -14.42 8.65 -2.77
CA LYS C 291 -14.66 8.35 -4.16
C LYS C 291 -16.14 8.30 -4.44
N THR C 292 -16.57 9.10 -5.42
CA THR C 292 -17.96 9.08 -5.83
C THR C 292 -18.27 7.80 -6.62
N VAL C 293 -19.41 7.20 -6.36
CA VAL C 293 -19.94 6.13 -7.19
C VAL C 293 -20.05 6.58 -8.66
N THR C 294 -19.40 5.85 -9.53
CA THR C 294 -19.47 6.11 -10.98
C THR C 294 -20.83 5.70 -11.54
N PRO C 295 -21.18 6.19 -12.75
CA PRO C 295 -22.43 5.74 -13.40
C PRO C 295 -22.45 4.23 -13.73
N GLU C 296 -21.30 3.69 -14.11
CA GLU C 296 -21.20 2.23 -14.37
C GLU C 296 -21.50 1.40 -13.11
N LEU C 297 -20.98 1.83 -11.97
CA LEU C 297 -21.24 1.13 -10.72
C LEU C 297 -22.74 1.28 -10.27
N ALA C 298 -23.28 2.46 -10.40
CA ALA C 298 -24.69 2.69 -10.10
C ALA C 298 -25.58 1.80 -10.94
N GLU C 299 -25.26 1.66 -12.22
CA GLU C 299 -26.05 0.76 -13.09
C GLU C 299 -25.94 -0.69 -12.67
N GLU C 300 -24.77 -1.07 -12.15
CA GLU C 300 -24.58 -2.47 -11.69
C GLU C 300 -25.35 -2.74 -10.38
N LEU C 301 -25.46 -1.74 -9.54
CA LEU C 301 -26.18 -1.89 -8.27
C LEU C 301 -27.71 -1.96 -8.53
N HIS C 302 -28.17 -1.16 -9.47
CA HIS C 302 -29.55 -1.29 -10.00
C HIS C 302 -29.87 -2.69 -10.56
N ARG C 303 -28.95 -3.24 -11.34
CA ARG C 303 -29.15 -4.55 -11.89
C ARG C 303 -29.28 -5.56 -10.79
N LEU C 304 -28.41 -5.45 -9.78
CA LEU C 304 -28.40 -6.41 -8.67
C LEU C 304 -29.67 -6.32 -7.85
N ARG C 305 -30.07 -5.08 -7.56
CA ARG C 305 -31.32 -4.82 -6.88
C ARG C 305 -32.53 -5.38 -7.69
N ASP C 306 -32.58 -5.07 -8.99
CA ASP C 306 -33.67 -5.62 -9.88
C ASP C 306 -33.58 -7.16 -9.95
N THR C 307 -32.39 -7.68 -10.08
CA THR C 307 -32.20 -9.15 -10.20
C THR C 307 -32.55 -9.93 -8.93
N LEU C 308 -32.05 -9.47 -7.78
CA LEU C 308 -32.22 -10.24 -6.52
C LEU C 308 -33.55 -9.94 -5.86
N GLY C 309 -34.07 -8.73 -6.10
CA GLY C 309 -35.36 -8.29 -5.51
C GLY C 309 -35.26 -7.84 -4.04
N CYS C 310 -34.04 -7.65 -3.56
CA CYS C 310 -33.83 -7.06 -2.23
C CYS C 310 -33.66 -5.58 -2.37
N PRO C 311 -33.84 -4.85 -1.27
CA PRO C 311 -33.72 -3.37 -1.37
C PRO C 311 -32.28 -2.90 -1.49
N LEU C 312 -32.10 -1.89 -2.33
CA LEU C 312 -30.87 -1.09 -2.35
C LEU C 312 -30.93 0.07 -1.30
N VAL C 313 -30.09 -0.03 -0.27
CA VAL C 313 -30.07 0.92 0.82
C VAL C 313 -28.99 1.95 0.58
N VAL C 314 -29.41 3.18 0.34
CA VAL C 314 -28.50 4.25 0.10
C VAL C 314 -28.16 4.98 1.40
N ASP C 315 -26.90 4.89 1.78
CA ASP C 315 -26.41 5.43 3.09
C ASP C 315 -25.92 6.85 2.87
N GLU C 316 -26.74 7.82 3.26
CA GLU C 316 -26.43 9.23 3.08
C GLU C 316 -26.12 9.87 4.45
N VAL C 317 -25.68 9.04 5.39
CA VAL C 317 -25.32 9.53 6.70
C VAL C 317 -24.28 10.68 6.58
N GLN C 318 -23.37 10.56 5.59
CA GLN C 318 -22.33 11.56 5.39
C GLN C 318 -22.63 12.50 4.18
N THR C 319 -23.18 11.93 3.08
CA THR C 319 -23.37 12.68 1.84
C THR C 319 -24.61 13.57 1.81
N GLY C 320 -25.54 13.31 2.72
CA GLY C 320 -26.81 14.04 2.75
C GLY C 320 -26.76 15.41 3.48
N ILE C 321 -27.91 16.09 3.46
CA ILE C 321 -28.06 17.42 3.99
C ILE C 321 -27.06 18.38 3.35
N GLY C 322 -26.92 18.29 2.03
CA GLY C 322 -26.41 19.40 1.23
C GLY C 322 -24.92 19.28 0.90
N ARG C 323 -24.26 18.33 1.52
CA ARG C 323 -22.82 18.23 1.49
C ARG C 323 -22.24 18.18 0.04
N THR C 324 -22.93 17.45 -0.85
CA THR C 324 -22.39 17.21 -2.18
C THR C 324 -22.80 18.29 -3.15
N GLY C 325 -23.68 19.18 -2.71
CA GLY C 325 -24.17 20.25 -3.56
C GLY C 325 -25.60 20.02 -3.99
N ALA C 326 -26.17 18.90 -3.56
CA ALA C 326 -27.61 18.77 -3.40
C ALA C 326 -27.92 18.18 -2.02
N PHE C 327 -29.19 18.06 -1.67
CA PHE C 327 -29.57 17.45 -0.40
C PHE C 327 -29.15 16.02 -0.41
N PHE C 328 -29.57 15.30 -1.43
CA PHE C 328 -29.24 13.89 -1.55
C PHE C 328 -28.15 13.70 -2.58
N GLY C 329 -27.02 13.22 -2.14
CA GLY C 329 -25.96 12.83 -3.05
C GLY C 329 -26.44 11.80 -4.08
N SER C 330 -27.31 10.89 -3.64
CA SER C 330 -27.87 9.87 -4.51
C SER C 330 -28.59 10.52 -5.71
N ALA C 331 -29.30 11.61 -5.45
CA ALA C 331 -30.03 12.33 -6.49
C ALA C 331 -29.07 12.91 -7.49
N LEU C 332 -27.96 13.44 -6.99
CA LEU C 332 -26.94 14.05 -7.82
C LEU C 332 -26.29 13.02 -8.75
N LEU C 333 -26.04 11.83 -8.24
CA LEU C 333 -25.26 10.83 -8.98
C LEU C 333 -26.14 9.75 -9.62
N GLY C 334 -27.46 9.93 -9.54
CA GLY C 334 -28.40 8.99 -10.15
C GLY C 334 -28.39 7.59 -9.54
N ILE C 335 -28.26 7.50 -8.21
CA ILE C 335 -28.51 6.21 -7.50
C ILE C 335 -29.99 6.12 -6.97
N ARG C 336 -30.74 5.18 -7.53
CA ARG C 336 -32.15 5.01 -7.21
C ARG C 336 -32.30 3.89 -6.19
N GLY C 337 -32.21 4.25 -4.91
CA GLY C 337 -32.32 3.27 -3.84
C GLY C 337 -33.77 3.01 -3.46
N ASP C 338 -33.97 2.01 -2.62
CA ASP C 338 -35.28 1.73 -2.07
C ASP C 338 -35.41 2.30 -0.62
N TYR C 339 -34.33 2.21 0.17
CA TYR C 339 -34.26 2.87 1.52
C TYR C 339 -33.19 3.92 1.49
N TYR C 340 -33.32 4.91 2.34
CA TYR C 340 -32.28 5.93 2.49
C TYR C 340 -32.02 6.21 3.99
N THR C 341 -30.79 6.55 4.34
CA THR C 341 -30.48 6.89 5.70
C THR C 341 -29.78 8.17 5.79
N LEU C 342 -30.11 8.91 6.83
CA LEU C 342 -29.49 10.19 7.10
C LEU C 342 -29.09 10.24 8.61
N ALA C 343 -28.05 10.99 8.91
CA ALA C 343 -27.70 11.29 10.27
C ALA C 343 -26.78 12.54 10.31
N LYS C 344 -25.64 12.43 11.00
CA LYS C 344 -24.67 13.51 11.11
C LYS C 344 -25.31 14.93 11.13
N ALA C 345 -25.35 15.61 9.96
CA ALA C 345 -25.64 17.06 9.92
C ALA C 345 -27.07 17.39 10.40
N ILE C 346 -27.93 16.39 10.48
CA ILE C 346 -29.36 16.59 10.83
C ILE C 346 -29.51 16.94 12.29
N GLY C 347 -28.47 16.69 13.08
CA GLY C 347 -28.44 17.12 14.47
C GLY C 347 -28.03 18.57 14.68
N GLY C 348 -27.71 19.27 13.60
CA GLY C 348 -27.37 20.71 13.67
C GLY C 348 -25.99 20.99 14.28
N GLY C 349 -25.19 19.93 14.45
CA GLY C 349 -23.93 20.06 15.10
C GLY C 349 -24.02 20.00 16.62
N ILE C 350 -25.24 19.79 17.16
CA ILE C 350 -25.43 19.85 18.61
C ILE C 350 -26.15 18.65 19.22
N VAL C 351 -27.13 18.09 18.51
CA VAL C 351 -27.83 16.90 19.01
C VAL C 351 -27.71 15.67 18.08
N LYS C 352 -28.27 14.56 18.53
CA LYS C 352 -28.08 13.27 17.89
C LYS C 352 -29.39 12.79 17.35
N ASN C 353 -29.42 12.51 16.06
CA ASN C 353 -30.64 12.12 15.37
C ASN C 353 -30.27 11.38 14.09
N SER C 354 -31.19 10.56 13.61
CA SER C 354 -31.02 9.93 12.30
C SER C 354 -32.32 9.41 11.84
N VAL C 355 -32.37 8.97 10.59
CA VAL C 355 -33.62 8.56 10.01
C VAL C 355 -33.41 7.56 8.88
N ALA C 356 -34.23 6.53 8.89
CA ALA C 356 -34.34 5.65 7.77
C ALA C 356 -35.59 5.99 7.03
N LEU C 357 -35.46 6.21 5.72
CA LEU C 357 -36.62 6.40 4.84
C LEU C 357 -36.79 5.19 4.01
N ILE C 358 -37.96 4.57 4.11
CA ILE C 358 -38.21 3.28 3.45
C ILE C 358 -39.41 3.42 2.51
N ARG C 359 -39.24 3.06 1.24
CA ARG C 359 -40.29 3.36 0.24
C ARG C 359 -41.61 2.71 0.65
N GLN C 360 -42.71 3.46 0.51
CA GLN C 360 -43.97 3.08 1.16
C GLN C 360 -44.61 1.87 0.52
N ASP C 361 -44.32 1.63 -0.75
CA ASP C 361 -44.79 0.38 -1.38
C ASP C 361 -43.96 -0.87 -0.99
N ARG C 362 -42.88 -0.68 -0.23
CA ARG C 362 -42.14 -1.83 0.35
C ARG C 362 -42.33 -1.95 1.85
N PHE C 363 -42.84 -0.89 2.48
CA PHE C 363 -42.77 -0.75 3.91
C PHE C 363 -43.77 -1.65 4.61
N LEU C 364 -43.27 -2.49 5.53
CA LEU C 364 -44.09 -3.41 6.25
C LEU C 364 -44.52 -2.81 7.58
N PRO C 365 -45.83 -2.73 7.81
CA PRO C 365 -46.36 -1.89 8.89
C PRO C 365 -45.99 -2.39 10.27
N ALA C 366 -45.66 -3.66 10.39
CA ALA C 366 -45.23 -4.24 11.66
C ALA C 366 -44.02 -3.49 12.23
N MET C 367 -43.15 -3.04 11.34
CA MET C 367 -41.95 -2.35 11.72
C MET C 367 -42.25 -1.13 12.62
N GLU C 368 -43.39 -0.48 12.38
CA GLU C 368 -43.77 0.72 13.16
C GLU C 368 -44.04 0.37 14.63
N VAL C 369 -44.46 -0.88 14.88
CA VAL C 369 -44.85 -1.28 16.26
C VAL C 369 -43.93 -2.29 16.91
N ILE C 370 -43.09 -2.97 16.14
CA ILE C 370 -42.12 -3.89 16.74
C ILE C 370 -40.73 -3.28 16.92
N HIS C 371 -40.45 -2.19 16.22
CA HIS C 371 -39.21 -1.46 16.45
C HIS C 371 -39.47 -0.23 17.29
N SER C 372 -38.53 0.08 18.18
CA SER C 372 -38.59 1.30 18.98
C SER C 372 -37.23 1.59 19.60
N SER C 373 -37.12 2.76 20.23
CA SER C 373 -35.93 3.15 20.94
C SER C 373 -36.32 4.24 21.94
N THR C 374 -35.73 4.21 23.13
CA THR C 374 -36.10 5.16 24.15
C THR C 374 -35.93 6.60 23.64
N PHE C 375 -34.74 6.90 23.10
CA PHE C 375 -34.37 8.27 22.79
C PHE C 375 -34.88 8.69 21.40
N ALA C 376 -35.23 7.72 20.56
CA ALA C 376 -35.56 8.02 19.16
C ALA C 376 -36.79 8.87 19.09
N LYS C 377 -36.76 9.82 18.18
CA LYS C 377 -37.92 10.59 17.90
C LYS C 377 -38.24 11.55 19.07
N ASP C 378 -37.25 11.83 19.90
CA ASP C 378 -37.38 12.79 20.96
C ASP C 378 -37.75 14.19 20.42
N GLY C 379 -38.38 14.98 21.26
CA GLY C 379 -38.88 16.31 20.86
C GLY C 379 -37.79 17.28 20.49
N LEU C 380 -36.68 17.25 21.22
CA LEU C 380 -35.63 18.26 21.04
C LEU C 380 -34.94 18.12 19.69
N SER C 381 -34.48 16.90 19.37
CA SER C 381 -33.77 16.67 18.13
C SER C 381 -34.74 16.73 16.96
N ALA C 382 -36.01 16.44 17.22
CA ALA C 382 -37.07 16.67 16.21
C ALA C 382 -37.17 18.16 15.86
N SER C 383 -37.19 19.01 16.86
CA SER C 383 -37.29 20.44 16.64
C SER C 383 -36.06 20.97 15.84
N ILE C 384 -34.88 20.50 16.22
CA ILE C 384 -33.65 20.96 15.64
C ILE C 384 -33.46 20.44 14.23
N ALA C 385 -33.89 19.19 13.98
CA ALA C 385 -34.08 18.69 12.60
C ALA C 385 -34.88 19.66 11.71
N LEU C 386 -36.09 20.02 12.14
CA LEU C 386 -36.95 20.98 11.35
C LEU C 386 -36.27 22.33 11.11
N LYS C 387 -35.46 22.77 12.06
CA LYS C 387 -34.63 23.97 11.87
C LYS C 387 -33.58 23.76 10.78
N VAL C 388 -32.82 22.67 10.89
CA VAL C 388 -31.76 22.39 9.92
C VAL C 388 -32.35 22.26 8.52
N LEU C 389 -33.52 21.64 8.41
CA LEU C 389 -34.18 21.47 7.10
C LEU C 389 -34.67 22.80 6.55
N GLU C 390 -35.17 23.65 7.43
CA GLU C 390 -35.51 24.99 7.05
C GLU C 390 -34.27 25.73 6.52
N MET C 391 -33.14 25.57 7.19
CA MET C 391 -31.94 26.35 6.86
C MET C 391 -31.37 25.93 5.53
N VAL C 392 -31.31 24.63 5.30
CA VAL C 392 -30.68 24.15 4.12
C VAL C 392 -31.59 24.41 2.88
N GLU C 393 -32.89 24.50 3.12
CA GLU C 393 -33.88 24.71 2.06
C GLU C 393 -34.07 26.20 1.72
N ALA C 394 -33.59 27.08 2.60
CA ALA C 394 -34.00 28.49 2.59
C ALA C 394 -33.62 29.20 1.24
N ASP C 395 -34.38 30.26 0.92
CA ASP C 395 -34.00 31.19 -0.17
C ASP C 395 -33.89 30.45 -1.48
N GLY C 396 -34.84 29.55 -1.73
CA GLY C 396 -35.02 28.95 -3.04
C GLY C 396 -33.88 28.04 -3.43
N GLY C 397 -33.21 27.47 -2.43
CA GLY C 397 -32.17 26.47 -2.67
C GLY C 397 -30.80 27.07 -2.88
N ARG C 398 -30.57 28.25 -2.31
CA ARG C 398 -29.36 29.00 -2.57
C ARG C 398 -28.19 28.41 -1.71
N VAL C 399 -28.54 27.66 -0.68
CA VAL C 399 -27.54 27.04 0.19
C VAL C 399 -26.80 25.91 -0.51
N TYR C 400 -27.50 25.17 -1.34
CA TYR C 400 -26.88 24.16 -2.19
C TYR C 400 -25.92 24.82 -3.19
N GLN C 401 -26.38 25.90 -3.81
CA GLN C 401 -25.54 26.68 -4.76
C GLN C 401 -24.23 27.11 -4.09
N ARG C 402 -24.35 27.56 -2.86
CA ARG C 402 -23.22 28.01 -2.07
C ARG C 402 -22.24 26.83 -1.75
N VAL C 403 -22.78 25.68 -1.39
CA VAL C 403 -21.96 24.48 -1.23
C VAL C 403 -21.17 24.18 -2.52
N ARG C 404 -21.85 24.27 -3.66
CA ARG C 404 -21.22 23.92 -4.94
C ARG C 404 -20.10 24.89 -5.28
N GLU C 405 -20.35 26.19 -5.07
CA GLU C 405 -19.34 27.22 -5.38
C GLU C 405 -18.16 27.18 -4.41
N ARG C 406 -18.44 26.95 -3.12
CA ARG C 406 -17.35 26.78 -2.10
C ARG C 406 -16.56 25.47 -2.39
N GLY C 407 -17.27 24.43 -2.83
CA GLY C 407 -16.65 23.16 -3.13
C GLY C 407 -15.73 23.26 -4.34
N GLN C 408 -16.23 23.88 -5.42
CA GLN C 408 -15.41 24.15 -6.62
C GLN C 408 -14.13 24.88 -6.22
N ARG C 409 -14.28 25.95 -5.46
CA ARG C 409 -13.14 26.70 -4.99
C ARG C 409 -12.14 25.81 -4.27
N LEU C 410 -12.64 24.95 -3.38
CA LEU C 410 -11.76 24.17 -2.50
C LEU C 410 -11.12 23.04 -3.27
N GLU C 411 -11.86 22.45 -4.20
CA GLU C 411 -11.31 21.40 -5.05
C GLU C 411 -10.25 21.97 -6.03
N ALA C 412 -10.49 23.17 -6.56
CA ALA C 412 -9.53 23.82 -7.48
C ALA C 412 -8.21 24.09 -6.77
N MET C 413 -8.30 24.59 -5.55
CA MET C 413 -7.11 24.70 -4.73
C MET C 413 -6.43 23.35 -4.63
N LEU C 414 -7.18 22.31 -4.28
CA LEU C 414 -6.58 21.04 -3.99
C LEU C 414 -5.95 20.44 -5.24
N GLU C 415 -6.60 20.65 -6.40
CA GLU C 415 -6.05 20.23 -7.71
C GLU C 415 -4.74 21.01 -8.04
N SER C 416 -4.77 22.32 -7.79
CA SER C 416 -3.59 23.14 -8.01
C SER C 416 -2.43 22.63 -7.17
N VAL C 417 -2.74 22.05 -6.01
CA VAL C 417 -1.71 21.58 -5.09
C VAL C 417 -1.18 20.23 -5.54
N ARG C 418 -2.09 19.35 -5.92
CA ARG C 418 -1.71 18.08 -6.50
C ARG C 418 -0.80 18.28 -7.72
N ALA C 419 -1.18 19.22 -8.59
CA ALA C 419 -0.47 19.44 -9.86
C ALA C 419 1.03 19.72 -9.64
N ASP C 420 1.35 20.51 -8.59
CA ASP C 420 2.75 20.87 -8.29
C ASP C 420 3.37 19.94 -7.25
N HIS C 421 2.63 18.89 -6.87
CA HIS C 421 3.08 17.96 -5.84
C HIS C 421 2.61 16.52 -6.15
N SER C 422 2.57 16.19 -7.45
CA SER C 422 2.07 14.88 -7.90
C SER C 422 3.03 13.74 -7.54
N ASP C 423 4.20 14.08 -7.02
CA ASP C 423 5.13 13.07 -6.55
C ASP C 423 4.69 12.45 -5.23
N VAL C 424 3.90 13.19 -4.44
CA VAL C 424 3.39 12.66 -3.15
C VAL C 424 1.84 12.63 -3.06
N VAL C 425 1.17 13.31 -3.99
CA VAL C 425 -0.28 13.27 -4.07
C VAL C 425 -0.74 12.60 -5.39
N SER C 426 -1.55 11.54 -5.26
CA SER C 426 -2.01 10.75 -6.42
C SER C 426 -3.21 11.40 -7.07
N ALA C 427 -4.17 11.85 -6.26
CA ALA C 427 -5.48 12.25 -6.78
C ALA C 427 -6.22 13.20 -5.81
N VAL C 428 -7.07 14.05 -6.37
CA VAL C 428 -8.18 14.62 -5.64
C VAL C 428 -9.44 13.81 -5.88
N TRP C 429 -10.14 13.50 -4.81
CA TRP C 429 -11.39 12.72 -4.88
C TRP C 429 -12.55 13.50 -4.26
N GLY C 430 -13.76 13.19 -4.71
CA GLY C 430 -14.99 13.63 -4.04
C GLY C 430 -15.73 14.69 -4.82
N THR C 431 -16.72 15.29 -4.19
CA THR C 431 -17.54 16.29 -4.83
C THR C 431 -18.17 17.16 -3.77
N GLY C 432 -18.65 18.32 -4.17
CA GLY C 432 -19.23 19.27 -3.25
C GLY C 432 -18.21 19.72 -2.22
N LEU C 433 -18.62 19.71 -0.94
CA LEU C 433 -17.68 19.98 0.16
C LEU C 433 -17.31 18.70 0.88
N MET C 434 -17.27 17.62 0.13
CA MET C 434 -16.80 16.34 0.65
C MET C 434 -15.67 15.84 -0.19
N LEU C 435 -14.46 16.26 0.16
CA LEU C 435 -13.31 16.11 -0.74
C LEU C 435 -12.14 15.44 -0.01
N ALA C 436 -11.14 14.99 -0.76
CA ALA C 436 -9.97 14.37 -0.18
C ALA C 436 -8.77 14.41 -1.14
N LEU C 437 -7.56 14.38 -0.56
CA LEU C 437 -6.33 14.07 -1.31
C LEU C 437 -5.91 12.68 -1.01
N GLU C 438 -5.66 11.89 -2.05
CA GLU C 438 -4.99 10.59 -1.89
C GLU C 438 -3.47 10.80 -1.81
N LEU C 439 -2.85 10.32 -0.73
CA LEU C 439 -1.41 10.31 -0.59
C LEU C 439 -0.81 9.09 -1.30
N ARG C 440 0.36 9.28 -1.92
CA ARG C 440 1.11 8.16 -2.48
C ARG C 440 1.75 7.37 -1.39
N ASP C 441 1.91 6.08 -1.62
CA ASP C 441 2.49 5.17 -0.64
C ASP C 441 3.87 5.66 -0.22
N GLN C 442 4.19 5.50 1.06
CA GLN C 442 5.44 5.97 1.59
C GLN C 442 6.12 4.87 2.38
N SER C 443 5.74 3.62 2.13
CA SER C 443 6.32 2.50 2.84
C SER C 443 7.77 2.28 2.39
N ASN C 444 8.16 2.89 1.26
CA ASN C 444 9.55 2.82 0.77
C ASN C 444 10.30 4.12 0.98
N ALA C 445 9.82 4.93 1.91
CA ALA C 445 10.33 6.27 2.10
C ALA C 445 11.75 6.20 2.62
N THR C 446 12.58 7.18 2.25
CA THR C 446 13.99 7.17 2.61
C THR C 446 14.17 7.45 4.10
N SER C 447 13.42 8.41 4.62
CA SER C 447 13.37 8.64 6.08
C SER C 447 12.83 7.43 6.80
N GLN C 448 13.54 7.00 7.83
CA GLN C 448 13.13 5.85 8.59
C GLN C 448 11.81 6.12 9.32
N ALA C 449 11.73 7.26 9.99
CA ALA C 449 10.61 7.54 10.87
C ALA C 449 9.30 7.63 10.06
N ILE C 450 9.36 8.28 8.93
CA ILE C 450 8.23 8.35 8.01
C ILE C 450 7.84 6.96 7.51
N ARG C 451 8.84 6.19 7.11
CA ARG C 451 8.62 4.85 6.56
C ARG C 451 7.92 3.96 7.59
N GLU C 452 8.39 4.03 8.84
CA GLU C 452 7.85 3.23 9.89
C GLU C 452 6.38 3.59 10.14
N LYS C 453 6.09 4.87 10.20
CA LYS C 453 4.72 5.34 10.32
C LYS C 453 3.86 4.88 9.14
N ALA C 454 4.38 4.99 7.92
CA ALA C 454 3.67 4.47 6.74
C ALA C 454 3.30 3.02 6.94
N ALA C 455 4.12 2.30 7.70
CA ALA C 455 4.03 0.84 7.74
C ALA C 455 3.06 0.38 8.84
N HIS C 456 2.79 1.27 9.80
CA HIS C 456 1.71 1.05 10.76
C HIS C 456 0.35 1.62 10.25
N GLY C 457 0.36 2.19 9.05
CA GLY C 457 -0.82 2.88 8.50
C GLY C 457 -1.14 4.22 9.19
N PHE C 458 -0.13 4.85 9.75
CA PHE C 458 -0.31 6.09 10.51
C PHE C 458 0.05 7.37 9.71
N LEU C 459 0.45 7.21 8.46
CA LEU C 459 1.04 8.34 7.70
C LEU C 459 0.15 9.60 7.79
N GLY C 460 -1.09 9.46 7.36
CA GLY C 460 -2.01 10.58 7.28
C GLY C 460 -2.21 11.31 8.62
N TYR C 461 -2.16 10.57 9.72
CA TYR C 461 -2.26 11.16 11.06
C TYR C 461 -1.03 11.99 11.40
N VAL C 462 0.15 11.46 11.09
CA VAL C 462 1.41 12.21 11.23
C VAL C 462 1.36 13.52 10.45
N LEU C 463 0.91 13.44 9.21
CA LEU C 463 0.83 14.60 8.34
C LEU C 463 -0.22 15.60 8.86
N ALA C 464 -1.29 15.08 9.45
CA ALA C 464 -2.28 15.90 10.11
C ALA C 464 -1.68 16.62 11.30
N GLY C 465 -0.85 15.92 12.05
CA GLY C 465 -0.11 16.52 13.17
C GLY C 465 0.75 17.67 12.72
N PHE C 466 1.46 17.48 11.61
CA PHE C 466 2.27 18.55 11.04
C PHE C 466 1.41 19.77 10.78
N LEU C 467 0.28 19.57 10.11
CA LEU C 467 -0.61 20.65 9.75
C LEU C 467 -1.15 21.38 11.00
N LEU C 468 -1.33 20.64 12.09
CA LEU C 468 -1.86 21.22 13.32
C LEU C 468 -0.84 22.13 13.96
N ARG C 469 0.35 21.59 14.24
CA ARG C 469 1.36 22.30 15.03
C ARG C 469 2.07 23.45 14.22
N GLU C 470 2.20 23.28 12.91
CA GLU C 470 2.99 24.22 12.09
C GLU C 470 2.10 25.23 11.34
N HIS C 471 0.83 24.89 11.14
CA HIS C 471 -0.07 25.76 10.39
C HIS C 471 -1.42 25.99 11.07
N HIS C 472 -1.62 25.38 12.25
CA HIS C 472 -2.88 25.53 12.98
C HIS C 472 -4.09 25.16 12.11
N ILE C 473 -4.01 24.04 11.43
CA ILE C 473 -5.10 23.54 10.65
C ILE C 473 -5.43 22.10 11.08
N ARG C 474 -6.70 21.88 11.40
CA ARG C 474 -7.18 20.57 11.82
C ARG C 474 -7.66 19.80 10.58
N VAL C 475 -6.88 18.80 10.21
CA VAL C 475 -7.27 17.84 9.19
C VAL C 475 -7.21 16.43 9.83
N LEU C 476 -8.13 15.56 9.44
CA LEU C 476 -8.02 14.15 9.83
C LEU C 476 -7.99 13.28 8.60
N PRO C 477 -7.35 12.13 8.71
CA PRO C 477 -7.26 11.25 7.57
C PRO C 477 -8.53 10.50 7.33
N ALA C 478 -8.73 10.07 6.09
CA ALA C 478 -9.72 9.07 5.75
C ALA C 478 -9.05 7.79 5.20
N GLY C 479 -9.83 6.75 5.05
CA GLY C 479 -9.44 5.61 4.24
C GLY C 479 -8.67 4.61 5.05
N PRO C 480 -8.41 3.43 4.46
CA PRO C 480 -8.15 2.19 5.21
C PRO C 480 -6.80 2.20 5.99
N ARG C 481 -5.81 2.93 5.49
CA ARG C 481 -4.56 3.10 6.21
C ARG C 481 -4.17 4.58 6.23
N SER C 482 -5.12 5.44 6.61
CA SER C 482 -4.89 6.88 6.67
C SER C 482 -4.11 7.35 5.47
N GLY C 483 -4.45 6.80 4.30
CA GLY C 483 -3.81 7.16 3.07
C GLY C 483 -4.54 8.23 2.31
N PHE C 484 -5.56 8.82 2.92
CA PHE C 484 -6.22 10.04 2.38
C PHE C 484 -6.30 11.13 3.45
N LEU C 485 -6.36 12.39 3.00
CA LEU C 485 -6.60 13.53 3.88
C LEU C 485 -7.90 14.13 3.56
N ARG C 486 -8.74 14.31 4.59
CA ARG C 486 -10.14 14.70 4.41
C ARG C 486 -10.24 16.21 4.41
N PHE C 487 -11.07 16.74 3.53
CA PHE C 487 -11.46 18.17 3.60
C PHE C 487 -12.94 18.28 3.50
N SER C 488 -13.60 18.48 4.64
CA SER C 488 -15.05 18.60 4.67
C SER C 488 -15.50 19.71 5.63
N PRO C 489 -15.17 20.96 5.31
CA PRO C 489 -15.52 22.10 6.13
C PRO C 489 -16.98 22.54 5.96
N SER C 490 -17.37 23.54 6.71
CA SER C 490 -18.69 24.15 6.54
C SER C 490 -18.74 24.97 5.28
N LEU C 491 -19.95 25.30 4.85
CA LEU C 491 -20.14 26.10 3.66
C LEU C 491 -19.73 27.57 3.87
N TYR C 492 -19.34 27.92 5.09
CA TYR C 492 -18.87 29.27 5.37
C TYR C 492 -17.34 29.40 5.22
N ILE C 493 -16.67 28.31 4.85
CA ILE C 493 -15.23 28.37 4.62
C ILE C 493 -14.89 29.57 3.69
N THR C 494 -13.99 30.43 4.15
CA THR C 494 -13.66 31.67 3.44
C THR C 494 -12.51 31.46 2.46
N ASP C 495 -12.40 32.36 1.48
CA ASP C 495 -11.29 32.33 0.50
C ASP C 495 -9.92 32.43 1.21
N GLU C 496 -9.88 33.20 2.28
CA GLU C 496 -8.66 33.38 3.06
C GLU C 496 -8.28 32.07 3.78
N GLU C 497 -9.30 31.38 4.31
CA GLU C 497 -9.10 30.09 4.98
C GLU C 497 -8.66 29.01 3.98
N ILE C 498 -9.12 29.14 2.75
CA ILE C 498 -8.71 28.23 1.69
C ILE C 498 -7.27 28.51 1.24
N ASP C 499 -6.89 29.80 1.14
CA ASP C 499 -5.46 30.18 0.86
C ASP C 499 -4.54 29.64 1.94
N ARG C 500 -4.90 29.84 3.20
CA ARG C 500 -4.09 29.35 4.32
C ARG C 500 -3.92 27.83 4.28
N THR C 501 -4.90 27.15 3.70
CA THR C 501 -4.87 25.71 3.61
C THR C 501 -3.96 25.30 2.47
N GLU C 502 -4.03 26.02 1.35
CA GLU C 502 -3.06 25.82 0.23
C GLU C 502 -1.61 26.01 0.70
N THR C 503 -1.35 27.15 1.33
CA THR C 503 -0.01 27.44 1.90
C THR C 503 0.46 26.28 2.78
N ALA C 504 -0.44 25.79 3.63
CA ALA C 504 -0.08 24.78 4.62
C ALA C 504 0.23 23.43 3.96
N LEU C 505 -0.49 23.12 2.89
CA LEU C 505 -0.32 21.85 2.19
C LEU C 505 0.94 21.88 1.30
N ARG C 506 1.14 22.98 0.59
CA ARG C 506 2.39 23.20 -0.15
C ARG C 506 3.59 23.00 0.78
N SER C 507 3.52 23.62 1.95
CA SER C 507 4.52 23.38 2.99
C SER C 507 4.64 21.87 3.33
N LEU C 508 3.50 21.23 3.58
CA LEU C 508 3.52 19.85 4.07
C LEU C 508 4.13 18.91 3.04
N PHE C 509 3.68 19.03 1.81
CA PHE C 509 4.08 18.10 0.76
C PHE C 509 5.49 18.41 0.19
N THR C 510 5.97 19.63 0.43
CA THR C 510 7.38 19.98 0.16
C THR C 510 8.31 19.30 1.19
N ALA C 511 7.95 19.38 2.46
CA ALA C 511 8.71 18.67 3.50
C ALA C 511 8.68 17.15 3.27
N LEU C 512 7.58 16.66 2.72
CA LEU C 512 7.43 15.22 2.50
C LEU C 512 8.24 14.78 1.26
N ARG C 513 8.22 15.61 0.23
CA ARG C 513 9.19 15.51 -0.88
C ARG C 513 10.63 15.46 -0.35
N ASP C 514 10.98 16.38 0.54
CA ASP C 514 12.35 16.46 1.11
C ASP C 514 12.64 15.33 2.08
N GLN C 515 11.66 14.44 2.27
CA GLN C 515 11.77 13.38 3.26
C GLN C 515 12.25 13.88 4.61
N ASP C 516 11.71 15.01 5.05
CA ASP C 516 12.16 15.62 6.31
C ASP C 516 11.49 14.95 7.52
N GLY C 517 11.94 13.74 7.84
CA GLY C 517 11.35 12.95 8.91
C GLY C 517 11.38 13.63 10.28
N ASP C 518 12.44 14.39 10.54
CA ASP C 518 12.60 15.05 11.85
C ASP C 518 11.49 16.07 12.07
N ARG C 519 11.04 16.66 10.99
CA ARG C 519 10.12 17.76 11.05
C ARG C 519 8.67 17.25 11.08
N LEU C 520 8.44 16.08 10.46
CA LEU C 520 7.10 15.55 10.28
C LEU C 520 6.71 14.62 11.43
N VAL C 521 7.63 13.78 11.84
CA VAL C 521 7.39 12.82 12.93
C VAL C 521 8.05 13.29 14.22
N LEU C 522 7.35 13.15 15.35
CA LEU C 522 7.85 13.67 16.66
C LEU C 522 8.70 12.63 17.38
N GLU D 7 -55.43 10.12 2.07
CA GLU D 7 -54.57 11.32 2.43
C GLU D 7 -53.12 10.90 2.76
N PRO D 8 -52.13 11.51 2.06
CA PRO D 8 -50.74 11.03 2.21
C PRO D 8 -50.21 11.16 3.65
N VAL D 9 -49.59 10.10 4.12
CA VAL D 9 -48.99 10.07 5.43
C VAL D 9 -47.52 9.59 5.29
N TYR D 10 -46.63 10.16 6.08
CA TYR D 10 -45.21 10.03 5.86
C TYR D 10 -44.46 9.40 7.07
N ALA D 11 -45.15 9.32 8.21
CA ALA D 11 -44.70 8.52 9.32
C ALA D 11 -45.90 8.17 10.21
N ASP D 12 -45.82 7.03 10.88
CA ASP D 12 -46.50 6.82 12.19
C ASP D 12 -48.00 6.52 12.02
N ALA D 13 -48.44 6.17 10.81
CA ALA D 13 -49.87 5.92 10.59
C ALA D 13 -50.34 4.76 11.42
N VAL D 14 -49.63 3.66 11.35
CA VAL D 14 -50.05 2.44 12.07
C VAL D 14 -49.87 2.60 13.57
N LEU D 15 -48.80 3.25 13.96
CA LEU D 15 -48.54 3.52 15.36
C LEU D 15 -49.63 4.38 15.94
N ASN D 16 -49.95 5.47 15.25
CA ASN D 16 -51.00 6.38 15.72
C ASN D 16 -52.40 5.73 15.70
N GLY D 17 -52.70 4.99 14.63
CA GLY D 17 -53.93 4.23 14.57
C GLY D 17 -54.09 3.37 15.80
N TRP D 18 -53.03 2.66 16.14
CA TRP D 18 -53.08 1.75 17.27
C TRP D 18 -53.25 2.50 18.63
N LEU D 19 -52.52 3.60 18.81
CA LEU D 19 -52.63 4.41 20.05
C LEU D 19 -54.05 4.97 20.25
N THR D 20 -54.62 5.51 19.18
CA THR D 20 -55.99 5.97 19.21
C THR D 20 -56.95 4.86 19.70
N SER D 21 -56.86 3.69 19.12
CA SER D 21 -57.78 2.61 19.45
C SER D 21 -57.61 2.14 20.91
N MET D 22 -56.40 2.31 21.46
CA MET D 22 -56.13 2.04 22.89
C MET D 22 -56.66 3.15 23.82
N GLY D 23 -57.04 4.28 23.23
CA GLY D 23 -57.32 5.53 24.02
C GLY D 23 -56.07 6.32 24.45
N LEU D 24 -54.98 6.17 23.70
CA LEU D 24 -53.73 6.86 24.05
C LEU D 24 -53.33 7.81 22.94
N GLY D 25 -54.29 8.13 22.07
CA GLY D 25 -54.06 9.05 21.00
C GLY D 25 -54.13 10.48 21.46
N VAL D 26 -53.06 10.95 22.09
CA VAL D 26 -52.98 12.33 22.57
C VAL D 26 -51.61 12.93 22.17
N GLU D 27 -51.58 14.24 21.93
CA GLU D 27 -50.31 14.92 21.71
C GLU D 27 -49.98 15.80 22.89
N TYR D 28 -48.86 15.50 23.55
CA TYR D 28 -48.37 16.34 24.62
C TYR D 28 -47.54 17.48 24.05
N VAL D 29 -47.86 18.72 24.48
CA VAL D 29 -47.30 19.93 23.83
C VAL D 29 -46.32 20.63 24.72
N ARG D 30 -46.30 20.28 26.00
CA ARG D 30 -45.35 20.85 26.96
C ARG D 30 -45.17 19.91 28.14
N ALA D 31 -44.04 20.01 28.80
CA ALA D 31 -43.76 19.16 29.95
C ALA D 31 -42.92 19.90 30.99
N GLU D 32 -43.24 19.70 32.26
CA GLU D 32 -42.36 20.14 33.31
C GLU D 32 -42.57 19.30 34.57
N GLY D 33 -41.48 18.91 35.17
CA GLY D 33 -41.54 18.06 36.33
C GLY D 33 -42.18 16.72 36.00
N ASN D 34 -43.23 16.40 36.74
CA ASN D 34 -43.93 15.13 36.60
C ASN D 34 -45.19 15.30 35.80
N THR D 35 -45.29 16.43 35.12
CA THR D 35 -46.49 16.75 34.37
C THR D 35 -46.17 16.92 32.90
N VAL D 36 -47.00 16.30 32.06
CA VAL D 36 -47.07 16.66 30.66
C VAL D 36 -48.43 17.28 30.36
N TYR D 37 -48.48 18.19 29.38
CA TYR D 37 -49.72 18.91 29.04
C TYR D 37 -50.18 18.58 27.61
N TYR D 38 -51.45 18.24 27.46
CA TYR D 38 -52.08 18.22 26.14
C TYR D 38 -53.16 19.32 26.00
N LEU D 39 -53.54 19.63 24.76
CA LEU D 39 -54.59 20.61 24.50
C LEU D 39 -55.96 19.92 24.33
N ASP D 40 -56.96 20.38 25.10
CA ASP D 40 -58.35 19.90 24.93
C ASP D 40 -59.04 20.56 23.72
N ASP D 41 -60.32 20.21 23.50
CA ASP D 41 -61.08 20.71 22.32
C ASP D 41 -61.04 22.23 22.21
N GLU D 42 -61.09 22.90 23.38
CA GLU D 42 -61.19 24.35 23.41
C GLU D 42 -59.78 25.03 23.33
N GLY D 43 -58.71 24.23 23.46
CA GLY D 43 -57.34 24.72 23.23
C GLY D 43 -56.58 25.09 24.50
N ARG D 44 -57.13 24.72 25.65
CA ARG D 44 -56.43 24.94 26.94
C ARG D 44 -55.58 23.71 27.37
N GLU D 45 -54.57 23.98 28.20
CA GLU D 45 -53.60 22.99 28.60
C GLU D 45 -54.13 22.16 29.72
N VAL D 46 -54.21 20.85 29.49
CA VAL D 46 -54.60 19.91 30.52
C VAL D 46 -53.36 19.23 31.10
N PRO D 47 -53.10 19.44 32.40
CA PRO D 47 -52.05 18.72 33.06
C PRO D 47 -52.33 17.20 33.19
N VAL D 48 -51.36 16.39 32.79
CA VAL D 48 -51.42 14.97 33.01
C VAL D 48 -50.22 14.53 33.84
N LEU D 49 -50.48 13.73 34.86
CA LEU D 49 -49.39 13.18 35.70
C LEU D 49 -48.69 12.00 34.99
N ASP D 50 -47.36 12.10 34.84
CA ASP D 50 -46.59 11.18 34.05
C ASP D 50 -45.91 10.15 34.97
N HIS D 51 -46.38 8.90 34.93
CA HIS D 51 -45.75 7.81 35.66
C HIS D 51 -44.81 6.98 34.76
N ALA D 52 -44.81 7.27 33.47
CA ALA D 52 -43.95 6.57 32.52
C ALA D 52 -42.55 7.24 32.48
N CYS D 53 -42.53 8.55 32.23
CA CYS D 53 -41.30 9.36 32.37
C CYS D 53 -40.17 8.80 31.53
N GLY D 54 -40.40 8.67 30.24
CA GLY D 54 -39.40 8.19 29.33
C GLY D 54 -38.91 6.78 29.70
N PHE D 55 -39.85 5.93 30.16
CA PHE D 55 -39.52 4.60 30.63
C PHE D 55 -38.39 4.66 31.69
N GLY D 56 -38.46 5.63 32.58
CA GLY D 56 -37.52 5.72 33.71
C GLY D 56 -36.30 6.57 33.41
N SER D 57 -36.35 7.31 32.31
CA SER D 57 -35.31 8.28 31.98
C SER D 57 -35.30 9.52 32.87
N LEU D 58 -36.41 9.82 33.51
CA LEU D 58 -36.62 11.15 34.09
C LEU D 58 -36.65 11.12 35.62
N ILE D 59 -35.55 10.70 36.21
CA ILE D 59 -35.46 10.62 37.62
C ILE D 59 -35.63 12.04 38.23
N PHE D 60 -35.21 13.07 37.47
CA PHE D 60 -35.33 14.46 37.93
C PHE D 60 -36.48 15.19 37.23
N GLY D 61 -37.36 14.43 36.60
CA GLY D 61 -38.53 15.00 35.92
C GLY D 61 -38.22 15.57 34.54
N HIS D 62 -39.28 15.96 33.83
CA HIS D 62 -39.15 16.62 32.54
C HIS D 62 -38.52 17.98 32.75
N ASN D 63 -37.50 18.29 31.97
CA ASN D 63 -37.03 19.65 31.80
C ASN D 63 -36.72 20.34 33.15
N HIS D 64 -35.88 19.69 33.94
CA HIS D 64 -35.50 20.20 35.21
C HIS D 64 -34.68 21.47 35.02
N PRO D 65 -35.09 22.54 35.69
CA PRO D 65 -34.52 23.86 35.43
C PRO D 65 -32.99 23.89 35.51
N GLU D 66 -32.42 23.19 36.49
CA GLU D 66 -30.94 23.07 36.62
C GLU D 66 -30.34 22.49 35.37
N ILE D 67 -30.94 21.42 34.88
CA ILE D 67 -30.42 20.78 33.70
C ILE D 67 -30.59 21.72 32.48
N ILE D 68 -31.75 22.32 32.36
CA ILE D 68 -32.02 23.24 31.25
C ILE D 68 -31.04 24.43 31.25
N ALA D 69 -30.82 25.01 32.44
CA ALA D 69 -29.87 26.10 32.61
C ALA D 69 -28.46 25.66 32.23
N HIS D 70 -28.03 24.52 32.74
CA HIS D 70 -26.71 24.01 32.46
C HIS D 70 -26.53 23.76 30.94
N ALA D 71 -27.54 23.22 30.29
CA ALA D 71 -27.51 23.01 28.84
C ALA D 71 -27.35 24.33 28.10
N LYS D 72 -28.14 25.34 28.48
CA LYS D 72 -28.05 26.65 27.84
C LYS D 72 -26.69 27.30 28.06
N ALA D 73 -26.13 27.12 29.25
CA ALA D 73 -24.77 27.64 29.53
C ALA D 73 -23.70 26.94 28.67
N ALA D 74 -23.81 25.64 28.56
CA ALA D 74 -22.86 24.89 27.71
C ALA D 74 -22.93 25.35 26.24
N LEU D 75 -24.15 25.56 25.76
CA LEU D 75 -24.34 26.04 24.39
C LEU D 75 -23.71 27.46 24.20
N ASP D 76 -23.88 28.31 25.20
CA ASP D 76 -23.45 29.71 25.12
C ASP D 76 -21.95 29.84 25.32
N ALA D 77 -21.34 28.86 25.95
CA ALA D 77 -19.89 28.82 26.06
C ALA D 77 -19.20 28.36 24.76
N GLY D 78 -19.98 27.90 23.78
CA GLY D 78 -19.39 27.35 22.55
C GLY D 78 -18.70 26.03 22.79
N THR D 79 -19.27 25.23 23.69
CA THR D 79 -18.79 23.89 23.94
C THR D 79 -18.49 23.15 22.61
N VAL D 80 -17.41 22.43 22.58
CA VAL D 80 -17.01 21.69 21.38
C VAL D 80 -17.73 20.31 21.36
N VAL D 81 -18.76 20.22 20.55
CA VAL D 81 -19.60 19.04 20.51
C VAL D 81 -18.94 17.97 19.65
N HIS D 82 -18.40 18.40 18.52
CA HIS D 82 -17.65 17.54 17.64
C HIS D 82 -16.15 17.81 17.71
N ALA D 83 -15.47 16.97 18.44
CA ALA D 83 -14.03 17.10 18.66
C ALA D 83 -13.38 15.73 18.50
N GLN D 84 -13.83 14.98 17.50
CA GLN D 84 -13.42 13.60 17.34
C GLN D 84 -11.93 13.54 17.15
N LEU D 85 -11.32 12.53 17.78
CA LEU D 85 -9.85 12.30 17.71
C LEU D 85 -9.09 13.52 18.19
N SER D 86 -9.49 14.01 19.35
CA SER D 86 -8.67 14.95 20.13
C SER D 86 -8.86 14.62 21.59
N ARG D 87 -8.12 15.29 22.48
CA ARG D 87 -8.28 15.00 23.94
C ARG D 87 -9.58 15.57 24.49
N GLN D 88 -10.31 14.72 25.19
CA GLN D 88 -11.59 15.07 25.71
C GLN D 88 -11.66 14.59 27.16
N PRO D 89 -11.06 15.37 28.08
CA PRO D 89 -10.88 14.97 29.48
C PRO D 89 -12.18 14.66 30.20
N ARG D 90 -13.30 15.21 29.73
CA ARG D 90 -14.56 15.03 30.42
C ARG D 90 -14.97 13.56 30.48
N ALA D 91 -14.56 12.79 29.48
CA ALA D 91 -14.84 11.37 29.47
C ALA D 91 -14.17 10.69 30.65
N ASN D 92 -12.90 10.98 30.82
CA ASN D 92 -12.13 10.46 31.97
C ASN D 92 -12.71 10.96 33.28
N GLN D 93 -13.22 12.16 33.25
CA GLN D 93 -13.78 12.78 34.45
C GLN D 93 -15.11 12.10 34.87
N ILE D 94 -15.98 11.90 33.90
CA ILE D 94 -17.21 11.17 34.15
C ILE D 94 -16.92 9.79 34.71
N SER D 95 -15.94 9.12 34.14
CA SER D 95 -15.65 7.72 34.51
C SER D 95 -15.05 7.66 35.92
N ARG D 96 -14.25 8.66 36.24
CA ARG D 96 -13.70 8.76 37.58
C ARG D 96 -14.84 8.84 38.64
N ILE D 97 -15.83 9.65 38.36
CA ILE D 97 -16.93 9.80 39.26
C ILE D 97 -17.70 8.50 39.42
N LEU D 98 -18.05 7.88 38.31
CA LEU D 98 -18.78 6.63 38.34
C LEU D 98 -17.98 5.55 39.11
N ASN D 99 -16.69 5.48 38.83
CA ASN D 99 -15.78 4.58 39.57
C ASN D 99 -15.84 4.79 41.09
N ASP D 100 -15.81 6.06 41.53
CA ASP D 100 -15.81 6.36 42.97
C ASP D 100 -17.14 6.00 43.60
N ILE D 101 -18.23 6.32 42.91
CA ILE D 101 -19.56 5.95 43.36
C ILE D 101 -19.66 4.45 43.54
N MET D 102 -19.16 3.69 42.58
CA MET D 102 -19.33 2.27 42.61
C MET D 102 -18.47 1.66 43.73
N ARG D 103 -17.32 2.25 44.01
CA ARG D 103 -16.49 1.80 45.15
C ARG D 103 -17.23 2.01 46.47
N ARG D 104 -17.85 3.18 46.60
CA ARG D 104 -18.53 3.55 47.81
C ARG D 104 -19.68 2.58 48.11
N GLU D 105 -20.36 2.13 47.06
CA GLU D 105 -21.60 1.42 47.22
C GLU D 105 -21.41 -0.09 47.28
N THR D 106 -20.31 -0.58 46.74
CA THR D 106 -20.03 -2.04 46.73
C THR D 106 -18.95 -2.45 47.75
N GLY D 107 -18.21 -1.47 48.25
CA GLY D 107 -17.04 -1.75 49.08
C GLY D 107 -15.85 -2.33 48.30
N ARG D 108 -16.02 -2.53 47.00
CA ARG D 108 -14.95 -3.08 46.18
C ARG D 108 -14.11 -1.99 45.54
N ASP D 109 -12.82 -2.21 45.50
CA ASP D 109 -11.89 -1.20 45.09
C ASP D 109 -11.41 -1.57 43.69
N ASP D 110 -12.37 -1.73 42.78
CA ASP D 110 -12.08 -2.10 41.39
C ASP D 110 -12.09 -0.84 40.55
N ARG D 111 -11.48 -0.94 39.37
CA ARG D 111 -11.43 0.17 38.48
C ARG D 111 -12.02 -0.20 37.11
N TYR D 112 -12.69 0.78 36.48
CA TYR D 112 -13.45 0.54 35.25
C TYR D 112 -13.04 1.52 34.18
N ASN D 113 -12.79 1.03 33.00
CA ASN D 113 -12.67 1.88 31.84
C ASN D 113 -14.05 2.21 31.29
N ALA D 114 -14.16 3.42 30.71
CA ALA D 114 -15.43 3.90 30.17
C ALA D 114 -15.34 4.07 28.65
N ILE D 115 -16.30 3.51 27.96
CA ILE D 115 -16.56 3.81 26.57
C ILE D 115 -18.00 4.32 26.42
N PHE D 116 -18.15 5.45 25.74
CA PHE D 116 -19.44 6.12 25.64
C PHE D 116 -20.13 5.76 24.34
N ALA D 117 -21.46 5.84 24.35
CA ALA D 117 -22.21 5.77 23.11
C ALA D 117 -23.46 6.64 23.16
N ASN D 118 -24.47 6.30 22.35
CA ASN D 118 -25.62 7.21 22.11
C ASN D 118 -26.97 6.64 22.54
N SER D 119 -26.98 5.40 22.94
CA SER D 119 -28.19 4.80 23.45
C SER D 119 -27.83 3.63 24.31
N GLY D 120 -28.83 3.10 25.02
CA GLY D 120 -28.61 1.96 25.89
C GLY D 120 -28.26 0.73 25.13
N ALA D 121 -28.90 0.56 23.97
CA ALA D 121 -28.58 -0.53 23.10
C ALA D 121 -27.12 -0.46 22.62
N GLU D 122 -26.70 0.72 22.17
CA GLU D 122 -25.32 0.89 21.71
C GLU D 122 -24.31 0.53 22.84
N ALA D 123 -24.65 0.87 24.09
CA ALA D 123 -23.74 0.59 25.24
C ALA D 123 -23.68 -0.92 25.53
N ASN D 124 -24.81 -1.57 25.47
CA ASN D 124 -24.86 -3.03 25.56
C ASN D 124 -24.13 -3.73 24.45
N GLU D 125 -24.04 -3.08 23.31
CA GLU D 125 -23.40 -3.71 22.14
C GLU D 125 -21.90 -3.46 22.10
N ILE D 126 -21.47 -2.39 22.76
CA ILE D 126 -20.08 -2.23 23.13
C ILE D 126 -19.64 -3.39 24.05
N CYS D 127 -20.52 -3.77 24.97
CA CYS D 127 -20.20 -4.85 25.90
C CYS D 127 -20.19 -6.19 25.19
N MET D 128 -21.13 -6.38 24.26
CA MET D 128 -21.16 -7.59 23.43
C MET D 128 -19.86 -7.70 22.63
N LYS D 129 -19.42 -6.60 22.04
CA LYS D 129 -18.21 -6.57 21.25
C LYS D 129 -16.95 -6.85 22.11
N HIS D 130 -16.85 -6.23 23.24
CA HIS D 130 -15.68 -6.41 24.07
C HIS D 130 -15.65 -7.82 24.60
N ALA D 131 -16.81 -8.34 24.96
CA ALA D 131 -16.92 -9.76 25.39
C ALA D 131 -16.36 -10.69 24.34
N GLU D 132 -16.66 -10.41 23.08
CA GLU D 132 -16.25 -11.27 22.01
C GLU D 132 -14.78 -11.05 21.68
N LEU D 133 -14.25 -9.86 21.98
CA LEU D 133 -12.76 -9.69 21.97
C LEU D 133 -12.09 -10.61 23.03
N GLU D 134 -12.65 -10.63 24.24
CA GLU D 134 -12.19 -11.56 25.31
C GLU D 134 -12.26 -13.01 24.87
N ARG D 135 -13.40 -13.38 24.27
CA ARG D 135 -13.58 -14.78 23.83
C ARG D 135 -12.55 -15.16 22.75
N GLN D 136 -12.22 -14.22 21.87
CA GLN D 136 -11.22 -14.46 20.83
C GLN D 136 -9.80 -14.61 21.41
N GLU D 137 -9.47 -13.80 22.40
CA GLU D 137 -8.21 -14.02 23.19
C GLU D 137 -8.17 -15.45 23.72
N ARG D 138 -9.24 -15.85 24.41
CA ARG D 138 -9.32 -17.18 25.04
C ARG D 138 -9.14 -18.24 23.99
N ILE D 139 -9.80 -18.05 22.85
CA ILE D 139 -9.77 -18.99 21.78
C ILE D 139 -8.35 -19.11 21.18
N THR D 140 -7.69 -17.96 20.98
CA THR D 140 -6.30 -17.97 20.44
C THR D 140 -5.36 -18.78 21.35
N ALA D 141 -5.55 -18.64 22.66
CA ALA D 141 -4.69 -19.30 23.62
C ALA D 141 -4.93 -20.83 23.60
N LEU D 142 -6.19 -21.23 23.71
CA LEU D 142 -6.57 -22.64 23.67
C LEU D 142 -6.02 -23.34 22.38
N PHE D 143 -6.15 -22.66 21.24
CA PHE D 143 -5.68 -23.20 19.95
C PHE D 143 -4.14 -23.21 19.82
N ALA D 144 -3.48 -22.22 20.41
CA ALA D 144 -2.01 -22.26 20.54
C ALA D 144 -1.57 -23.48 21.33
N GLU D 145 -2.33 -23.80 22.35
CA GLU D 145 -2.00 -24.89 23.24
C GLU D 145 -2.21 -26.22 22.51
N ILE D 146 -3.27 -26.28 21.72
CA ILE D 146 -3.65 -27.47 21.01
C ILE D 146 -2.64 -27.77 19.87
N ASP D 147 -2.24 -26.74 19.13
CA ASP D 147 -1.10 -26.86 18.21
C ASP D 147 0.06 -27.59 18.88
N ALA D 148 0.51 -27.04 20.02
CA ALA D 148 1.64 -27.62 20.78
C ALA D 148 1.40 -29.08 21.20
N GLU D 149 0.20 -29.38 21.71
CA GLU D 149 -0.15 -30.73 22.13
C GLU D 149 -0.07 -31.68 20.95
N LEU D 150 -0.48 -31.19 19.77
CA LEU D 150 -0.46 -31.98 18.56
C LEU D 150 0.97 -32.15 18.05
N ASP D 151 1.77 -31.07 18.16
CA ASP D 151 3.23 -31.15 17.90
C ASP D 151 3.89 -32.23 18.79
N THR D 152 3.60 -32.19 20.09
CA THR D 152 4.22 -33.11 21.05
C THR D 152 3.79 -34.57 20.77
N ALA D 153 2.50 -34.78 20.58
CA ALA D 153 1.98 -36.13 20.31
C ALA D 153 2.45 -36.68 18.96
N ARG D 154 2.81 -35.78 18.03
CA ARG D 154 3.32 -36.19 16.71
C ARG D 154 4.80 -36.55 16.76
N GLU D 155 5.53 -35.94 17.68
CA GLU D 155 6.89 -36.35 17.98
C GLU D 155 6.91 -37.74 18.66
N ALA D 156 5.91 -38.00 19.50
CA ALA D 156 5.84 -39.27 20.23
C ALA D 156 5.50 -40.44 19.31
N LEU D 157 4.59 -40.20 18.36
CA LEU D 157 4.03 -41.29 17.57
C LEU D 157 4.96 -41.70 16.43
N THR D 158 5.52 -40.70 15.74
CA THR D 158 6.34 -40.97 14.54
C THR D 158 7.79 -41.29 14.89
N THR D 159 8.21 -40.93 16.09
CA THR D 159 9.45 -41.46 16.66
C THR D 159 9.14 -42.26 17.95
N GLY D 160 8.81 -43.54 17.77
CA GLY D 160 8.91 -44.50 18.84
C GLY D 160 7.79 -44.38 19.86
N THR D 161 8.01 -43.50 20.86
CA THR D 161 7.71 -43.85 22.28
C THR D 161 6.25 -44.33 22.49
N ALA D 162 5.30 -43.76 21.73
CA ALA D 162 3.87 -43.96 22.04
C ALA D 162 3.09 -44.51 20.83
N THR D 163 1.92 -45.08 21.10
CA THR D 163 1.00 -45.53 20.05
C THR D 163 -0.37 -44.86 20.16
N LEU D 164 -1.05 -44.71 19.02
CA LEU D 164 -2.36 -44.09 18.99
C LEU D 164 -3.45 -45.11 19.41
N ASP D 165 -3.93 -44.97 20.63
CA ASP D 165 -5.08 -45.77 21.12
C ASP D 165 -6.29 -45.59 20.21
N THR D 166 -6.78 -46.70 19.65
CA THR D 166 -7.77 -46.65 18.58
C THR D 166 -9.21 -46.63 19.15
N ALA D 167 -9.36 -46.85 20.45
CA ALA D 167 -10.69 -46.75 21.12
C ALA D 167 -11.23 -45.29 21.07
N SER D 168 -10.34 -44.35 20.79
CA SER D 168 -10.68 -42.92 20.88
C SER D 168 -10.88 -42.30 19.49
N LEU D 169 -10.76 -43.11 18.44
CA LEU D 169 -10.88 -42.62 17.06
C LEU D 169 -12.35 -42.37 16.61
N PRO D 170 -13.34 -42.94 17.35
CA PRO D 170 -14.71 -42.57 17.00
C PRO D 170 -15.01 -41.06 17.13
N LEU D 171 -14.23 -40.35 17.95
CA LEU D 171 -14.29 -38.88 18.04
C LEU D 171 -13.93 -38.22 16.68
N VAL D 172 -13.08 -38.90 15.90
CA VAL D 172 -12.93 -38.56 14.48
C VAL D 172 -13.49 -39.67 13.59
N ASP D 178 -4.16 -43.50 11.07
CA ASP D 178 -3.11 -42.79 10.37
C ASP D 178 -2.87 -41.41 11.04
N VAL D 179 -1.60 -41.09 11.31
CA VAL D 179 -1.25 -39.95 12.16
C VAL D 179 -1.67 -38.61 11.51
N ASP D 180 -1.21 -38.38 10.28
CA ASP D 180 -1.45 -37.09 9.58
C ASP D 180 -2.93 -36.86 9.31
N GLY D 181 -3.65 -37.94 9.00
CA GLY D 181 -5.07 -37.86 8.76
C GLY D 181 -5.86 -37.47 9.99
N VAL D 182 -5.44 -37.99 11.15
CA VAL D 182 -6.15 -37.74 12.40
C VAL D 182 -5.97 -36.26 12.81
N ILE D 183 -4.78 -35.74 12.57
CA ILE D 183 -4.47 -34.36 12.86
C ILE D 183 -5.24 -33.40 11.94
N ALA D 184 -5.14 -33.63 10.64
CA ALA D 184 -5.92 -32.84 9.67
C ALA D 184 -7.42 -32.90 9.99
N ASP D 185 -7.91 -34.07 10.40
CA ASP D 185 -9.33 -34.24 10.79
C ASP D 185 -9.64 -33.42 12.06
N ILE D 186 -8.68 -33.36 12.97
CA ILE D 186 -8.82 -32.58 14.18
C ILE D 186 -8.84 -31.06 13.87
N HIS D 187 -7.95 -30.63 12.99
CA HIS D 187 -7.91 -29.22 12.58
C HIS D 187 -9.18 -28.80 11.86
N ARG D 188 -9.70 -29.67 11.00
CA ARG D 188 -10.93 -29.40 10.29
C ARG D 188 -12.09 -29.26 11.27
N HIS D 189 -12.24 -30.24 12.16
CA HIS D 189 -13.30 -30.19 13.18
C HIS D 189 -13.21 -28.91 14.04
N ASN D 190 -11.98 -28.56 14.44
CA ASN D 190 -11.77 -27.43 15.34
C ASN D 190 -12.04 -26.09 14.62
N ASP D 191 -11.74 -26.06 13.31
CA ASP D 191 -11.99 -24.86 12.48
C ASP D 191 -13.50 -24.58 12.32
N GLU D 192 -14.26 -25.62 12.02
CA GLU D 192 -15.71 -25.50 12.01
C GLU D 192 -16.18 -24.86 13.32
N ARG D 193 -15.78 -25.48 14.43
CA ARG D 193 -16.19 -25.04 15.78
C ARG D 193 -15.80 -23.53 16.05
N ARG D 194 -14.63 -23.13 15.59
CA ARG D 194 -14.11 -21.83 15.89
C ARG D 194 -14.90 -20.73 15.20
N ALA D 195 -15.44 -21.04 14.02
CA ALA D 195 -16.15 -20.05 13.22
C ALA D 195 -17.61 -19.99 13.59
N GLU D 196 -18.07 -20.92 14.41
CA GLU D 196 -19.46 -20.90 14.88
C GLU D 196 -19.76 -19.63 15.63
N ARG D 197 -20.98 -19.18 15.53
CA ARG D 197 -21.42 -18.02 16.25
C ARG D 197 -21.43 -18.32 17.74
N PRO D 198 -21.10 -17.30 18.57
CA PRO D 198 -21.14 -17.48 20.01
C PRO D 198 -22.57 -17.46 20.52
N LEU D 199 -22.70 -17.72 21.80
CA LEU D 199 -23.98 -17.67 22.45
C LEU D 199 -23.96 -16.56 23.51
N PHE D 200 -25.11 -15.90 23.73
CA PHE D 200 -25.26 -15.02 24.89
C PHE D 200 -26.29 -15.58 25.86
N LEU D 201 -26.09 -15.34 27.15
CA LEU D 201 -27.01 -15.79 28.14
C LEU D 201 -27.75 -14.60 28.78
N THR D 202 -29.08 -14.73 28.87
CA THR D 202 -29.94 -13.68 29.38
C THR D 202 -30.98 -14.33 30.24
N LEU D 203 -31.78 -13.53 30.92
CA LEU D 203 -32.92 -14.03 31.68
C LEU D 203 -34.18 -13.99 30.85
N ASP D 204 -35.16 -14.78 31.24
CA ASP D 204 -36.47 -14.70 30.62
C ASP D 204 -37.10 -13.33 30.90
N GLY D 205 -37.72 -12.74 29.89
CA GLY D 205 -38.26 -11.38 29.99
C GLY D 205 -37.22 -10.26 29.78
N SER D 206 -35.99 -10.63 29.40
CA SER D 206 -34.89 -9.67 29.35
C SER D 206 -35.16 -8.63 28.28
N PHE D 207 -34.83 -7.38 28.58
CA PHE D 207 -34.85 -6.33 27.59
C PHE D 207 -33.48 -5.65 27.60
N HIS D 208 -32.77 -5.74 26.49
CA HIS D 208 -31.41 -5.19 26.41
C HIS D 208 -31.21 -4.27 25.17
N GLY D 209 -32.31 -3.94 24.50
CA GLY D 209 -32.24 -3.13 23.27
C GLY D 209 -32.76 -3.86 22.04
N LYS D 210 -32.93 -3.12 20.95
CA LYS D 210 -33.63 -3.61 19.79
C LYS D 210 -32.87 -3.31 18.49
N LEU D 211 -31.55 -3.24 18.58
CA LEU D 211 -30.71 -3.22 17.38
C LEU D 211 -30.37 -4.66 16.93
N VAL D 212 -29.59 -4.78 15.88
CA VAL D 212 -29.42 -6.08 15.21
C VAL D 212 -28.84 -7.11 16.17
N GLY D 213 -27.91 -6.66 17.01
CA GLY D 213 -27.25 -7.54 17.99
C GLY D 213 -28.08 -7.70 19.25
N SER D 214 -28.44 -6.57 19.83
CA SER D 214 -29.11 -6.55 21.11
C SER D 214 -30.50 -7.18 21.04
N ILE D 215 -31.17 -7.08 19.88
CA ILE D 215 -32.57 -7.57 19.79
C ILE D 215 -32.61 -9.07 20.06
N GLN D 216 -31.53 -9.78 19.70
CA GLN D 216 -31.43 -11.21 19.99
C GLN D 216 -31.46 -11.44 21.52
N LEU D 217 -31.10 -10.38 22.27
CA LEU D 217 -30.95 -10.48 23.73
C LEU D 217 -32.25 -10.06 24.42
N THR D 218 -33.25 -9.73 23.62
CA THR D 218 -34.52 -9.25 24.13
C THR D 218 -35.60 -10.27 23.87
N GLN D 219 -36.22 -10.74 24.92
CA GLN D 219 -37.11 -11.89 24.86
C GLN D 219 -38.33 -11.59 23.96
N ASN D 220 -39.03 -10.50 24.26
CA ASN D 220 -40.33 -10.20 23.61
C ASN D 220 -40.39 -10.72 22.20
N GLU D 221 -41.24 -11.73 21.97
CA GLU D 221 -41.09 -12.63 20.82
C GLU D 221 -41.38 -11.94 19.46
N PRO D 222 -42.43 -11.11 19.41
CA PRO D 222 -42.72 -10.45 18.11
C PRO D 222 -41.67 -9.39 17.73
N TRP D 223 -40.96 -8.86 18.73
CA TRP D 223 -39.86 -7.89 18.48
C TRP D 223 -38.64 -8.56 17.92
N ARG D 224 -38.44 -9.84 18.31
CA ARG D 224 -37.16 -10.52 18.10
C ARG D 224 -37.23 -11.55 16.97
N THR D 225 -38.21 -12.44 17.00
CA THR D 225 -38.17 -13.71 16.15
C THR D 225 -38.08 -13.41 14.62
N PRO D 226 -38.60 -12.24 14.17
CA PRO D 226 -38.44 -11.90 12.73
C PRO D 226 -36.96 -11.76 12.31
N PHE D 227 -36.07 -11.60 13.30
CA PHE D 227 -34.73 -11.15 13.07
C PHE D 227 -33.69 -12.21 13.50
N THR D 228 -34.19 -13.39 13.83
CA THR D 228 -33.36 -14.48 14.43
C THR D 228 -32.12 -14.86 13.58
N ALA D 229 -32.26 -14.80 12.28
CA ALA D 229 -31.21 -15.25 11.39
C ALA D 229 -30.01 -14.24 11.33
N LEU D 230 -30.21 -13.04 11.81
CA LEU D 230 -29.23 -11.95 11.57
C LEU D 230 -27.97 -12.10 12.43
N SER D 231 -28.14 -12.54 13.67
CA SER D 231 -27.14 -12.31 14.71
C SER D 231 -27.19 -13.41 15.75
N SER D 232 -26.15 -13.48 16.59
CA SER D 232 -26.01 -14.55 17.58
C SER D 232 -27.18 -14.51 18.53
N PRO D 233 -27.64 -15.67 18.96
CA PRO D 233 -28.78 -15.77 19.83
C PRO D 233 -28.41 -15.79 21.28
N ALA D 234 -29.43 -15.73 22.13
CA ALA D 234 -29.27 -15.87 23.55
C ALA D 234 -30.08 -17.04 24.01
N ARG D 235 -29.73 -17.58 25.16
CA ARG D 235 -30.58 -18.49 25.83
C ARG D 235 -31.17 -17.82 27.00
N PHE D 236 -32.48 -17.89 27.08
CA PHE D 236 -33.19 -17.15 28.06
C PHE D 236 -33.40 -18.03 29.27
N LEU D 237 -32.62 -17.78 30.31
CA LEU D 237 -32.62 -18.63 31.48
C LEU D 237 -33.83 -18.28 32.36
N PRO D 238 -34.45 -19.31 32.95
CA PRO D 238 -35.58 -19.10 33.84
C PRO D 238 -35.19 -18.54 35.19
N ALA D 239 -35.51 -17.27 35.40
CA ALA D 239 -35.11 -16.55 36.60
C ALA D 239 -35.75 -17.14 37.84
N ASP D 240 -37.00 -17.59 37.69
CA ASP D 240 -37.80 -18.03 38.85
C ASP D 240 -37.35 -19.40 39.39
N GLU D 241 -36.74 -20.22 38.52
CA GLU D 241 -36.19 -21.55 38.96
C GLU D 241 -34.71 -21.68 38.58
N PRO D 242 -33.81 -21.12 39.42
CA PRO D 242 -32.37 -21.14 39.18
C PRO D 242 -31.78 -22.56 39.18
N GLU D 243 -32.49 -23.49 39.83
CA GLU D 243 -32.06 -24.90 39.85
C GLU D 243 -31.98 -25.48 38.42
N LEU D 244 -32.73 -24.89 37.49
CA LEU D 244 -32.82 -25.40 36.09
C LEU D 244 -31.72 -24.85 35.17
N ILE D 245 -31.03 -23.81 35.63
CA ILE D 245 -30.10 -23.06 34.75
C ILE D 245 -28.80 -23.83 34.48
N GLY D 246 -28.27 -24.45 35.53
CA GLY D 246 -27.10 -25.35 35.41
C GLY D 246 -27.16 -26.21 34.17
N LYS D 247 -28.28 -26.89 33.98
CA LYS D 247 -28.35 -27.97 33.01
C LYS D 247 -28.63 -27.45 31.59
N ILE D 248 -29.36 -26.33 31.51
CA ILE D 248 -29.55 -25.65 30.20
C ILE D 248 -28.21 -25.17 29.64
N VAL D 249 -27.37 -24.67 30.52
CA VAL D 249 -26.06 -24.16 30.13
C VAL D 249 -25.12 -25.30 29.86
N GLU D 250 -25.23 -26.37 30.66
CA GLU D 250 -24.50 -27.63 30.37
C GLU D 250 -24.78 -28.14 28.97
N ASP D 251 -26.06 -28.08 28.55
CA ASP D 251 -26.43 -28.48 27.16
C ASP D 251 -25.61 -27.76 26.11
N GLU D 252 -25.20 -26.52 26.40
CA GLU D 252 -24.58 -25.67 25.38
C GLU D 252 -23.08 -25.87 25.31
N ARG D 253 -22.53 -26.66 26.21
CA ARG D 253 -21.11 -26.98 26.16
C ARG D 253 -20.78 -27.52 24.81
N ARG D 254 -19.69 -27.05 24.25
CA ARG D 254 -19.13 -27.63 23.04
C ARG D 254 -17.64 -27.83 23.25
N SER D 255 -17.05 -28.76 22.51
CA SER D 255 -15.66 -29.08 22.70
C SER D 255 -14.90 -29.13 21.41
N VAL D 256 -13.61 -28.84 21.50
CA VAL D 256 -12.67 -29.10 20.42
C VAL D 256 -11.85 -30.37 20.73
N LEU D 257 -11.04 -30.79 19.77
CA LEU D 257 -10.28 -32.01 19.89
C LEU D 257 -8.82 -31.69 20.02
N THR D 258 -8.09 -32.56 20.74
CA THR D 258 -6.65 -32.55 20.69
C THR D 258 -6.08 -33.96 20.85
N LEU D 259 -4.75 -34.07 20.73
CA LEU D 259 -4.05 -35.29 21.09
C LEU D 259 -3.38 -35.17 22.49
N SER D 260 -3.81 -36.05 23.41
CA SER D 260 -3.24 -36.12 24.76
C SER D 260 -2.24 -37.29 24.89
N LEU D 261 -0.95 -36.94 25.06
CA LEU D 261 0.12 -37.94 25.30
C LEU D 261 0.16 -38.38 26.79
N ASP D 262 0.28 -39.69 27.02
CA ASP D 262 0.57 -40.23 28.38
C ASP D 262 1.79 -41.19 28.35
N LYS D 263 2.95 -40.66 27.94
CA LYS D 263 4.22 -41.45 27.83
C LYS D 263 4.13 -42.58 26.77
N ASP D 264 3.33 -43.61 27.06
CA ASP D 264 3.21 -44.77 26.17
C ASP D 264 2.03 -44.60 25.17
N THR D 265 0.97 -43.90 25.61
CA THR D 265 -0.31 -43.86 24.87
C THR D 265 -0.62 -42.43 24.40
N VAL D 266 -1.09 -42.32 23.14
CA VAL D 266 -1.72 -41.09 22.66
C VAL D 266 -3.23 -41.33 22.42
N ARG D 267 -4.06 -40.43 22.96
CA ARG D 267 -5.51 -40.46 22.73
C ARG D 267 -5.98 -39.15 22.07
N VAL D 268 -6.94 -39.27 21.15
CA VAL D 268 -7.80 -38.14 20.83
C VAL D 268 -8.72 -37.87 22.00
N VAL D 269 -8.78 -36.60 22.44
CA VAL D 269 -9.69 -36.21 23.53
C VAL D 269 -10.37 -34.88 23.24
N GLU D 270 -11.55 -34.70 23.82
CA GLU D 270 -12.28 -33.45 23.77
C GLU D 270 -11.77 -32.48 24.86
N ARG D 271 -11.56 -31.22 24.47
CA ARG D 271 -11.38 -30.09 25.44
C ARG D 271 -12.56 -29.10 25.32
N ASP D 272 -12.84 -28.37 26.40
CA ASP D 272 -13.87 -27.29 26.38
C ASP D 272 -13.55 -26.19 25.36
N PHE D 273 -14.56 -25.80 24.59
CA PHE D 273 -14.49 -24.60 23.74
C PHE D 273 -15.30 -23.47 24.37
N PRO D 274 -14.73 -22.25 24.45
CA PRO D 274 -15.52 -21.11 24.95
C PRO D 274 -16.65 -20.67 23.96
N VAL D 275 -17.88 -21.07 24.26
CA VAL D 275 -19.06 -20.76 23.41
C VAL D 275 -19.74 -19.46 23.85
N VAL D 276 -19.74 -19.22 25.14
CA VAL D 276 -20.60 -18.20 25.72
C VAL D 276 -19.82 -16.92 25.87
N ALA D 277 -20.23 -15.87 25.12
CA ALA D 277 -19.49 -14.60 25.07
C ALA D 277 -19.75 -13.77 26.29
N ALA D 278 -21.00 -13.80 26.79
CA ALA D 278 -21.36 -13.01 27.97
C ALA D 278 -22.66 -13.44 28.57
N ILE D 279 -22.79 -13.19 29.86
CA ILE D 279 -24.07 -13.20 30.52
C ILE D 279 -24.55 -11.74 30.72
N PHE D 280 -25.82 -11.46 30.36
CA PHE D 280 -26.46 -10.12 30.63
C PHE D 280 -27.52 -10.24 31.72
N VAL D 281 -27.59 -9.24 32.62
CA VAL D 281 -28.64 -9.21 33.62
C VAL D 281 -29.08 -7.78 33.90
N GLU D 282 -30.39 -7.61 34.07
CA GLU D 282 -30.93 -6.42 34.67
C GLU D 282 -31.19 -6.65 36.14
N PRO D 283 -30.72 -5.72 37.00
CA PRO D 283 -30.96 -5.83 38.45
C PRO D 283 -32.43 -5.80 38.80
N VAL D 284 -33.18 -4.98 38.08
CA VAL D 284 -34.62 -5.02 38.10
C VAL D 284 -35.12 -5.16 36.68
N ARG D 285 -35.95 -6.17 36.45
CA ARG D 285 -36.12 -6.72 35.13
C ARG D 285 -37.39 -6.16 34.47
N GLY D 286 -37.23 -5.02 33.77
CA GLY D 286 -38.36 -4.26 33.22
C GLY D 286 -39.27 -5.10 32.35
N GLY D 287 -38.68 -5.82 31.41
CA GLY D 287 -39.45 -6.62 30.46
C GLY D 287 -40.17 -7.79 31.11
N SER D 288 -39.93 -7.97 32.42
CA SER D 288 -40.56 -9.04 33.19
C SER D 288 -41.61 -8.49 34.13
N GLY D 289 -41.85 -7.17 34.07
CA GLY D 289 -42.74 -6.51 35.01
C GLY D 289 -42.06 -6.05 36.30
N MET D 290 -40.80 -5.65 36.19
CA MET D 290 -40.08 -4.92 37.30
C MET D 290 -39.70 -5.85 38.45
N LYS D 291 -39.47 -7.11 38.14
CA LYS D 291 -39.04 -8.06 39.14
C LYS D 291 -37.56 -7.89 39.45
N THR D 292 -37.24 -7.76 40.73
CA THR D 292 -35.86 -7.65 41.17
C THR D 292 -35.19 -9.04 41.18
N VAL D 293 -33.95 -9.10 40.74
CA VAL D 293 -33.17 -10.28 40.82
C VAL D 293 -33.04 -10.71 42.27
N THR D 294 -33.42 -11.95 42.55
CA THR D 294 -33.31 -12.51 43.91
C THR D 294 -31.86 -12.86 44.23
N PRO D 295 -31.53 -13.02 45.52
CA PRO D 295 -30.18 -13.47 45.88
C PRO D 295 -29.81 -14.84 45.29
N GLU D 296 -30.77 -15.76 45.24
CA GLU D 296 -30.52 -17.09 44.64
C GLU D 296 -30.07 -16.93 43.23
N LEU D 297 -30.78 -16.09 42.48
CA LEU D 297 -30.48 -15.92 41.04
C LEU D 297 -29.11 -15.22 40.82
N ALA D 298 -28.82 -14.23 41.62
CA ALA D 298 -27.54 -13.58 41.62
C ALA D 298 -26.42 -14.57 41.88
N GLU D 299 -26.62 -15.47 42.82
CA GLU D 299 -25.57 -16.47 43.14
C GLU D 299 -25.38 -17.40 41.97
N GLU D 300 -26.46 -17.71 41.27
CA GLU D 300 -26.37 -18.61 40.11
C GLU D 300 -25.66 -17.94 38.91
N LEU D 301 -25.89 -16.64 38.74
CA LEU D 301 -25.21 -15.89 37.69
C LEU D 301 -23.71 -15.76 37.98
N HIS D 302 -23.37 -15.59 39.25
CA HIS D 302 -21.94 -15.61 39.70
C HIS D 302 -21.27 -16.95 39.42
N ARG D 303 -21.98 -18.02 39.70
CA ARG D 303 -21.45 -19.33 39.44
C ARG D 303 -21.18 -19.52 37.96
N LEU D 304 -22.12 -19.09 37.12
CA LEU D 304 -21.97 -19.23 35.68
C LEU D 304 -20.77 -18.41 35.18
N ARG D 305 -20.70 -17.17 35.64
CA ARG D 305 -19.61 -16.27 35.28
C ARG D 305 -18.26 -16.88 35.72
N ASP D 306 -18.20 -17.37 36.96
CA ASP D 306 -16.97 -18.07 37.47
C ASP D 306 -16.68 -19.33 36.66
N THR D 307 -17.72 -20.08 36.35
CA THR D 307 -17.55 -21.37 35.67
C THR D 307 -17.11 -21.20 34.23
N LEU D 308 -17.76 -20.30 33.49
CA LEU D 308 -17.53 -20.20 32.03
C LEU D 308 -16.36 -19.31 31.73
N GLY D 309 -16.08 -18.38 32.65
CA GLY D 309 -14.99 -17.39 32.46
C GLY D 309 -15.31 -16.25 31.47
N CYS D 310 -16.57 -16.10 31.12
CA CYS D 310 -17.03 -14.91 30.35
C CYS D 310 -17.52 -13.83 31.28
N PRO D 311 -17.58 -12.61 30.79
CA PRO D 311 -18.01 -11.51 31.66
C PRO D 311 -19.51 -11.53 31.94
N LEU D 312 -19.87 -11.23 33.18
CA LEU D 312 -21.23 -10.89 33.55
C LEU D 312 -21.51 -9.34 33.31
N VAL D 313 -22.40 -9.05 32.35
CA VAL D 313 -22.71 -7.69 31.98
C VAL D 313 -23.96 -7.28 32.67
N VAL D 314 -23.83 -6.30 33.55
CA VAL D 314 -24.95 -5.78 34.28
C VAL D 314 -25.54 -4.56 33.58
N ASP D 315 -26.79 -4.69 33.18
CA ASP D 315 -27.46 -3.67 32.35
C ASP D 315 -28.25 -2.76 33.28
N GLU D 316 -27.69 -1.58 33.53
CA GLU D 316 -28.30 -0.61 34.41
C GLU D 316 -28.82 0.60 33.60
N VAL D 317 -29.09 0.37 32.33
CA VAL D 317 -29.70 1.37 31.50
C VAL D 317 -30.96 1.99 32.17
N GLN D 318 -31.75 1.16 32.85
CA GLN D 318 -32.96 1.60 33.50
C GLN D 318 -32.77 1.75 35.05
N THR D 319 -32.05 0.79 35.68
CA THR D 319 -31.97 0.74 37.15
C THR D 319 -30.95 1.72 37.75
N GLY D 320 -30.08 2.27 36.91
CA GLY D 320 -29.01 3.15 37.37
C GLY D 320 -29.41 4.64 37.52
N ILE D 321 -28.44 5.43 38.01
CA ILE D 321 -28.65 6.84 38.32
C ILE D 321 -29.77 7.04 39.32
N GLY D 322 -29.82 6.16 40.33
CA GLY D 322 -30.50 6.48 41.58
C GLY D 322 -31.88 5.83 41.68
N ARG D 323 -32.35 5.29 40.58
CA ARG D 323 -33.74 4.87 40.45
C ARG D 323 -34.17 3.89 41.55
N THR D 324 -33.30 2.94 41.91
CA THR D 324 -33.65 1.91 42.87
C THR D 324 -33.42 2.34 44.33
N GLY D 325 -32.80 3.50 44.52
CA GLY D 325 -32.51 3.99 45.87
C GLY D 325 -31.05 3.91 46.20
N ALA D 326 -30.27 3.43 45.24
CA ALA D 326 -28.87 3.73 45.15
C ALA D 326 -28.53 4.12 43.68
N PHE D 327 -27.29 4.53 43.43
CA PHE D 327 -26.87 4.79 42.07
C PHE D 327 -26.92 3.53 41.23
N PHE D 328 -26.26 2.48 41.70
CA PHE D 328 -26.28 1.22 41.04
C PHE D 328 -27.26 0.27 41.73
N GLY D 329 -28.26 -0.17 41.01
CA GLY D 329 -29.14 -1.24 41.47
C GLY D 329 -28.38 -2.54 41.77
N SER D 330 -27.39 -2.83 40.94
CA SER D 330 -26.53 -3.99 41.16
C SER D 330 -25.88 -3.96 42.58
N ALA D 331 -25.45 -2.78 43.01
CA ALA D 331 -24.83 -2.61 44.33
C ALA D 331 -25.83 -2.90 45.43
N LEU D 332 -27.06 -2.47 45.21
CA LEU D 332 -28.12 -2.66 46.17
C LEU D 332 -28.46 -4.14 46.34
N LEU D 333 -28.49 -4.88 45.23
CA LEU D 333 -28.96 -6.27 45.25
C LEU D 333 -27.82 -7.28 45.22
N GLY D 334 -26.57 -6.80 45.36
CA GLY D 334 -25.41 -7.68 45.42
C GLY D 334 -25.14 -8.48 44.14
N ILE D 335 -25.32 -7.82 42.97
CA ILE D 335 -24.84 -8.41 41.69
C ILE D 335 -23.45 -7.87 41.30
N ARG D 336 -22.48 -8.78 41.26
CA ARG D 336 -21.08 -8.40 41.03
C ARG D 336 -20.71 -8.70 39.57
N GLY D 337 -20.94 -7.71 38.72
CA GLY D 337 -20.72 -7.86 37.28
C GLY D 337 -19.32 -7.50 36.91
N ASP D 338 -18.95 -7.79 35.67
CA ASP D 338 -17.64 -7.44 35.17
C ASP D 338 -17.70 -6.18 34.27
N TYR D 339 -18.78 -6.07 33.49
CA TYR D 339 -19.11 -4.80 32.76
C TYR D 339 -20.39 -4.21 33.32
N TYR D 340 -20.58 -2.91 33.12
CA TYR D 340 -21.83 -2.24 33.49
C TYR D 340 -22.24 -1.26 32.37
N THR D 341 -23.55 -1.06 32.20
CA THR D 341 -24.01 -0.11 31.23
C THR D 341 -25.01 0.80 31.79
N LEU D 342 -24.95 2.05 31.34
CA LEU D 342 -25.84 3.07 31.78
C LEU D 342 -26.36 3.83 30.55
N ALA D 343 -27.55 4.36 30.65
CA ALA D 343 -28.05 5.30 29.66
C ALA D 343 -29.21 6.09 30.25
N LYS D 344 -30.34 6.09 29.56
CA LYS D 344 -31.54 6.82 29.99
C LYS D 344 -31.27 8.12 30.80
N ALA D 345 -31.29 8.03 32.14
CA ALA D 345 -31.32 9.25 33.00
C ALA D 345 -30.05 10.10 32.90
N ILE D 346 -28.99 9.52 32.34
CA ILE D 346 -27.69 10.24 32.24
C ILE D 346 -27.73 11.37 31.22
N GLY D 347 -28.74 11.36 30.36
CA GLY D 347 -28.97 12.45 29.42
C GLY D 347 -29.76 13.62 30.01
N GLY D 348 -30.12 13.52 31.28
CA GLY D 348 -30.75 14.66 32.02
C GLY D 348 -32.18 14.90 31.58
N GLY D 349 -32.70 13.99 30.75
CA GLY D 349 -34.02 14.15 30.21
C GLY D 349 -34.03 14.98 28.92
N ILE D 350 -32.84 15.42 28.46
CA ILE D 350 -32.77 16.28 27.31
C ILE D 350 -31.85 15.78 26.18
N VAL D 351 -30.75 15.12 26.54
CA VAL D 351 -29.80 14.63 25.51
C VAL D 351 -29.57 13.12 25.57
N LYS D 352 -28.78 12.61 24.65
CA LYS D 352 -28.66 11.17 24.42
C LYS D 352 -27.26 10.77 24.69
N ASN D 353 -27.08 9.85 25.64
CA ASN D 353 -25.77 9.45 26.09
C ASN D 353 -25.85 8.08 26.75
N SER D 354 -24.75 7.34 26.72
CA SER D 354 -24.65 6.08 27.45
C SER D 354 -23.22 5.70 27.64
N VAL D 355 -22.99 4.73 28.45
CA VAL D 355 -21.66 4.37 28.79
C VAL D 355 -21.55 2.89 29.13
N ALA D 356 -20.49 2.26 28.64
CA ALA D 356 -20.11 0.95 29.10
C ALA D 356 -18.93 1.08 30.00
N LEU D 357 -19.04 0.52 31.20
CA LEU D 357 -17.89 0.45 32.13
C LEU D 357 -17.37 -0.97 32.17
N ILE D 358 -16.10 -1.14 31.82
CA ILE D 358 -15.53 -2.47 31.67
C ILE D 358 -14.33 -2.62 32.59
N ARG D 359 -14.34 -3.62 33.44
CA ARG D 359 -13.31 -3.67 34.54
C ARG D 359 -11.91 -3.66 33.91
N GLN D 360 -11.02 -2.88 34.50
CA GLN D 360 -9.73 -2.55 33.87
C GLN D 360 -8.81 -3.74 33.77
N ASP D 361 -8.96 -4.72 34.65
CA ASP D 361 -8.14 -5.94 34.54
C ASP D 361 -8.68 -6.93 33.48
N ARG D 362 -9.83 -6.61 32.90
CA ARG D 362 -10.33 -7.38 31.72
C ARG D 362 -10.19 -6.60 30.41
N PHE D 363 -9.98 -5.29 30.51
CA PHE D 363 -10.20 -4.40 29.37
C PHE D 363 -9.08 -4.50 28.36
N LEU D 364 -9.42 -4.84 27.12
CA LEU D 364 -8.47 -4.93 26.06
C LEU D 364 -8.29 -3.59 25.34
N PRO D 365 -7.05 -3.11 25.28
CA PRO D 365 -6.82 -1.71 24.90
C PRO D 365 -7.16 -1.42 23.44
N ALA D 366 -7.18 -2.44 22.61
CA ALA D 366 -7.54 -2.28 21.20
C ALA D 366 -8.94 -1.66 21.07
N MET D 367 -9.82 -1.98 22.00
CA MET D 367 -11.18 -1.52 21.96
C MET D 367 -11.24 0.02 21.90
N GLU D 368 -10.29 0.68 22.55
CA GLU D 368 -10.26 2.16 22.61
C GLU D 368 -10.03 2.75 21.23
N VAL D 369 -9.37 2.00 20.35
CA VAL D 369 -9.00 2.54 19.03
C VAL D 369 -9.72 1.87 17.85
N ILE D 370 -10.29 0.69 18.06
CA ILE D 370 -11.03 0.04 16.98
C ILE D 370 -12.55 0.26 17.07
N HIS D 371 -13.05 0.63 18.24
CA HIS D 371 -14.42 1.09 18.36
C HIS D 371 -14.52 2.61 18.34
N SER D 372 -15.55 3.12 17.68
CA SER D 372 -15.81 4.56 17.66
C SER D 372 -17.26 4.84 17.19
N SER D 373 -17.68 6.10 17.31
CA SER D 373 -18.98 6.54 16.89
C SER D 373 -18.92 8.07 16.68
N THR D 374 -19.56 8.57 15.65
CA THR D 374 -19.49 9.98 15.35
C THR D 374 -19.92 10.81 16.56
N PHE D 375 -21.08 10.48 17.12
CA PHE D 375 -21.76 11.34 18.08
C PHE D 375 -21.28 11.02 19.52
N ALA D 376 -20.63 9.88 19.69
CA ALA D 376 -20.28 9.42 21.03
C ALA D 376 -19.29 10.35 21.64
N LYS D 377 -19.48 10.61 22.92
CA LYS D 377 -18.50 11.34 23.68
C LYS D 377 -18.51 12.83 23.29
N ASP D 378 -19.61 13.28 22.68
CA ASP D 378 -19.76 14.66 22.32
C ASP D 378 -19.69 15.56 23.58
N GLY D 379 -19.27 16.79 23.37
CA GLY D 379 -19.07 17.72 24.44
C GLY D 379 -20.33 18.01 25.22
N LEU D 380 -21.45 18.19 24.51
CA LEU D 380 -22.67 18.67 25.13
C LEU D 380 -23.24 17.63 26.13
N SER D 381 -23.40 16.39 25.68
CA SER D 381 -23.92 15.35 26.53
C SER D 381 -22.90 14.94 27.62
N ALA D 382 -21.62 15.14 27.34
CA ALA D 382 -20.59 15.03 28.38
C ALA D 382 -20.83 16.03 29.52
N SER D 383 -21.06 17.28 29.16
CA SER D 383 -21.25 18.34 30.15
C SER D 383 -22.50 18.07 31.00
N ILE D 384 -23.57 17.67 30.34
CA ILE D 384 -24.83 17.40 31.01
C ILE D 384 -24.74 16.17 31.90
N ALA D 385 -24.05 15.13 31.42
CA ALA D 385 -23.69 13.98 32.29
C ALA D 385 -23.10 14.46 33.64
N LEU D 386 -22.04 15.26 33.57
CA LEU D 386 -21.34 15.75 34.81
C LEU D 386 -22.30 16.53 35.71
N LYS D 387 -23.25 17.24 35.10
CA LYS D 387 -24.32 17.91 35.86
C LYS D 387 -25.22 16.91 36.55
N VAL D 388 -25.72 15.95 35.80
CA VAL D 388 -26.60 14.93 36.38
C VAL D 388 -25.91 14.19 37.54
N LEU D 389 -24.64 13.89 37.38
CA LEU D 389 -23.88 13.18 38.40
C LEU D 389 -23.68 14.05 39.63
N GLU D 390 -23.48 15.34 39.40
CA GLU D 390 -23.39 16.30 40.49
C GLU D 390 -24.71 16.35 41.24
N MET D 391 -25.82 16.33 40.53
CA MET D 391 -27.12 16.49 41.15
C MET D 391 -27.49 15.26 41.98
N VAL D 392 -27.28 14.07 41.43
CA VAL D 392 -27.68 12.87 42.11
C VAL D 392 -26.76 12.59 43.35
N GLU D 393 -25.53 13.14 43.30
CA GLU D 393 -24.54 12.92 44.37
C GLU D 393 -24.68 13.97 45.47
N ALA D 394 -25.43 15.03 45.20
CA ALA D 394 -25.36 16.25 46.03
C ALA D 394 -25.79 15.99 47.49
N ASP D 395 -25.29 16.84 48.39
CA ASP D 395 -25.80 16.90 49.77
C ASP D 395 -25.66 15.54 50.45
N GLY D 396 -24.50 14.92 50.25
CA GLY D 396 -24.08 13.78 51.06
C GLY D 396 -24.91 12.56 50.78
N GLY D 397 -25.47 12.47 49.57
CA GLY D 397 -26.24 11.30 49.15
C GLY D 397 -27.70 11.33 49.60
N ARG D 398 -28.23 12.54 49.74
CA ARG D 398 -29.59 12.70 50.24
C ARG D 398 -30.60 12.36 49.15
N VAL D 399 -30.19 12.49 47.90
CA VAL D 399 -31.10 12.28 46.77
C VAL D 399 -31.51 10.82 46.69
N TYR D 400 -30.57 9.92 47.01
CA TYR D 400 -30.88 8.48 47.10
C TYR D 400 -31.88 8.21 48.23
N GLN D 401 -31.63 8.84 49.39
CA GLN D 401 -32.58 8.78 50.52
C GLN D 401 -33.98 9.18 50.09
N ARG D 402 -34.07 10.27 49.34
CA ARG D 402 -35.32 10.80 48.86
C ARG D 402 -36.01 9.79 47.91
N VAL D 403 -35.25 9.21 46.98
CA VAL D 403 -35.79 8.16 46.11
C VAL D 403 -36.41 7.00 46.95
N ARG D 404 -35.69 6.58 48.00
CA ARG D 404 -36.12 5.47 48.83
C ARG D 404 -37.42 5.80 49.57
N GLU D 405 -37.48 6.99 50.19
CA GLU D 405 -38.70 7.38 50.94
C GLU D 405 -39.89 7.65 50.02
N ARG D 406 -39.65 8.28 48.87
CA ARG D 406 -40.72 8.44 47.82
C ARG D 406 -41.18 7.07 47.26
N GLY D 407 -40.21 6.17 47.04
CA GLY D 407 -40.51 4.83 46.58
C GLY D 407 -41.35 4.04 47.58
N GLN D 408 -40.95 4.07 48.85
CA GLN D 408 -41.70 3.39 49.93
C GLN D 408 -43.13 3.89 49.93
N ARG D 409 -43.28 5.20 49.89
CA ARG D 409 -44.59 5.82 49.85
C ARG D 409 -45.41 5.28 48.68
N LEU D 410 -44.79 5.16 47.51
CA LEU D 410 -45.53 4.84 46.29
C LEU D 410 -45.84 3.37 46.25
N GLU D 411 -44.92 2.54 46.73
CA GLU D 411 -45.16 1.11 46.84
C GLU D 411 -46.24 0.77 47.91
N ALA D 412 -46.23 1.50 49.03
CA ALA D 412 -47.25 1.31 50.07
C ALA D 412 -48.65 1.62 49.54
N MET D 413 -48.78 2.71 48.80
CA MET D 413 -50.01 2.99 48.11
C MET D 413 -50.37 1.80 47.24
N LEU D 414 -49.44 1.36 46.43
CA LEU D 414 -49.76 0.36 45.43
C LEU D 414 -50.18 -0.95 46.12
N GLU D 415 -49.51 -1.27 47.25
CA GLU D 415 -49.85 -2.48 48.04
C GLU D 415 -51.26 -2.34 48.66
N SER D 416 -51.55 -1.15 49.17
CA SER D 416 -52.86 -0.86 49.71
C SER D 416 -53.95 -1.06 48.66
N VAL D 417 -53.59 -0.79 47.40
CA VAL D 417 -54.54 -0.91 46.31
C VAL D 417 -54.71 -2.37 45.89
N ARG D 418 -53.60 -3.08 45.76
CA ARG D 418 -53.64 -4.52 45.53
C ARG D 418 -54.48 -5.24 46.58
N ALA D 419 -54.24 -4.89 47.86
CA ALA D 419 -54.91 -5.58 48.99
C ALA D 419 -56.45 -5.57 48.87
N ASP D 420 -57.03 -4.45 48.39
CA ASP D 420 -58.50 -4.29 48.26
C ASP D 420 -58.97 -4.62 46.84
N HIS D 421 -58.03 -5.06 45.99
CA HIS D 421 -58.31 -5.34 44.58
C HIS D 421 -57.50 -6.55 44.08
N SER D 422 -57.31 -7.53 44.97
CA SER D 422 -56.50 -8.71 44.66
C SER D 422 -57.20 -9.64 43.67
N ASP D 423 -58.45 -9.33 43.33
CA ASP D 423 -59.15 -10.09 42.32
C ASP D 423 -58.69 -9.76 40.91
N VAL D 424 -58.13 -8.56 40.73
CA VAL D 424 -57.61 -8.16 39.40
C VAL D 424 -56.10 -7.79 39.41
N VAL D 425 -55.53 -7.63 40.61
CA VAL D 425 -54.10 -7.35 40.76
C VAL D 425 -53.41 -8.50 41.52
N SER D 426 -52.39 -9.10 40.89
CA SER D 426 -51.69 -10.26 41.46
C SER D 426 -50.63 -9.85 42.43
N ALA D 427 -49.86 -8.81 42.08
CA ALA D 427 -48.63 -8.49 42.82
C ALA D 427 -48.19 -7.04 42.60
N VAL D 428 -47.49 -6.48 43.60
CA VAL D 428 -46.63 -5.36 43.39
C VAL D 428 -45.20 -5.83 43.23
N TRP D 429 -44.51 -5.32 42.21
CA TRP D 429 -43.13 -5.70 41.92
C TRP D 429 -42.21 -4.46 41.90
N GLY D 430 -40.94 -4.69 42.20
CA GLY D 430 -39.90 -3.68 41.96
C GLY D 430 -39.36 -3.08 43.24
N THR D 431 -38.57 -2.03 43.11
CA THR D 431 -37.96 -1.39 44.24
C THR D 431 -37.60 0.02 43.88
N GLY D 432 -37.36 0.85 44.89
CA GLY D 432 -37.11 2.24 44.69
C GLY D 432 -38.26 2.91 43.99
N LEU D 433 -37.96 3.73 42.97
CA LEU D 433 -39.00 4.33 42.17
C LEU D 433 -39.12 3.64 40.83
N MET D 434 -38.83 2.35 40.84
CA MET D 434 -39.08 1.51 39.69
C MET D 434 -40.01 0.38 40.06
N LEU D 435 -41.31 0.61 39.89
CA LEU D 435 -42.35 -0.26 40.48
C LEU D 435 -43.39 -0.66 39.41
N ALA D 436 -44.17 -1.68 39.71
CA ALA D 436 -45.22 -2.11 38.80
C ALA D 436 -46.33 -2.89 39.55
N LEU D 437 -47.55 -2.87 38.95
CA LEU D 437 -48.60 -3.80 39.32
C LEU D 437 -48.72 -4.86 38.27
N GLU D 438 -48.71 -6.13 38.69
CA GLU D 438 -49.09 -7.23 37.79
C GLU D 438 -50.62 -7.39 37.74
N LEU D 439 -51.18 -7.31 36.53
CA LEU D 439 -52.60 -7.56 36.31
C LEU D 439 -52.84 -9.07 36.19
N ARG D 440 -53.97 -9.52 36.74
CA ARG D 440 -54.42 -10.91 36.54
C ARG D 440 -54.97 -11.09 35.15
N ASP D 441 -54.80 -12.30 34.62
CA ASP D 441 -55.23 -12.62 33.27
C ASP D 441 -56.70 -12.29 33.10
N GLN D 442 -57.05 -11.79 31.93
CA GLN D 442 -58.42 -11.40 31.65
C GLN D 442 -58.88 -12.01 30.36
N SER D 443 -58.20 -13.05 29.91
CA SER D 443 -58.57 -13.71 28.69
C SER D 443 -59.89 -14.48 28.86
N ASN D 444 -60.32 -14.67 30.11
CA ASN D 444 -61.63 -15.30 30.40
C ASN D 444 -62.66 -14.30 30.88
N ALA D 445 -62.45 -13.04 30.54
CA ALA D 445 -63.27 -11.96 31.07
C ALA D 445 -64.66 -12.05 30.50
N THR D 446 -65.65 -11.64 31.30
CA THR D 446 -67.04 -11.74 30.90
C THR D 446 -67.34 -10.79 29.76
N SER D 447 -66.93 -9.54 29.93
CA SER D 447 -67.04 -8.55 28.84
C SER D 447 -66.29 -9.02 27.62
N GLN D 448 -66.95 -8.97 26.48
CA GLN D 448 -66.35 -9.41 25.23
C GLN D 448 -65.17 -8.48 24.86
N ALA D 449 -65.41 -7.18 24.94
CA ALA D 449 -64.44 -6.21 24.43
C ALA D 449 -63.14 -6.28 25.24
N ILE D 450 -63.26 -6.38 26.55
CA ILE D 450 -62.11 -6.57 27.42
C ILE D 450 -61.38 -7.89 27.10
N ARG D 451 -62.16 -8.96 26.96
CA ARG D 451 -61.61 -10.30 26.69
C ARG D 451 -60.81 -10.30 25.37
N GLU D 452 -61.36 -9.68 24.35
CA GLU D 452 -60.72 -9.61 23.07
C GLU D 452 -59.38 -8.84 23.17
N LYS D 453 -59.40 -7.70 23.85
CA LYS D 453 -58.19 -6.94 24.09
C LYS D 453 -57.15 -7.77 24.88
N ALA D 454 -57.60 -8.47 25.91
CA ALA D 454 -56.71 -9.37 26.66
C ALA D 454 -56.05 -10.36 25.74
N ALA D 455 -56.73 -10.71 24.66
CA ALA D 455 -56.30 -11.82 23.82
C ALA D 455 -55.34 -11.36 22.73
N HIS D 456 -55.37 -10.07 22.40
CA HIS D 456 -54.32 -9.47 21.57
C HIS D 456 -53.08 -9.01 22.41
N GLY D 457 -53.16 -9.17 23.73
CA GLY D 457 -52.11 -8.65 24.65
C GLY D 457 -52.16 -7.11 24.84
N PHE D 458 -53.33 -6.53 24.64
CA PHE D 458 -53.48 -5.08 24.69
C PHE D 458 -54.09 -4.57 26.00
N LEU D 459 -54.36 -5.49 26.95
CA LEU D 459 -55.11 -5.13 28.16
C LEU D 459 -54.54 -3.87 28.84
N GLY D 460 -53.25 -3.92 29.18
CA GLY D 460 -52.61 -2.86 29.96
C GLY D 460 -52.70 -1.50 29.27
N TYR D 461 -52.68 -1.50 27.93
CA TYR D 461 -52.78 -0.27 27.14
C TYR D 461 -54.17 0.31 27.21
N VAL D 462 -55.18 -0.55 27.12
CA VAL D 462 -56.58 -0.16 27.33
C VAL D 462 -56.77 0.48 28.70
N LEU D 463 -56.24 -0.17 29.73
CA LEU D 463 -56.37 0.32 31.09
C LEU D 463 -55.63 1.65 31.27
N ALA D 464 -54.50 1.80 30.58
CA ALA D 464 -53.76 3.02 30.56
C ALA D 464 -54.59 4.13 29.92
N GLY D 465 -55.29 3.80 28.84
CA GLY D 465 -56.23 4.72 28.20
C GLY D 465 -57.30 5.21 29.17
N PHE D 466 -57.84 4.28 29.96
CA PHE D 466 -58.84 4.64 30.96
C PHE D 466 -58.25 5.68 31.90
N LEU D 467 -57.06 5.39 32.43
CA LEU D 467 -56.41 6.27 33.40
C LEU D 467 -56.13 7.66 32.79
N LEU D 468 -55.87 7.70 31.49
CA LEU D 468 -55.58 8.97 30.82
C LEU D 468 -56.83 9.82 30.72
N ARG D 469 -57.88 9.27 30.10
CA ARG D 469 -59.07 10.06 29.77
C ARG D 469 -59.97 10.36 31.01
N GLU D 470 -59.97 9.48 32.02
CA GLU D 470 -60.88 9.62 33.15
C GLU D 470 -60.20 10.22 34.38
N HIS D 471 -58.88 10.14 34.45
CA HIS D 471 -58.16 10.61 35.64
C HIS D 471 -56.93 11.46 35.31
N HIS D 472 -56.68 11.67 34.01
CA HIS D 472 -55.54 12.47 33.57
C HIS D 472 -54.23 11.98 34.19
N ILE D 473 -54.00 10.69 34.10
CA ILE D 473 -52.76 10.12 34.54
C ILE D 473 -52.16 9.28 33.42
N ARG D 474 -50.90 9.57 33.13
CA ARG D 474 -50.16 8.86 32.10
C ARG D 474 -49.45 7.66 32.75
N VAL D 475 -49.94 6.47 32.42
CA VAL D 475 -49.27 5.23 32.76
C VAL D 475 -49.06 4.43 31.44
N LEU D 476 -47.94 3.72 31.34
CA LEU D 476 -47.76 2.78 30.26
C LEU D 476 -47.52 1.41 30.78
N PRO D 477 -47.90 0.40 30.02
CA PRO D 477 -47.71 -0.96 30.47
C PRO D 477 -46.27 -1.42 30.33
N ALA D 478 -45.90 -2.41 31.14
CA ALA D 478 -44.68 -3.16 30.95
C ALA D 478 -44.99 -4.63 30.68
N GLY D 479 -43.98 -5.38 30.30
CA GLY D 479 -44.06 -6.83 30.30
C GLY D 479 -44.65 -7.36 29.01
N PRO D 480 -44.58 -8.67 28.83
CA PRO D 480 -44.60 -9.30 27.48
C PRO D 480 -45.96 -9.16 26.75
N ARG D 481 -47.05 -9.09 27.50
CA ARG D 481 -48.37 -8.84 26.90
C ARG D 481 -49.11 -7.72 27.63
N SER D 482 -48.42 -6.61 27.85
CA SER D 482 -48.95 -5.49 28.59
C SER D 482 -49.74 -5.97 29.82
N GLY D 483 -49.20 -6.96 30.52
CA GLY D 483 -49.83 -7.50 31.70
C GLY D 483 -49.34 -6.88 32.99
N PHE D 484 -48.48 -5.86 32.87
CA PHE D 484 -48.08 -5.05 34.04
C PHE D 484 -48.31 -3.54 33.75
N LEU D 485 -48.52 -2.77 34.82
CA LEU D 485 -48.59 -1.31 34.73
C LEU D 485 -47.42 -0.72 35.42
N ARG D 486 -46.73 0.16 34.72
CA ARG D 486 -45.47 0.70 35.19
C ARG D 486 -45.72 1.96 36.05
N PHE D 487 -44.98 2.08 37.14
CA PHE D 487 -44.92 3.34 37.90
C PHE D 487 -43.48 3.70 38.13
N SER D 488 -42.97 4.67 37.35
CA SER D 488 -41.58 5.12 37.47
C SER D 488 -41.49 6.64 37.31
N PRO D 489 -42.08 7.38 38.24
CA PRO D 489 -42.04 8.84 38.24
C PRO D 489 -40.69 9.41 38.71
N SER D 490 -40.57 10.73 38.67
CA SER D 490 -39.43 11.41 39.24
C SER D 490 -39.48 11.34 40.75
N LEU D 491 -38.34 11.65 41.38
CA LEU D 491 -38.25 11.74 42.82
C LEU D 491 -39.00 12.95 43.42
N TYR D 492 -39.56 13.81 42.58
CA TYR D 492 -40.36 14.94 43.05
C TYR D 492 -41.86 14.61 43.13
N ILE D 493 -42.23 13.38 42.79
CA ILE D 493 -43.62 12.95 42.92
C ILE D 493 -44.16 13.33 44.33
N THR D 494 -45.27 14.05 44.37
CA THR D 494 -45.81 14.58 45.63
C THR D 494 -46.79 13.59 46.24
N ASP D 495 -47.00 13.71 47.56
CA ASP D 495 -48.03 12.93 48.25
C ASP D 495 -49.43 13.08 47.59
N GLU D 496 -49.74 14.30 47.14
CA GLU D 496 -51.05 14.56 46.53
C GLU D 496 -51.16 13.87 45.20
N GLU D 497 -50.05 13.84 44.43
CA GLU D 497 -50.00 13.14 43.16
C GLU D 497 -50.12 11.62 43.39
N ILE D 498 -49.59 11.14 44.50
CA ILE D 498 -49.71 9.72 44.85
C ILE D 498 -51.13 9.34 45.30
N ASP D 499 -51.80 10.23 46.06
CA ASP D 499 -53.26 10.08 46.39
C ASP D 499 -54.10 10.03 45.13
N ARG D 500 -53.85 10.97 44.22
CA ARG D 500 -54.63 11.04 42.95
C ARG D 500 -54.43 9.78 42.10
N THR D 501 -53.29 9.14 42.26
CA THR D 501 -53.00 7.91 41.57
C THR D 501 -53.73 6.74 42.23
N GLU D 502 -53.74 6.71 43.57
CA GLU D 502 -54.56 5.71 44.31
C GLU D 502 -56.04 5.80 43.94
N THR D 503 -56.62 7.00 44.06
CA THR D 503 -58.01 7.24 43.64
C THR D 503 -58.26 6.72 42.22
N ALA D 504 -57.34 6.99 41.31
CA ALA D 504 -57.52 6.63 39.87
C ALA D 504 -57.45 5.12 39.64
N LEU D 505 -56.60 4.44 40.41
CA LEU D 505 -56.45 2.99 40.30
C LEU D 505 -57.62 2.24 40.98
N ARG D 506 -58.00 2.67 42.17
CA ARG D 506 -59.23 2.17 42.81
C ARG D 506 -60.42 2.25 41.83
N SER D 507 -60.55 3.42 41.18
CA SER D 507 -61.56 3.58 40.13
C SER D 507 -61.37 2.57 39.00
N LEU D 508 -60.15 2.43 38.52
CA LEU D 508 -59.88 1.58 37.36
C LEU D 508 -60.20 0.11 37.66
N PHE D 509 -59.69 -0.38 38.78
CA PHE D 509 -59.79 -1.80 39.12
C PHE D 509 -61.20 -2.18 39.66
N THR D 510 -61.96 -1.17 40.10
CA THR D 510 -63.40 -1.36 40.41
C THR D 510 -64.23 -1.55 39.14
N ALA D 511 -63.98 -0.70 38.13
CA ALA D 511 -64.61 -0.88 36.82
C ALA D 511 -64.23 -2.22 36.19
N LEU D 512 -63.00 -2.66 36.45
CA LEU D 512 -62.52 -3.89 35.86
C LEU D 512 -63.10 -5.11 36.60
N ARG D 513 -63.20 -5.01 37.91
CA ARG D 513 -64.05 -5.93 38.71
C ARG D 513 -65.48 -6.01 38.15
N ASP D 514 -66.09 -4.85 37.89
CA ASP D 514 -67.48 -4.79 37.35
C ASP D 514 -67.58 -5.24 35.89
N GLN D 515 -66.46 -5.63 35.32
CA GLN D 515 -66.39 -5.95 33.90
C GLN D 515 -67.08 -4.92 33.01
N ASP D 516 -66.83 -3.65 33.29
CA ASP D 516 -67.48 -2.56 32.56
C ASP D 516 -66.78 -2.28 31.23
N GLY D 517 -66.94 -3.18 30.28
CA GLY D 517 -66.26 -3.09 28.99
C GLY D 517 -66.53 -1.81 28.21
N ASP D 518 -67.77 -1.31 28.31
CA ASP D 518 -68.16 -0.09 27.59
C ASP D 518 -67.32 1.11 28.06
N ARG D 519 -66.97 1.10 29.33
CA ARG D 519 -66.31 2.21 29.94
C ARG D 519 -64.77 2.16 29.71
N LEU D 520 -64.23 0.93 29.61
CA LEU D 520 -62.79 0.71 29.58
C LEU D 520 -62.26 0.67 28.15
N VAL D 521 -63.00 0.00 27.27
CA VAL D 521 -62.64 -0.11 25.85
C VAL D 521 -63.50 0.83 25.00
N LEU D 522 -62.89 1.48 24.01
CA LEU D 522 -63.56 2.54 23.24
C LEU D 522 -64.16 2.01 21.92
O3 5B6 E . 19.33 -6.69 -15.80
P1 5B6 E . 19.86 -6.12 -17.12
O4 5B6 E . 20.38 -7.25 -18.01
O2 5B6 E . 20.89 -5.05 -16.91
O5 5B6 E . 18.63 -5.41 -17.87
C9 5B6 E . 17.95 -4.38 -17.20
C8 5B6 E . 16.52 -4.39 -17.60
C6 5B6 E . 15.63 -5.33 -17.10
C5 5B6 E . 14.30 -5.23 -17.45
O1 5B6 E . 13.36 -6.08 -16.93
C3 5B6 E . 13.90 -4.21 -18.29
C4 5B6 E . 12.47 -4.11 -18.71
N2 5B6 E . 14.77 -3.31 -18.74
C10 5B6 E . 16.06 -3.39 -18.44
C7 5B6 E . 16.10 -6.42 -16.17
N1 5B6 E . 15.08 -6.81 -15.17
C1 5B6 E . 15.48 -7.43 -14.12
C2 5B6 E . 14.54 -7.74 -13.00
N3 5B6 E . 15.06 -7.80 -11.73
C11 5B6 E . 14.27 -7.98 -10.63
C12 5B6 E . 12.87 -8.07 -10.79
C13 5B6 E . 12.31 -7.97 -12.10
O6 5B6 E . 10.96 -8.06 -12.27
C14 5B6 E . 13.15 -7.79 -13.20
C15 5B6 E . 14.92 -8.04 -9.25
N4 5B6 E . 16.29 -8.06 -9.14
C19 5B6 E . 16.90 -8.08 -7.92
C18 5B6 E . 16.17 -8.04 -6.75
C17 5B6 E . 14.79 -8.01 -6.82
C16 5B6 E . 14.15 -8.01 -8.07
C1 GOL F . 24.61 15.22 -11.55
O1 GOL F . 23.26 14.75 -11.43
C2 GOL F . 25.06 15.24 -13.00
O2 GOL F . 23.96 15.54 -13.85
C3 GOL F . 26.18 16.27 -13.21
O3 GOL F . 26.41 16.49 -14.62
C1 GOL G . 26.03 -24.58 -8.30
O1 GOL G . 25.08 -23.73 -7.63
C2 GOL G . 25.29 -25.46 -9.33
O2 GOL G . 26.18 -26.48 -9.87
C3 GOL G . 24.74 -24.57 -10.46
O3 GOL G . 24.53 -25.34 -11.64
O3 5B6 H . 33.38 -2.52 -20.11
P1 5B6 H . 34.67 -3.19 -20.50
O4 5B6 H . 34.51 -4.72 -20.37
O2 5B6 H . 35.07 -2.80 -21.90
O5 5B6 H . 35.86 -2.73 -19.49
C9 5B6 H . 36.21 -1.33 -19.44
C8 5B6 H . 37.68 -1.15 -19.04
C6 5B6 H . 38.73 -1.40 -19.93
C5 5B6 H . 40.00 -1.19 -19.51
O1 5B6 H . 41.07 -1.41 -20.37
C3 5B6 H . 40.23 -0.68 -18.26
C4 5B6 H . 41.64 -0.46 -17.82
N2 5B6 H . 39.22 -0.41 -17.42
C10 5B6 H . 37.96 -0.63 -17.78
C7 5B6 H . 38.47 -1.96 -21.29
N1 5B6 H . 39.50 -1.55 -22.25
C1 5B6 H . 39.11 -1.32 -23.44
C2 5B6 H . 40.00 -0.80 -24.50
N3 5B6 H . 39.43 -0.29 -25.64
C11 5B6 H . 40.18 0.27 -26.63
C12 5B6 H . 41.58 0.35 -26.48
C13 5B6 H . 42.18 -0.17 -25.30
O6 5B6 H . 43.53 -0.17 -25.16
C14 5B6 H . 41.38 -0.73 -24.30
C15 5B6 H . 39.49 0.86 -27.85
N4 5B6 H . 38.17 0.59 -28.07
C19 5B6 H . 37.51 1.12 -29.13
C18 5B6 H . 38.15 2.00 -30.00
C17 5B6 H . 39.49 2.29 -29.79
C16 5B6 H . 40.17 1.72 -28.72
O3 5B6 I . -23.39 8.15 13.72
P1 5B6 I . -22.56 6.94 13.36
O4 5B6 I . -23.08 5.67 14.07
O2 5B6 I . -21.12 7.18 13.69
O5 5B6 I . -22.70 6.72 11.76
C9 5B6 I . -22.06 5.61 11.12
C8 5B6 I . -21.77 5.99 9.68
C6 5B6 I . -20.75 6.88 9.36
C5 5B6 I . -20.56 7.20 8.04
O1 5B6 I . -19.55 8.05 7.67
C3 5B6 I . -21.33 6.62 7.08
C4 5B6 I . -21.13 7.03 5.67
N2 5B6 I . -22.35 5.79 7.41
C10 5B6 I . -22.59 5.46 8.67
C7 5B6 I . -19.83 7.43 10.42
N1 5B6 I . -18.53 7.91 9.85
C1 5B6 I . -17.61 8.08 10.69
C2 5B6 I . -16.18 8.26 10.31
N3 5B6 I . -15.24 7.86 11.22
C11 5B6 I . -13.90 7.87 10.94
C12 5B6 I . -13.46 8.32 9.66
C13 5B6 I . -14.43 8.74 8.70
O6 5B6 I . -14.05 9.18 7.47
C14 5B6 I . -15.79 8.67 9.03
C15 5B6 I . -12.93 7.46 12.02
N4 5B6 I . -13.41 7.29 13.30
C19 5B6 I . -12.60 6.91 14.32
C18 5B6 I . -11.25 6.64 14.08
C17 5B6 I . -10.73 6.82 12.80
C16 5B6 I . -11.58 7.25 11.76
C1 GOL J . -26.22 -15.63 12.81
O1 GOL J . -26.42 -16.30 14.07
C2 GOL J . -24.85 -14.95 12.82
O2 GOL J . -24.09 -15.44 13.91
C3 GOL J . -24.09 -15.20 11.53
O3 GOL J . -22.69 -15.10 11.82
C1 GOL K . -44.16 19.05 22.00
O1 GOL K . -42.81 19.50 22.32
C2 GOL K . -44.56 19.47 20.56
O2 GOL K . -44.90 20.87 20.52
C3 GOL K . -45.77 18.64 20.11
O3 GOL K . -45.35 17.39 19.54
O3 5B6 L . -31.77 3.75 24.65
P1 5B6 L . -32.26 2.35 24.33
O4 5B6 L . -31.54 1.81 23.15
O2 5B6 L . -33.74 2.30 24.09
O5 5B6 L . -31.99 1.39 25.57
C9 5B6 L . -32.29 0.03 25.43
C8 5B6 L . -32.53 -0.55 26.79
C6 5B6 L . -33.70 -0.27 27.50
C5 5B6 L . -33.88 -0.87 28.73
O1 5B6 L . -35.05 -0.66 29.47
C3 5B6 L . -32.93 -1.77 29.18
C4 5B6 L . -33.12 -2.46 30.50
N2 5B6 L . -31.81 -2.02 28.47
C10 5B6 L . -31.61 -1.47 27.29
C7 5B6 L . -34.73 0.69 26.93
N1 5B6 L . -36.10 0.32 27.34
C1 5B6 L . -37.06 0.75 26.63
C2 5B6 L . -38.47 0.34 26.89
N3 5B6 L . -39.35 0.36 25.85
C11 5B6 L . -40.62 -0.13 25.96
C12 5B6 L . -41.05 -0.64 27.21
C13 5B6 L . -40.16 -0.66 28.29
O6 5B6 L . -40.58 -1.10 29.50
C14 5B6 L . -38.85 -0.19 28.12
C15 5B6 L . -41.53 -0.12 24.77
N4 5B6 L . -41.13 0.52 23.63
C19 5B6 L . -41.94 0.54 22.52
C18 5B6 L . -43.16 -0.12 22.52
C17 5B6 L . -43.59 -0.77 23.66
C16 5B6 L . -42.78 -0.76 24.82
C1 GOL M . -13.95 20.06 27.52
O1 GOL M . -12.90 19.72 26.55
C2 GOL M . -14.56 21.52 27.34
O2 GOL M . -13.54 22.50 27.17
C3 GOL M . -15.60 21.59 26.17
O3 GOL M . -14.98 21.84 24.90
#